data_6OB0
#
_entry.id   6OB0
#
_cell.length_a   153.430
_cell.length_b   191.420
_cell.length_c   97.180
_cell.angle_alpha   90.000
_cell.angle_beta   90.000
_cell.angle_gamma   90.000
#
_symmetry.space_group_name_H-M   'P 21 21 2'
#
loop_
_entity.id
_entity.type
_entity.pdbx_description
1 polymer 'Lipoprotein lipase'
2 polymer 'Glycosylphosphatidylinositol-anchored high density lipoprotein-binding protein 1'
3 non-polymer 2-acetamido-2-deoxy-beta-D-glucopyranose
4 non-polymer 7-(3-cyano-4-hydroxyphenyl)-N-[2-(morpholin-4-yl)ethyl]dibenzo[b,f]oxepine-10-carboxamide
5 non-polymer 1,2-ETHANEDIOL
6 non-polymer 'CALCIUM ION'
7 non-polymer 2-AMINO-2-HYDROXYMETHYL-PROPANE-1,3-DIOL
8 water water
#
loop_
_entity_poly.entity_id
_entity_poly.type
_entity_poly.pdbx_seq_one_letter_code
_entity_poly.pdbx_strand_id
1 'polypeptide(L)'
;ADQRRDFIDIESKFALRTPEDTAEDTCHLIPGVAESVATCHFNHSSKTFMVIHGWTVTGMYESWVPKLVAALYKREPDSN
VIVVDWLSRAQEHYPVSAGYTKLVGQDVARFINWMEEEFNYPLDNVHLLGYSLGAHAAGIAGSLTNKKVNRITGLDPAGP
NFEYAEAPSRLSPDDADFVDVLHTFTRGSPGRSIGIQKPVGHVDIYPNGGTFQPGCNIGEAIRVIAERGLGDVDQLVKCS
HERSIHLFIDSLLNEENPSKAYRCSSKEAFEKGLCLSCRKNRCNNLGYEINKVRAKRSSKMYLKTRSQMPYKVFHYQVKI
HFSGTESETHTNQAFEISLYGTVAESENIPFTLPEVSTNKTYSFLIYTEVDIGELLMLKLKWKSDSYFSWSDWWSSPGFA
IQKIRVKAGETQKKVIFCSREKVSHLQKGKAPAVFVKCHDKSLNKKSG
;
A,B,C,D
2 'polypeptide(L)'
;QTQQEEEEEDEDHGPDDYDEEDEDEVEEEETNRLPGGRSRVLLRCYTCKSLPRDERCDLTQDCSHGQTCTTLIAHGNTES
GLLTTHSTWCTDSCQPITKTVEGTQVTMTCCQSSLCNVPPWQSSRVQDPTG
;
E,F,G,H
#
# COMPACT_ATOMS: atom_id res chain seq x y z
N GLN A 3 45.60 51.97 8.57
CA GLN A 3 44.68 52.93 9.19
C GLN A 3 43.49 53.36 8.29
N ARG A 4 42.59 54.25 8.80
CA ARG A 4 41.33 54.74 8.21
C ARG A 4 41.32 54.82 6.68
N ARG A 5 42.41 55.28 6.04
CA ARG A 5 42.57 55.40 4.58
C ARG A 5 42.17 54.11 3.82
N ASP A 6 42.50 52.94 4.37
CA ASP A 6 42.26 51.64 3.76
C ASP A 6 40.86 51.10 3.99
N PHE A 7 39.98 51.91 4.58
CA PHE A 7 38.64 51.49 4.95
C PHE A 7 37.53 52.39 4.45
N ILE A 8 37.83 53.61 3.98
CA ILE A 8 36.80 54.60 3.59
C ILE A 8 35.87 54.10 2.50
N ASP A 9 36.31 53.10 1.71
CA ASP A 9 35.48 52.48 0.67
C ASP A 9 34.32 51.65 1.28
N ILE A 10 34.40 51.32 2.61
CA ILE A 10 33.41 50.55 3.36
C ILE A 10 32.21 51.44 3.59
N GLU A 11 31.12 51.13 2.90
CA GLU A 11 29.86 51.86 2.98
C GLU A 11 29.07 51.52 4.23
N SER A 12 29.23 50.29 4.76
CA SER A 12 28.48 49.82 5.93
C SER A 12 28.93 50.49 7.20
N LYS A 13 28.00 50.78 8.12
CA LYS A 13 28.33 51.38 9.42
C LYS A 13 28.09 50.34 10.51
N PHE A 14 28.83 50.45 11.63
CA PHE A 14 28.73 49.46 12.72
C PHE A 14 28.46 50.15 14.06
N ALA A 15 27.22 50.08 14.57
CA ALA A 15 26.91 50.70 15.85
C ALA A 15 27.03 49.72 17.00
N LEU A 16 27.69 50.15 18.08
CA LEU A 16 27.77 49.34 19.27
C LEU A 16 26.64 49.80 20.13
N ARG A 17 25.49 49.14 20.00
CA ARG A 17 24.30 49.47 20.78
C ARG A 17 24.50 49.00 22.25
N THR A 18 23.86 49.67 23.20
CA THR A 18 24.06 49.38 24.64
C THR A 18 22.82 48.79 25.35
N PRO A 19 22.99 48.15 26.54
CA PRO A 19 21.82 47.60 27.24
C PRO A 19 20.82 48.68 27.63
N GLU A 20 21.25 49.95 27.69
CA GLU A 20 20.36 51.06 28.07
C GLU A 20 19.90 51.90 26.85
N ASP A 21 20.72 51.91 25.75
CA ASP A 21 20.43 52.58 24.48
C ASP A 21 20.31 51.50 23.38
N THR A 22 19.09 50.91 23.26
CA THR A 22 18.84 49.80 22.35
C THR A 22 18.34 50.19 21.00
N ALA A 23 17.57 51.28 20.90
CA ALA A 23 16.94 51.67 19.63
C ALA A 23 17.75 52.56 18.70
N GLU A 24 18.79 53.19 19.23
CA GLU A 24 19.56 54.13 18.43
C GLU A 24 20.99 53.72 18.15
N ASP A 25 21.49 54.15 16.99
CA ASP A 25 22.88 53.95 16.60
C ASP A 25 23.64 55.17 17.15
N THR A 26 23.80 55.28 18.46
CA THR A 26 24.49 56.39 19.14
C THR A 26 25.99 56.35 18.83
N CYS A 27 26.67 55.26 19.27
CA CYS A 27 28.10 55.07 19.13
C CYS A 27 28.48 54.19 17.94
N HIS A 28 29.44 54.64 17.11
CA HIS A 28 29.88 53.86 15.95
C HIS A 28 31.32 53.35 16.06
N LEU A 29 31.55 52.15 15.57
CA LEU A 29 32.87 51.55 15.51
C LEU A 29 33.34 51.80 14.09
N ILE A 30 34.29 52.73 13.95
CA ILE A 30 34.86 53.14 12.68
C ILE A 30 36.08 52.27 12.29
N PRO A 31 35.95 51.44 11.23
CA PRO A 31 37.06 50.58 10.81
C PRO A 31 38.28 51.43 10.46
N GLY A 32 39.41 51.04 11.02
CA GLY A 32 40.67 51.76 10.87
C GLY A 32 40.92 52.81 11.92
N VAL A 33 39.94 53.10 12.80
CA VAL A 33 40.07 54.08 13.87
C VAL A 33 39.98 53.31 15.17
N ALA A 34 41.10 52.81 15.67
CA ALA A 34 41.11 52.02 16.91
C ALA A 34 40.55 52.78 18.15
N GLU A 35 40.70 54.12 18.17
CA GLU A 35 40.23 54.94 19.29
C GLU A 35 38.73 54.92 19.44
N SER A 36 37.98 54.68 18.30
CA SER A 36 36.50 54.60 18.28
C SER A 36 35.94 53.42 19.09
N VAL A 37 36.72 52.32 19.20
CA VAL A 37 36.42 51.08 19.96
C VAL A 37 36.40 51.42 21.45
N ALA A 38 37.33 52.24 21.90
CA ALA A 38 37.37 52.66 23.31
C ALA A 38 36.28 53.64 23.60
N THR A 39 35.99 54.53 22.63
CA THR A 39 34.95 55.57 22.73
C THR A 39 33.57 54.92 22.99
N CYS A 40 33.33 53.78 22.33
CA CYS A 40 32.10 53.02 22.45
C CYS A 40 32.05 52.10 23.62
N HIS A 41 33.21 51.82 24.25
CA HIS A 41 33.33 50.97 25.42
C HIS A 41 33.07 49.51 25.14
N PHE A 42 33.62 49.01 24.01
CA PHE A 42 33.60 47.60 23.65
C PHE A 42 34.32 46.85 24.74
N ASN A 43 33.72 45.76 25.21
CA ASN A 43 34.32 44.92 26.24
C ASN A 43 35.09 43.80 25.50
N HIS A 44 36.42 43.94 25.48
CA HIS A 44 37.34 42.99 24.86
C HIS A 44 37.30 41.60 25.52
N SER A 45 36.82 41.53 26.78
CA SER A 45 36.67 40.28 27.53
C SER A 45 35.45 39.45 27.08
N SER A 46 34.33 40.12 26.74
CA SER A 46 33.05 39.51 26.33
C SER A 46 32.89 39.17 24.85
N LYS A 47 31.87 38.34 24.56
CA LYS A 47 31.44 37.89 23.23
C LYS A 47 30.75 38.98 22.41
N THR A 48 30.66 38.77 21.10
CA THR A 48 30.07 39.76 20.21
C THR A 48 29.00 39.17 19.34
N PHE A 49 27.90 39.92 19.24
CA PHE A 49 26.76 39.61 18.39
C PHE A 49 26.70 40.68 17.32
N MET A 50 26.59 40.26 16.05
CA MET A 50 26.43 41.20 14.96
C MET A 50 25.07 40.99 14.31
N VAL A 51 24.17 41.96 14.53
CA VAL A 51 22.81 41.94 13.99
C VAL A 51 22.89 42.57 12.60
N ILE A 52 22.56 41.79 11.56
CA ILE A 52 22.58 42.22 10.17
C ILE A 52 21.14 42.16 9.62
N HIS A 53 20.52 43.34 9.42
CA HIS A 53 19.15 43.50 8.89
C HIS A 53 19.05 42.96 7.43
N GLY A 54 17.87 42.99 6.87
CA GLY A 54 17.63 42.56 5.49
C GLY A 54 17.05 43.66 4.63
N TRP A 55 16.24 43.26 3.65
CA TRP A 55 15.59 44.14 2.69
C TRP A 55 14.53 45.11 3.29
N THR A 56 14.54 46.35 2.79
CA THR A 56 13.62 47.38 3.27
C THR A 56 13.20 48.31 2.19
N VAL A 57 11.92 48.59 2.15
CA VAL A 57 11.43 49.55 1.18
C VAL A 57 11.51 51.00 1.74
N THR A 58 11.73 51.13 3.09
CA THR A 58 11.72 52.42 3.79
C THR A 58 13.10 53.03 4.07
N GLY A 59 14.12 52.19 4.29
CA GLY A 59 15.48 52.62 4.60
C GLY A 59 15.67 52.89 6.08
N MET A 60 14.67 52.51 6.91
CA MET A 60 14.70 52.67 8.38
C MET A 60 14.79 51.29 9.02
N TYR A 61 15.34 51.22 10.26
CA TYR A 61 15.42 49.95 10.95
C TYR A 61 14.02 49.58 11.36
N GLU A 62 13.65 48.30 11.21
CA GLU A 62 12.30 47.85 11.59
C GLU A 62 12.16 47.79 13.11
N SER A 63 10.92 47.59 13.58
CA SER A 63 10.52 47.49 14.99
C SER A 63 11.26 46.39 15.78
N TRP A 64 11.70 45.33 15.10
CA TRP A 64 12.34 44.17 15.73
C TRP A 64 13.76 44.46 16.17
N VAL A 65 14.43 45.43 15.52
CA VAL A 65 15.84 45.71 15.82
C VAL A 65 16.05 46.07 17.31
N PRO A 66 15.33 47.03 17.94
CA PRO A 66 15.57 47.26 19.39
C PRO A 66 15.15 46.04 20.22
N LYS A 67 14.07 45.33 19.81
CA LYS A 67 13.62 44.13 20.54
C LYS A 67 14.71 43.05 20.62
N LEU A 68 15.39 42.75 19.48
CA LEU A 68 16.44 41.75 19.42
C LEU A 68 17.65 42.19 20.26
N VAL A 69 18.12 43.44 20.08
CA VAL A 69 19.23 44.02 20.83
C VAL A 69 18.94 43.91 22.34
N ALA A 70 17.73 44.36 22.78
CA ALA A 70 17.30 44.30 24.17
C ALA A 70 17.34 42.85 24.73
N ALA A 71 16.87 41.86 23.95
CA ALA A 71 16.85 40.46 24.39
C ALA A 71 18.29 39.86 24.50
N LEU A 72 19.20 40.25 23.60
CA LEU A 72 20.58 39.76 23.64
C LEU A 72 21.28 40.29 24.89
N TYR A 73 20.96 41.53 25.27
CA TYR A 73 21.52 42.14 26.46
C TYR A 73 20.85 41.66 27.75
N LYS A 74 19.65 41.05 27.65
CA LYS A 74 18.97 40.53 28.84
C LYS A 74 19.62 39.17 29.16
N ARG A 75 19.80 38.35 28.12
CA ARG A 75 20.37 37.03 28.17
C ARG A 75 21.87 37.06 28.42
N GLU A 76 22.61 38.00 27.76
CA GLU A 76 24.07 38.16 27.83
C GLU A 76 24.41 39.63 28.23
N PRO A 77 24.29 40.01 29.52
CA PRO A 77 24.43 41.44 29.88
C PRO A 77 25.82 42.07 29.71
N ASP A 78 26.87 41.25 29.57
CA ASP A 78 28.23 41.78 29.47
C ASP A 78 28.77 41.78 28.03
N SER A 79 28.05 41.15 27.08
CA SER A 79 28.45 41.08 25.68
C SER A 79 28.44 42.43 24.93
N ASN A 80 28.83 42.38 23.65
CA ASN A 80 28.85 43.54 22.73
C ASN A 80 27.87 43.23 21.62
N VAL A 81 26.86 44.08 21.46
CA VAL A 81 25.85 43.87 20.42
C VAL A 81 26.04 44.96 19.40
N ILE A 82 26.60 44.57 18.26
CA ILE A 82 26.83 45.46 17.12
C ILE A 82 25.70 45.34 16.09
N VAL A 83 25.09 46.49 15.71
CA VAL A 83 24.07 46.58 14.66
C VAL A 83 24.75 47.10 13.40
N VAL A 84 24.65 46.34 12.30
CA VAL A 84 25.24 46.68 11.03
C VAL A 84 24.24 47.50 10.22
N ASP A 85 24.64 48.70 9.78
CA ASP A 85 23.83 49.56 8.94
C ASP A 85 24.21 49.41 7.45
N TRP A 86 23.32 48.86 6.63
CA TRP A 86 23.48 48.78 5.20
C TRP A 86 22.15 49.18 4.53
N LEU A 87 21.43 50.09 5.20
CA LEU A 87 20.11 50.55 4.82
C LEU A 87 20.04 51.16 3.41
N SER A 88 21.04 51.90 2.96
CA SER A 88 21.03 52.49 1.59
C SER A 88 21.00 51.38 0.55
N ARG A 89 21.90 50.40 0.70
CA ARG A 89 22.02 49.28 -0.20
C ARG A 89 20.85 48.31 -0.07
N ALA A 90 20.25 48.22 1.13
CA ALA A 90 19.08 47.36 1.41
C ALA A 90 17.78 48.04 0.96
N GLN A 91 17.87 49.31 0.54
CA GLN A 91 16.73 50.09 0.05
C GLN A 91 16.68 50.24 -1.49
N GLU A 92 17.16 49.25 -2.24
CA GLU A 92 17.11 49.29 -3.71
C GLU A 92 16.08 48.30 -4.19
N HIS A 93 15.94 48.10 -5.51
CA HIS A 93 15.02 47.13 -6.11
C HIS A 93 15.64 45.81 -5.70
N TYR A 94 14.78 44.88 -5.26
CA TYR A 94 15.20 43.63 -4.65
C TYR A 94 16.41 42.97 -5.34
N PRO A 95 16.43 42.63 -6.65
CA PRO A 95 17.62 41.91 -7.18
C PRO A 95 18.93 42.68 -7.08
N VAL A 96 18.84 44.01 -6.98
CA VAL A 96 19.99 44.89 -6.84
C VAL A 96 20.51 44.75 -5.43
N SER A 97 19.63 44.89 -4.39
CA SER A 97 20.05 44.68 -2.99
C SER A 97 20.57 43.27 -2.80
N ALA A 98 19.96 42.26 -3.48
CA ALA A 98 20.43 40.90 -3.44
C ALA A 98 21.89 40.82 -3.91
N GLY A 99 22.22 41.61 -4.93
CA GLY A 99 23.59 41.74 -5.42
C GLY A 99 24.52 42.32 -4.36
N TYR A 100 24.09 43.40 -3.68
CA TYR A 100 24.86 44.05 -2.61
C TYR A 100 25.20 43.18 -1.43
N THR A 101 24.57 41.97 -1.26
CA THR A 101 24.95 41.07 -0.15
C THR A 101 26.44 40.69 -0.24
N LYS A 102 27.03 40.61 -1.45
CA LYS A 102 28.46 40.37 -1.69
C LYS A 102 29.31 41.48 -1.06
N LEU A 103 28.98 42.75 -1.34
CA LEU A 103 29.62 43.95 -0.80
C LEU A 103 29.46 44.10 0.70
N VAL A 104 28.26 43.87 1.24
CA VAL A 104 27.98 43.95 2.68
C VAL A 104 28.74 42.83 3.37
N GLY A 105 28.77 41.65 2.76
CA GLY A 105 29.51 40.50 3.29
C GLY A 105 30.97 40.87 3.42
N GLN A 106 31.51 41.51 2.36
CA GLN A 106 32.91 41.99 2.33
C GLN A 106 33.18 43.05 3.41
N ASP A 107 32.28 44.05 3.56
CA ASP A 107 32.39 45.13 4.56
C ASP A 107 32.50 44.53 5.96
N VAL A 108 31.57 43.63 6.32
CA VAL A 108 31.52 42.94 7.60
C VAL A 108 32.82 42.15 7.85
N ALA A 109 33.26 41.33 6.86
CA ALA A 109 34.45 40.50 7.00
C ALA A 109 35.68 41.38 7.26
N ARG A 110 35.80 42.49 6.51
CA ARG A 110 36.91 43.40 6.69
C ARG A 110 36.89 44.00 8.09
N PHE A 111 35.69 44.37 8.59
CA PHE A 111 35.53 44.91 9.93
C PHE A 111 35.96 43.90 10.99
N ILE A 112 35.51 42.63 10.83
CA ILE A 112 35.81 41.53 11.75
C ILE A 112 37.33 41.28 11.76
N ASN A 113 37.91 41.09 10.56
CA ASN A 113 39.33 40.88 10.38
C ASN A 113 40.16 42.02 10.96
N TRP A 114 39.64 43.27 10.97
CA TRP A 114 40.33 44.44 11.52
C TRP A 114 40.38 44.33 13.01
N MET A 115 39.24 44.00 13.66
CA MET A 115 39.11 43.83 15.10
C MET A 115 40.16 42.83 15.60
N GLU A 116 40.32 41.69 14.86
CA GLU A 116 41.29 40.64 15.16
C GLU A 116 42.74 41.15 15.00
N GLU A 117 43.05 41.78 13.84
CA GLU A 117 44.40 42.28 13.56
C GLU A 117 44.81 43.35 14.56
N GLU A 118 43.97 44.35 14.77
CA GLU A 118 44.24 45.48 15.62
C GLU A 118 44.18 45.18 17.11
N PHE A 119 43.23 44.37 17.56
CA PHE A 119 43.05 44.12 19.00
C PHE A 119 43.26 42.68 19.42
N ASN A 120 43.53 41.78 18.45
CA ASN A 120 43.67 40.35 18.67
C ASN A 120 42.44 39.77 19.41
N TYR A 121 41.27 40.26 18.96
CA TYR A 121 39.98 39.82 19.44
C TYR A 121 39.68 38.44 18.82
N PRO A 122 39.31 37.43 19.62
CA PRO A 122 39.04 36.12 19.03
C PRO A 122 37.72 36.04 18.25
N LEU A 123 37.81 35.49 17.04
CA LEU A 123 36.71 35.24 16.12
C LEU A 123 35.79 34.13 16.62
N ASP A 124 36.31 33.28 17.56
CA ASP A 124 35.57 32.21 18.22
C ASP A 124 34.59 32.82 19.19
N ASN A 125 34.70 34.14 19.46
CA ASN A 125 33.81 34.90 20.33
C ASN A 125 32.76 35.73 19.51
N VAL A 126 32.66 35.48 18.17
CA VAL A 126 31.74 36.19 17.27
C VAL A 126 30.51 35.31 16.83
N HIS A 127 29.30 35.89 17.02
CA HIS A 127 28.00 35.34 16.65
C HIS A 127 27.27 36.31 15.69
N LEU A 128 27.05 35.84 14.43
CA LEU A 128 26.37 36.63 13.41
C LEU A 128 24.90 36.23 13.29
N LEU A 129 24.01 37.23 13.47
CA LEU A 129 22.55 37.04 13.34
C LEU A 129 22.10 37.85 12.15
N GLY A 130 21.74 37.17 11.10
CA GLY A 130 21.29 37.81 9.87
C GLY A 130 19.87 37.46 9.54
N TYR A 131 19.06 38.49 9.25
CA TYR A 131 17.65 38.37 8.86
C TYR A 131 17.50 38.64 7.37
N SER A 132 16.58 37.92 6.70
CA SER A 132 16.24 38.19 5.28
C SER A 132 17.54 38.13 4.38
N LEU A 133 17.89 39.19 3.61
CA LEU A 133 19.16 39.23 2.85
C LEU A 133 20.39 39.23 3.79
N GLY A 134 20.23 39.75 5.00
CA GLY A 134 21.29 39.81 5.99
C GLY A 134 21.84 38.45 6.38
N ALA A 135 21.04 37.39 6.25
CA ALA A 135 21.50 36.02 6.56
C ALA A 135 22.58 35.62 5.52
N HIS A 136 22.40 36.05 4.25
CA HIS A 136 23.36 35.78 3.19
C HIS A 136 24.55 36.72 3.26
N ALA A 137 24.33 37.99 3.65
CA ALA A 137 25.42 38.95 3.90
C ALA A 137 26.33 38.36 5.00
N ALA A 138 25.71 37.76 6.06
CA ALA A 138 26.41 37.07 7.15
C ALA A 138 27.20 35.87 6.64
N GLY A 139 26.60 35.09 5.74
CA GLY A 139 27.23 33.91 5.14
C GLY A 139 28.45 34.28 4.32
N ILE A 140 28.32 35.30 3.48
CA ILE A 140 29.43 35.79 2.68
C ILE A 140 30.56 36.34 3.61
N ALA A 141 30.20 37.08 4.66
CA ALA A 141 31.13 37.62 5.64
C ALA A 141 31.92 36.51 6.29
N GLY A 142 31.23 35.46 6.72
CA GLY A 142 31.84 34.30 7.34
C GLY A 142 32.78 33.56 6.40
N SER A 143 32.41 33.47 5.12
CA SER A 143 33.25 32.82 4.12
C SER A 143 34.49 33.66 3.74
N LEU A 144 34.56 34.93 4.14
CA LEU A 144 35.70 35.81 3.86
C LEU A 144 36.58 36.18 5.09
N THR A 145 36.22 35.74 6.33
CA THR A 145 37.07 36.07 7.47
C THR A 145 38.32 35.16 7.49
N ASN A 146 39.43 35.66 8.08
CA ASN A 146 40.73 34.96 8.18
C ASN A 146 40.60 33.58 8.83
N LYS A 147 39.84 33.54 9.91
CA LYS A 147 39.50 32.36 10.70
C LYS A 147 37.96 32.23 10.71
N LYS A 148 37.44 31.07 11.12
CA LYS A 148 35.99 30.84 11.14
C LYS A 148 35.36 31.44 12.37
N VAL A 149 34.19 32.08 12.16
CA VAL A 149 33.42 32.67 13.25
C VAL A 149 32.70 31.54 13.94
N ASN A 150 32.44 31.72 15.23
CA ASN A 150 31.83 30.70 16.04
C ASN A 150 30.45 30.20 15.57
N ARG A 151 29.54 31.14 15.27
CA ARG A 151 28.16 30.83 14.94
C ARG A 151 27.51 31.87 14.02
N ILE A 152 26.59 31.38 13.16
CA ILE A 152 25.75 32.19 12.30
C ILE A 152 24.32 31.70 12.45
N THR A 153 23.41 32.60 12.81
CA THR A 153 21.98 32.32 12.88
C THR A 153 21.33 32.98 11.65
N GLY A 154 20.61 32.18 10.88
CA GLY A 154 19.91 32.64 9.70
C GLY A 154 18.46 32.77 10.08
N LEU A 155 17.92 33.98 10.06
CA LEU A 155 16.53 34.20 10.42
C LEU A 155 15.73 34.45 9.13
N ASP A 156 15.02 33.38 8.69
CA ASP A 156 14.23 33.32 7.44
C ASP A 156 15.01 33.90 6.25
N PRO A 157 16.12 33.21 5.86
CA PRO A 157 16.97 33.75 4.78
C PRO A 157 16.24 33.94 3.49
N ALA A 158 16.56 35.03 2.78
CA ALA A 158 15.92 35.38 1.52
C ALA A 158 16.01 34.23 0.52
N GLY A 159 14.87 33.94 -0.09
CA GLY A 159 14.72 32.86 -1.06
C GLY A 159 14.94 33.30 -2.49
N PRO A 160 14.22 34.35 -2.98
CA PRO A 160 14.41 34.75 -4.38
C PRO A 160 15.85 35.07 -4.67
N ASN A 161 16.39 34.42 -5.75
CA ASN A 161 17.76 34.53 -6.29
C ASN A 161 18.82 33.88 -5.39
N PHE A 162 18.40 33.08 -4.39
CA PHE A 162 19.33 32.42 -3.49
C PHE A 162 19.08 30.93 -3.43
N GLU A 163 17.83 30.50 -3.69
CA GLU A 163 17.40 29.11 -3.72
C GLU A 163 18.34 28.28 -4.57
N TYR A 164 18.71 28.80 -5.72
CA TYR A 164 19.57 28.10 -6.66
C TYR A 164 20.97 28.68 -6.74
N ALA A 165 21.33 29.56 -5.80
CA ALA A 165 22.67 30.13 -5.74
C ALA A 165 23.63 29.09 -5.15
N GLU A 166 24.90 29.14 -5.56
CA GLU A 166 25.91 28.22 -5.05
C GLU A 166 26.41 28.70 -3.69
N ALA A 167 26.91 27.77 -2.85
CA ALA A 167 27.42 28.06 -1.50
C ALA A 167 28.22 29.40 -1.34
N PRO A 168 29.15 29.83 -2.23
CA PRO A 168 29.86 31.11 -1.96
C PRO A 168 29.00 32.40 -2.08
N SER A 169 27.85 32.34 -2.79
CA SER A 169 27.00 33.49 -3.03
C SER A 169 25.83 33.65 -2.04
N ARG A 170 25.63 32.65 -1.19
CA ARG A 170 24.56 32.61 -0.20
C ARG A 170 25.10 31.99 1.12
N LEU A 171 24.25 31.98 2.18
CA LEU A 171 24.58 31.32 3.45
C LEU A 171 24.63 29.81 3.18
N SER A 172 25.63 29.13 3.75
CA SER A 172 25.89 27.69 3.62
C SER A 172 26.64 27.20 4.89
N PRO A 173 26.69 25.88 5.21
CA PRO A 173 27.31 25.47 6.50
C PRO A 173 28.80 25.71 6.65
N ASP A 174 29.51 25.90 5.54
CA ASP A 174 30.96 26.16 5.58
C ASP A 174 31.28 27.58 6.01
N ASP A 175 30.26 28.47 6.09
CA ASP A 175 30.44 29.87 6.41
C ASP A 175 30.81 30.14 7.89
N ALA A 176 30.58 29.19 8.81
CA ALA A 176 30.94 29.35 10.24
C ALA A 176 31.19 28.02 10.88
N ASP A 177 31.60 28.02 12.17
CA ASP A 177 31.77 26.73 12.88
C ASP A 177 30.41 26.08 13.05
N PHE A 178 29.38 26.89 13.34
CA PHE A 178 28.01 26.40 13.45
C PHE A 178 27.00 27.35 12.80
N VAL A 179 26.17 26.80 11.88
CA VAL A 179 25.13 27.53 11.17
C VAL A 179 23.76 26.95 11.48
N ASP A 180 22.93 27.70 12.24
CA ASP A 180 21.53 27.35 12.57
C ASP A 180 20.58 28.26 11.78
N VAL A 181 19.52 27.69 11.21
CA VAL A 181 18.61 28.44 10.35
C VAL A 181 17.12 28.20 10.67
N LEU A 182 16.35 29.28 10.89
CA LEU A 182 14.91 29.20 11.12
C LEU A 182 14.23 29.59 9.83
N HIS A 183 13.41 28.68 9.26
CA HIS A 183 12.67 28.91 8.01
C HIS A 183 11.23 29.06 8.42
N THR A 184 10.66 30.28 8.34
CA THR A 184 9.30 30.57 8.80
C THR A 184 8.28 30.99 7.72
N PHE A 185 8.70 31.43 6.48
CA PHE A 185 7.76 31.81 5.37
C PHE A 185 8.18 31.26 4.04
N THR A 186 8.13 29.95 3.91
CA THR A 186 8.60 29.25 2.71
C THR A 186 7.47 28.95 1.72
N ARG A 187 6.22 29.44 1.97
CA ARG A 187 5.03 29.26 1.10
C ARG A 187 5.39 29.68 -0.33
N GLY A 188 4.98 28.88 -1.30
CA GLY A 188 5.21 29.18 -2.72
C GLY A 188 6.09 28.21 -3.46
N SER A 189 6.24 28.43 -4.78
CA SER A 189 7.07 27.56 -5.62
C SER A 189 8.54 27.72 -5.27
N PRO A 190 9.41 26.69 -5.53
CA PRO A 190 10.85 26.85 -5.22
C PRO A 190 11.49 28.01 -6.00
N GLY A 191 12.23 28.86 -5.31
CA GLY A 191 12.86 30.06 -5.87
C GLY A 191 11.92 31.24 -5.92
N ARG A 192 10.64 31.02 -5.57
CA ARG A 192 9.56 32.02 -5.59
C ARG A 192 8.95 32.27 -4.21
N SER A 193 9.47 31.59 -3.19
CA SER A 193 9.07 31.76 -1.78
C SER A 193 9.84 32.96 -1.27
N ILE A 194 9.37 33.68 -0.22
CA ILE A 194 10.13 34.82 0.35
C ILE A 194 11.29 34.27 1.23
N GLY A 195 11.00 33.22 1.99
CA GLY A 195 12.01 32.49 2.75
C GLY A 195 12.58 31.36 1.90
N ILE A 196 13.90 31.08 1.99
CA ILE A 196 14.59 29.98 1.28
C ILE A 196 14.01 28.62 1.77
N GLN A 197 13.80 27.67 0.85
CA GLN A 197 13.19 26.38 1.19
C GLN A 197 14.22 25.31 1.57
N LYS A 198 15.33 25.23 0.82
CA LYS A 198 16.40 24.26 1.03
C LYS A 198 17.15 24.49 2.33
N PRO A 199 17.66 23.43 2.97
CA PRO A 199 18.49 23.61 4.16
C PRO A 199 19.83 24.26 3.81
N VAL A 200 20.26 25.25 4.59
CA VAL A 200 21.52 25.98 4.33
C VAL A 200 22.44 26.01 5.54
N GLY A 201 22.06 25.29 6.61
CA GLY A 201 22.88 25.23 7.81
C GLY A 201 23.22 23.82 8.22
N HIS A 202 23.78 23.68 9.43
CA HIS A 202 24.04 22.40 10.08
C HIS A 202 22.69 21.91 10.64
N VAL A 203 21.89 22.85 11.20
CA VAL A 203 20.54 22.64 11.71
C VAL A 203 19.60 23.62 10.98
N ASP A 204 18.51 23.12 10.43
CA ASP A 204 17.49 23.89 9.73
C ASP A 204 16.13 23.57 10.34
N ILE A 205 15.62 24.50 11.14
CA ILE A 205 14.34 24.37 11.81
C ILE A 205 13.25 25.03 10.96
N TYR A 206 12.15 24.31 10.80
CA TYR A 206 10.99 24.70 10.03
C TYR A 206 9.80 24.80 11.02
N PRO A 207 9.66 25.91 11.81
CA PRO A 207 8.50 26.00 12.71
C PRO A 207 7.21 25.96 11.92
N ASN A 208 6.28 25.05 12.36
CA ASN A 208 4.97 24.77 11.79
C ASN A 208 5.07 24.40 10.30
N GLY A 209 6.13 23.68 9.94
CA GLY A 209 6.41 23.28 8.55
C GLY A 209 7.19 24.31 7.75
N GLY A 210 7.32 25.52 8.34
CA GLY A 210 8.00 26.70 7.79
C GLY A 210 7.29 27.47 6.69
N THR A 211 6.09 26.98 6.24
CA THR A 211 5.33 27.59 5.15
C THR A 211 4.72 28.94 5.56
N PHE A 212 4.10 28.96 6.74
CA PHE A 212 3.53 30.16 7.37
C PHE A 212 3.32 29.86 8.86
N GLN A 213 3.25 30.92 9.64
CA GLN A 213 3.14 30.91 11.08
C GLN A 213 1.70 31.10 11.66
N PRO A 214 1.39 30.41 12.80
CA PRO A 214 0.09 30.61 13.45
C PRO A 214 -0.09 32.05 13.89
N GLY A 215 -1.22 32.61 13.54
CA GLY A 215 -1.57 33.98 13.87
C GLY A 215 -1.19 34.93 12.76
N CYS A 216 -0.56 34.39 11.69
CA CYS A 216 -0.06 35.20 10.59
C CYS A 216 -0.84 35.13 9.34
N ASN A 217 -1.34 33.96 8.99
CA ASN A 217 -2.10 33.82 7.77
C ASN A 217 -3.57 34.08 8.01
N ILE A 218 -4.29 34.12 6.89
CA ILE A 218 -5.73 34.19 6.75
C ILE A 218 -6.05 32.75 6.33
N GLY A 219 -6.59 31.97 7.27
CA GLY A 219 -7.01 30.59 7.05
C GLY A 219 -7.88 30.43 5.82
N GLU A 220 -7.67 29.34 5.08
CA GLU A 220 -8.35 29.01 3.81
C GLU A 220 -9.87 29.30 3.79
N ALA A 221 -10.60 29.05 4.89
CA ALA A 221 -12.05 29.27 4.98
C ALA A 221 -12.44 30.75 4.84
N ILE A 222 -11.77 31.61 5.64
CA ILE A 222 -11.91 33.08 5.68
C ILE A 222 -11.56 33.63 4.29
N ARG A 223 -10.48 33.05 3.70
CA ARG A 223 -9.88 33.36 2.40
C ARG A 223 -10.86 33.17 1.22
N VAL A 224 -11.64 32.07 1.25
CA VAL A 224 -12.63 31.71 0.25
C VAL A 224 -13.83 32.66 0.33
N ILE A 225 -14.29 32.94 1.58
CA ILE A 225 -15.43 33.80 1.87
C ILE A 225 -15.18 35.26 1.47
N ALA A 226 -13.95 35.80 1.72
CA ALA A 226 -13.53 37.17 1.42
C ALA A 226 -13.50 37.49 -0.06
N GLU A 227 -13.34 36.42 -0.89
CA GLU A 227 -13.33 36.44 -2.36
C GLU A 227 -12.24 37.38 -2.94
N ARG A 228 -12.64 38.10 -3.99
CA ARG A 228 -11.81 39.03 -4.80
C ARG A 228 -11.26 40.15 -3.94
N GLY A 229 -11.85 40.37 -2.77
CA GLY A 229 -11.40 41.47 -1.90
C GLY A 229 -9.98 41.29 -1.39
N LEU A 230 -9.81 40.41 -0.41
CA LEU A 230 -8.54 40.15 0.30
C LEU A 230 -7.44 39.60 -0.60
N GLY A 231 -6.20 39.95 -0.27
CA GLY A 231 -5.00 39.45 -0.92
C GLY A 231 -4.10 38.75 0.10
N ASP A 232 -2.79 38.62 -0.22
CA ASP A 232 -1.81 38.01 0.68
C ASP A 232 -1.34 39.06 1.66
N VAL A 233 -2.10 39.24 2.74
CA VAL A 233 -1.78 40.22 3.77
C VAL A 233 -0.48 39.83 4.49
N ASP A 234 -0.30 38.52 4.78
CA ASP A 234 0.86 37.96 5.44
C ASP A 234 2.14 38.36 4.73
N GLN A 235 2.13 38.23 3.36
CA GLN A 235 3.29 38.60 2.53
C GLN A 235 3.63 40.08 2.73
N LEU A 236 2.64 40.94 2.52
CA LEU A 236 2.72 42.38 2.62
C LEU A 236 3.16 42.84 4.00
N VAL A 237 2.48 42.38 5.03
CA VAL A 237 2.76 42.76 6.40
C VAL A 237 4.06 42.15 6.96
N LYS A 238 4.63 41.12 6.22
CA LYS A 238 5.86 40.38 6.62
C LYS A 238 5.73 39.63 7.98
N CYS A 239 4.52 39.16 8.39
CA CYS A 239 4.24 38.52 9.71
C CYS A 239 5.02 37.21 9.93
N SER A 240 4.76 36.19 9.06
CA SER A 240 5.44 34.91 9.07
C SER A 240 6.96 35.07 8.94
N HIS A 241 7.43 35.87 7.99
CA HIS A 241 8.85 36.21 7.74
C HIS A 241 9.57 36.64 9.02
N GLU A 242 9.03 37.70 9.68
CA GLU A 242 9.52 38.29 10.91
C GLU A 242 9.45 37.36 12.16
N ARG A 243 8.52 36.39 12.16
CA ARG A 243 8.33 35.46 13.28
C ARG A 243 9.63 34.75 13.74
N SER A 244 10.55 34.47 12.80
CA SER A 244 11.85 33.87 13.11
C SER A 244 12.61 34.75 14.10
N ILE A 245 12.48 36.10 13.99
CA ILE A 245 13.10 37.04 14.94
C ILE A 245 12.40 36.91 16.29
N HIS A 246 11.09 36.78 16.30
CA HIS A 246 10.41 36.67 17.58
C HIS A 246 10.64 35.31 18.25
N LEU A 247 10.73 34.23 17.47
CA LEU A 247 11.03 32.90 18.00
C LEU A 247 12.42 32.89 18.65
N PHE A 248 13.41 33.54 17.98
CA PHE A 248 14.77 33.67 18.51
C PHE A 248 14.79 34.49 19.80
N ILE A 249 14.10 35.67 19.82
CA ILE A 249 13.95 36.55 21.00
C ILE A 249 13.36 35.74 22.17
N ASP A 250 12.31 34.94 21.90
CA ASP A 250 11.65 34.12 22.89
C ASP A 250 12.68 33.20 23.55
N SER A 251 13.51 32.55 22.73
CA SER A 251 14.57 31.64 23.19
C SER A 251 15.61 32.32 24.09
N LEU A 252 15.83 33.65 23.94
CA LEU A 252 16.78 34.41 24.74
C LEU A 252 16.16 34.82 26.08
N LEU A 253 14.83 34.96 26.12
CA LEU A 253 14.08 35.37 27.30
C LEU A 253 13.58 34.16 28.12
N ASN A 254 13.67 32.96 27.55
CA ASN A 254 13.23 31.74 28.23
C ASN A 254 14.34 30.71 28.17
N GLU A 255 15.49 31.07 28.78
CA GLU A 255 16.71 30.25 28.81
C GLU A 255 16.43 28.85 29.37
N GLU A 256 15.60 28.78 30.44
CA GLU A 256 15.26 27.54 31.15
C GLU A 256 14.19 26.69 30.46
N ASN A 257 13.32 27.27 29.60
CA ASN A 257 12.34 26.44 28.90
C ASN A 257 12.34 26.69 27.38
N PRO A 258 13.31 26.08 26.67
CA PRO A 258 13.33 26.23 25.20
C PRO A 258 12.28 25.35 24.49
N SER A 259 11.92 25.71 23.24
CA SER A 259 11.04 24.91 22.41
C SER A 259 11.93 23.83 21.77
N LYS A 260 11.43 22.60 21.67
CA LYS A 260 12.26 21.54 21.08
C LYS A 260 11.85 21.31 19.63
N ALA A 261 12.82 21.05 18.77
CA ALA A 261 12.60 20.78 17.33
C ALA A 261 12.93 19.33 17.14
N TYR A 262 12.26 18.68 16.18
CA TYR A 262 12.40 17.26 15.94
C TYR A 262 12.77 16.95 14.54
N ARG A 263 13.90 16.19 14.34
CA ARG A 263 14.38 15.78 13.01
C ARG A 263 13.33 14.94 12.36
N CYS A 264 13.09 15.15 11.06
CA CYS A 264 12.04 14.43 10.37
C CYS A 264 12.26 14.39 8.85
N SER A 265 11.77 13.30 8.21
CA SER A 265 11.86 13.06 6.78
C SER A 265 11.04 14.10 5.98
N SER A 266 9.87 14.53 6.53
CA SER A 266 8.98 15.49 5.89
C SER A 266 8.06 16.14 6.90
N LYS A 267 7.43 17.27 6.52
CA LYS A 267 6.45 17.96 7.38
C LYS A 267 5.21 17.11 7.50
N GLU A 268 4.88 16.39 6.42
CA GLU A 268 3.72 15.49 6.33
C GLU A 268 3.90 14.32 7.30
N ALA A 269 5.13 13.77 7.40
CA ALA A 269 5.48 12.70 8.33
C ALA A 269 5.40 13.23 9.77
N PHE A 270 5.88 14.48 9.99
CA PHE A 270 5.84 15.11 11.30
C PHE A 270 4.40 15.31 11.74
N GLU A 271 3.53 15.73 10.81
CA GLU A 271 2.12 15.95 11.11
C GLU A 271 1.30 14.65 11.31
N LYS A 272 1.95 13.48 11.20
CA LYS A 272 1.36 12.16 11.49
C LYS A 272 1.91 11.71 12.87
N GLY A 273 2.79 12.50 13.46
CA GLY A 273 3.40 12.24 14.77
C GLY A 273 4.46 11.17 14.76
N LEU A 274 4.98 10.83 13.58
CA LEU A 274 5.99 9.79 13.42
C LEU A 274 7.41 10.20 13.84
N CYS A 275 7.70 11.52 13.95
CA CYS A 275 9.01 12.07 14.31
C CYS A 275 8.97 12.75 15.64
N LEU A 276 9.18 12.02 16.74
CA LEU A 276 9.17 12.65 18.07
C LEU A 276 10.32 12.14 18.98
N SER A 277 11.45 11.64 18.42
CA SER A 277 12.57 11.08 19.19
C SER A 277 13.72 12.03 19.51
N CYS A 278 14.52 11.69 20.54
CA CYS A 278 15.66 12.47 20.98
C CYS A 278 16.99 11.69 20.93
N ARG A 279 16.92 10.44 20.43
CA ARG A 279 18.06 9.52 20.29
C ARG A 279 18.92 9.93 19.12
N LYS A 280 20.25 9.90 19.30
CA LYS A 280 21.25 10.26 18.28
C LYS A 280 21.00 11.65 17.71
N ASN A 281 20.75 12.64 18.61
CA ASN A 281 20.48 14.06 18.30
C ASN A 281 19.30 14.26 17.31
N ARG A 282 18.23 13.44 17.43
CA ARG A 282 17.07 13.56 16.55
C ARG A 282 16.13 14.70 17.03
N CYS A 283 16.50 15.36 18.12
CA CYS A 283 15.81 16.52 18.60
C CYS A 283 16.83 17.59 19.06
N ASN A 284 16.45 18.87 19.04
CA ASN A 284 17.33 19.94 19.49
C ASN A 284 16.51 21.07 20.07
N ASN A 285 17.15 22.09 20.67
CA ASN A 285 16.42 23.25 21.18
C ASN A 285 16.43 24.33 20.11
N LEU A 286 15.27 24.94 19.87
CA LEU A 286 15.15 26.05 18.95
C LEU A 286 15.81 27.25 19.62
N GLY A 287 16.67 27.94 18.87
CA GLY A 287 17.24 29.19 19.35
C GLY A 287 18.62 29.20 19.93
N TYR A 288 18.85 30.14 20.86
CA TYR A 288 20.13 30.41 21.49
C TYR A 288 20.78 29.19 22.12
N GLU A 289 20.02 28.47 22.96
CA GLU A 289 20.43 27.25 23.68
C GLU A 289 20.54 26.02 22.77
N ILE A 290 20.69 26.20 21.42
CA ILE A 290 20.86 25.07 20.51
C ILE A 290 22.08 24.22 20.88
N ASN A 291 22.01 22.91 20.63
CA ASN A 291 23.15 22.00 20.80
C ASN A 291 23.86 22.00 19.44
N LYS A 292 25.12 22.48 19.43
CA LYS A 292 25.93 22.66 18.24
C LYS A 292 26.41 21.35 17.61
N VAL A 293 25.45 20.59 17.06
CA VAL A 293 25.68 19.30 16.43
C VAL A 293 25.84 19.52 14.94
N ARG A 294 27.06 19.35 14.46
CA ARG A 294 27.35 19.47 13.01
C ARG A 294 27.28 18.06 12.43
N ALA A 295 26.27 17.79 11.61
CA ALA A 295 26.11 16.47 11.01
C ALA A 295 26.73 16.36 9.61
N LYS A 296 26.76 15.12 9.06
CA LYS A 296 27.27 14.82 7.72
C LYS A 296 26.30 15.40 6.69
N ARG A 297 25.00 15.23 6.94
CA ARG A 297 23.97 15.75 6.02
C ARG A 297 23.17 16.86 6.69
N SER A 298 22.58 17.74 5.88
CA SER A 298 21.71 18.85 6.35
C SER A 298 20.50 18.22 7.05
N SER A 299 20.26 18.57 8.30
CA SER A 299 19.13 17.92 9.03
C SER A 299 17.94 18.88 9.17
N LYS A 300 16.81 18.54 8.56
CA LYS A 300 15.57 19.35 8.62
C LYS A 300 14.79 19.03 9.92
N MET A 301 14.41 20.04 10.71
CA MET A 301 13.73 19.81 11.98
C MET A 301 12.42 20.55 12.11
N TYR A 302 11.41 19.89 12.69
CA TYR A 302 10.08 20.45 12.78
C TYR A 302 9.58 20.61 14.19
N LEU A 303 8.56 21.47 14.37
CA LEU A 303 7.87 21.73 15.62
C LEU A 303 6.63 22.57 15.37
N LYS A 304 5.76 22.60 16.36
CA LYS A 304 4.56 23.41 16.36
C LYS A 304 4.79 24.49 17.40
N THR A 305 4.09 25.61 17.28
CA THR A 305 4.21 26.73 18.20
C THR A 305 2.84 27.35 18.36
N ARG A 306 2.73 28.21 19.36
CA ARG A 306 1.61 29.08 19.67
C ARG A 306 1.63 30.28 18.69
N SER A 307 0.54 31.06 18.62
CA SER A 307 0.45 32.29 17.79
C SER A 307 1.22 33.44 18.44
N GLN A 308 1.50 33.36 19.76
CA GLN A 308 2.14 34.46 20.52
C GLN A 308 3.13 34.02 21.61
N MET A 309 4.00 34.93 22.04
CA MET A 309 5.04 34.71 23.04
C MET A 309 4.46 34.41 24.46
N PRO A 310 4.94 33.36 25.21
CA PRO A 310 5.96 32.33 24.85
C PRO A 310 5.37 31.29 23.90
N TYR A 311 6.09 30.98 22.84
CA TYR A 311 5.66 30.12 21.75
C TYR A 311 5.65 28.61 22.01
N LYS A 312 6.25 28.13 23.11
CA LYS A 312 6.29 26.68 23.42
C LYS A 312 4.92 25.96 23.52
N VAL A 313 4.84 24.80 22.85
CA VAL A 313 3.74 23.83 22.91
C VAL A 313 4.31 22.44 23.22
N PHE A 314 3.46 21.53 23.72
CA PHE A 314 3.81 20.16 24.06
C PHE A 314 3.32 19.25 22.97
N HIS A 315 4.20 18.42 22.42
CA HIS A 315 3.86 17.50 21.33
C HIS A 315 3.64 16.09 21.83
N TYR A 316 2.59 15.45 21.31
CA TYR A 316 2.20 14.08 21.61
C TYR A 316 1.88 13.36 20.32
N GLN A 317 2.34 12.10 20.23
CA GLN A 317 1.93 11.21 19.17
C GLN A 317 0.89 10.32 19.81
N VAL A 318 -0.22 10.11 19.13
CA VAL A 318 -1.31 9.29 19.63
C VAL A 318 -1.54 8.18 18.61
N LYS A 319 -1.49 6.92 19.07
CA LYS A 319 -1.71 5.73 18.25
C LYS A 319 -3.02 5.04 18.72
N ILE A 320 -3.96 4.75 17.80
CA ILE A 320 -5.23 4.09 18.12
C ILE A 320 -5.46 2.95 17.15
N HIS A 321 -5.84 1.77 17.67
CA HIS A 321 -6.24 0.62 16.84
C HIS A 321 -7.77 0.61 16.86
N PHE A 322 -8.41 0.84 15.71
CA PHE A 322 -9.86 0.90 15.62
C PHE A 322 -10.45 -0.47 15.42
N SER A 323 -10.78 -1.17 16.50
CA SER A 323 -11.31 -2.50 16.38
C SER A 323 -12.81 -2.56 16.21
N GLY A 324 -13.27 -3.56 15.46
CA GLY A 324 -14.69 -3.76 15.21
C GLY A 324 -15.02 -5.14 14.66
N THR A 325 -16.31 -5.48 14.69
CA THR A 325 -16.81 -6.78 14.23
C THR A 325 -17.07 -6.79 12.71
N GLU A 326 -17.74 -5.73 12.20
CA GLU A 326 -18.06 -5.61 10.78
C GLU A 326 -17.16 -4.60 10.10
N SER A 327 -16.74 -4.94 8.87
CA SER A 327 -15.87 -4.11 8.04
C SER A 327 -16.59 -2.85 7.52
N GLU A 328 -16.07 -1.68 7.94
CA GLU A 328 -16.56 -0.36 7.54
C GLU A 328 -15.40 0.60 7.34
N THR A 329 -15.54 1.52 6.37
CA THR A 329 -14.54 2.54 6.04
C THR A 329 -15.22 3.91 5.97
N HIS A 330 -14.67 4.85 6.76
CA HIS A 330 -15.17 6.22 6.88
C HIS A 330 -14.07 7.18 6.46
N THR A 331 -14.44 8.22 5.68
CA THR A 331 -13.46 9.20 5.22
C THR A 331 -13.69 10.56 5.84
N ASN A 332 -12.57 11.28 6.10
CA ASN A 332 -12.50 12.60 6.68
C ASN A 332 -13.40 12.74 7.91
N GLN A 333 -13.06 11.99 8.93
CA GLN A 333 -13.78 11.93 10.21
C GLN A 333 -13.18 12.87 11.22
N ALA A 334 -14.03 13.57 11.98
CA ALA A 334 -13.63 14.56 12.98
C ALA A 334 -13.79 14.01 14.35
N PHE A 335 -12.80 14.26 15.18
CA PHE A 335 -12.74 13.78 16.54
C PHE A 335 -12.32 14.86 17.49
N GLU A 336 -12.46 14.58 18.79
CA GLU A 336 -12.02 15.47 19.85
C GLU A 336 -11.34 14.62 20.90
N ILE A 337 -10.16 15.04 21.32
CA ILE A 337 -9.41 14.34 22.35
C ILE A 337 -9.18 15.26 23.54
N SER A 338 -9.42 14.74 24.74
CA SER A 338 -9.28 15.48 26.01
C SER A 338 -8.24 14.80 26.86
N LEU A 339 -7.21 15.57 27.27
CA LEU A 339 -6.07 15.08 28.05
C LEU A 339 -6.15 15.62 29.45
N TYR A 340 -6.08 14.70 30.45
CA TYR A 340 -6.18 15.00 31.88
C TYR A 340 -4.94 14.52 32.58
N GLY A 341 -4.18 15.47 33.09
CA GLY A 341 -2.95 15.17 33.81
C GLY A 341 -2.99 15.56 35.27
N THR A 342 -1.84 15.43 35.91
CA THR A 342 -1.61 15.75 37.32
C THR A 342 -1.70 17.27 37.58
N VAL A 343 -1.08 18.09 36.71
CA VAL A 343 -1.03 19.55 36.82
C VAL A 343 -2.32 20.24 36.29
N ALA A 344 -2.65 19.97 35.02
CA ALA A 344 -3.78 20.59 34.37
C ALA A 344 -4.42 19.66 33.35
N GLU A 345 -5.26 20.23 32.49
CA GLU A 345 -6.00 19.52 31.46
C GLU A 345 -6.27 20.40 30.24
N SER A 346 -6.35 19.78 29.07
CA SER A 346 -6.77 20.46 27.86
C SER A 346 -7.79 19.59 27.18
N GLU A 347 -9.04 20.02 27.31
CA GLU A 347 -10.25 19.36 26.80
C GLU A 347 -10.53 19.79 25.35
N ASN A 348 -11.33 18.95 24.68
CA ASN A 348 -11.84 19.12 23.33
C ASN A 348 -10.84 19.56 22.30
N ILE A 349 -9.63 18.95 22.31
CA ILE A 349 -8.64 19.26 21.28
C ILE A 349 -9.16 18.59 19.99
N PRO A 350 -9.56 19.36 18.94
CA PRO A 350 -10.01 18.71 17.71
C PRO A 350 -8.86 18.12 16.92
N PHE A 351 -9.17 17.20 16.02
CA PHE A 351 -8.28 16.57 15.04
C PHE A 351 -9.15 15.76 14.10
N THR A 352 -8.70 15.58 12.87
CA THR A 352 -9.46 14.78 11.94
C THR A 352 -8.58 13.65 11.34
N LEU A 353 -9.20 12.58 10.85
CA LEU A 353 -8.47 11.49 10.22
C LEU A 353 -8.98 11.32 8.80
N PRO A 354 -8.07 11.26 7.81
CA PRO A 354 -8.53 11.08 6.41
C PRO A 354 -9.28 9.77 6.18
N GLU A 355 -8.88 8.71 6.90
CA GLU A 355 -9.51 7.39 6.77
C GLU A 355 -9.63 6.70 8.14
N VAL A 356 -10.78 6.12 8.42
CA VAL A 356 -11.00 5.34 9.63
C VAL A 356 -11.58 4.03 9.15
N SER A 357 -10.87 2.92 9.38
CA SER A 357 -11.27 1.59 8.94
C SER A 357 -11.09 0.52 10.02
N THR A 358 -11.98 -0.49 10.01
CA THR A 358 -11.97 -1.58 10.99
C THR A 358 -10.66 -2.36 10.99
N ASN A 359 -10.11 -2.57 12.20
CA ASN A 359 -8.91 -3.31 12.54
C ASN A 359 -7.63 -2.74 11.87
N LYS A 360 -7.51 -1.41 11.93
CA LYS A 360 -6.35 -0.66 11.44
C LYS A 360 -5.90 0.33 12.53
N THR A 361 -4.62 0.64 12.53
CA THR A 361 -4.00 1.56 13.48
C THR A 361 -3.65 2.87 12.79
N TYR A 362 -3.86 4.00 13.52
CA TYR A 362 -3.62 5.34 13.02
C TYR A 362 -2.87 6.13 14.06
N SER A 363 -1.83 6.81 13.59
CA SER A 363 -0.95 7.65 14.38
C SER A 363 -1.23 9.10 13.97
N PHE A 364 -1.21 10.02 14.96
CA PHE A 364 -1.43 11.44 14.70
C PHE A 364 -0.81 12.32 15.77
N LEU A 365 -0.50 13.56 15.40
CA LEU A 365 0.08 14.54 16.30
C LEU A 365 -0.99 15.36 17.01
N ILE A 366 -0.82 15.55 18.30
CA ILE A 366 -1.67 16.36 19.15
C ILE A 366 -0.70 17.30 19.87
N TYR A 367 -0.94 18.61 19.79
CA TYR A 367 -0.07 19.54 20.50
C TYR A 367 -0.94 20.46 21.36
N THR A 368 -0.38 20.97 22.48
CA THR A 368 -1.12 21.85 23.41
C THR A 368 -0.21 22.82 24.16
N GLU A 369 -0.75 24.02 24.40
CA GLU A 369 -0.05 25.08 25.13
C GLU A 369 0.04 24.74 26.58
N VAL A 370 -1.01 24.11 27.12
CA VAL A 370 -1.13 23.69 28.52
C VAL A 370 -0.06 22.69 28.96
N ASP A 371 0.59 22.97 30.14
CA ASP A 371 1.49 22.03 30.80
C ASP A 371 0.54 21.21 31.73
N ILE A 372 0.06 20.06 31.20
CA ILE A 372 -0.88 19.18 31.90
C ILE A 372 -0.22 18.32 33.00
N GLY A 373 1.09 18.23 32.97
CA GLY A 373 1.86 17.43 33.90
C GLY A 373 1.91 16.00 33.41
N GLU A 374 1.88 15.05 34.36
CA GLU A 374 1.88 13.62 34.04
C GLU A 374 0.45 13.20 33.72
N LEU A 375 0.29 12.59 32.54
CA LEU A 375 -0.99 12.13 32.00
C LEU A 375 -1.66 11.02 32.86
N LEU A 376 -2.97 11.15 33.11
CA LEU A 376 -3.72 10.14 33.89
C LEU A 376 -4.91 9.58 33.12
N MET A 377 -5.66 10.49 32.46
CA MET A 377 -6.87 10.17 31.74
C MET A 377 -6.90 10.76 30.34
N LEU A 378 -7.67 10.13 29.47
CA LEU A 378 -7.82 10.47 28.07
C LEU A 378 -9.29 10.23 27.68
N LYS A 379 -9.96 11.27 27.13
CA LYS A 379 -11.36 11.16 26.69
C LYS A 379 -11.39 11.30 25.18
N LEU A 380 -12.04 10.36 24.49
CA LEU A 380 -12.07 10.44 23.05
C LEU A 380 -13.52 10.53 22.52
N LYS A 381 -13.80 11.55 21.69
CA LYS A 381 -15.14 11.78 21.15
C LYS A 381 -15.12 11.65 19.62
N TRP A 382 -16.04 10.86 19.05
CA TRP A 382 -16.15 10.75 17.60
C TRP A 382 -17.35 11.63 17.23
N LYS A 383 -17.06 12.77 16.58
CA LYS A 383 -18.00 13.82 16.23
C LYS A 383 -18.95 13.53 15.04
N SER A 384 -20.21 13.99 15.20
CA SER A 384 -21.27 14.00 14.20
C SER A 384 -21.85 15.41 14.08
N ASP A 385 -22.24 15.76 12.88
CA ASP A 385 -22.90 17.05 12.67
C ASP A 385 -24.40 16.83 12.44
N SER A 386 -24.87 15.57 12.51
CA SER A 386 -26.30 15.30 12.33
C SER A 386 -27.12 15.77 13.52
N TYR A 387 -28.27 16.36 13.17
CA TYR A 387 -29.24 16.85 14.11
C TYR A 387 -29.92 15.70 14.89
N PHE A 388 -29.75 14.44 14.46
CA PHE A 388 -30.38 13.31 15.12
C PHE A 388 -29.42 12.48 15.92
N SER A 389 -28.15 12.89 16.02
CA SER A 389 -27.11 12.10 16.69
C SER A 389 -27.40 11.83 18.16
N TRP A 390 -28.14 12.72 18.80
CA TRP A 390 -28.54 12.63 20.20
C TRP A 390 -29.44 11.43 20.49
N SER A 391 -30.29 11.07 19.50
CA SER A 391 -31.31 10.02 19.61
C SER A 391 -30.75 8.56 19.66
N ASP A 392 -31.28 7.72 20.55
CA ASP A 392 -30.83 6.32 20.61
C ASP A 392 -31.43 5.48 19.47
N TRP A 393 -32.38 6.10 18.72
CA TRP A 393 -33.04 5.51 17.58
C TRP A 393 -32.21 5.65 16.35
N TRP A 394 -31.34 6.66 16.34
CA TRP A 394 -30.42 6.96 15.27
C TRP A 394 -29.27 5.94 15.26
N SER A 395 -29.10 5.22 14.15
CA SER A 395 -28.02 4.25 14.00
C SER A 395 -26.72 5.00 13.62
N SER A 396 -25.68 4.82 14.44
CA SER A 396 -24.39 5.46 14.20
C SER A 396 -23.26 4.42 14.22
N PRO A 397 -22.21 4.58 13.36
CA PRO A 397 -21.11 3.62 13.39
C PRO A 397 -20.32 3.73 14.68
N GLY A 398 -19.67 2.63 15.03
CA GLY A 398 -18.87 2.59 16.23
C GLY A 398 -17.70 1.63 16.16
N PHE A 399 -16.73 1.83 17.06
CA PHE A 399 -15.55 0.96 17.16
C PHE A 399 -15.31 0.64 18.61
N ALA A 400 -14.75 -0.53 18.85
CA ALA A 400 -14.35 -1.00 20.17
C ALA A 400 -12.87 -0.64 20.25
N ILE A 401 -12.50 0.15 21.25
CA ILE A 401 -11.12 0.55 21.45
C ILE A 401 -10.72 0.10 22.83
N GLN A 402 -9.66 -0.71 22.92
CA GLN A 402 -9.18 -1.24 24.18
C GLN A 402 -8.10 -0.33 24.78
N LYS A 403 -7.02 -0.08 24.02
CA LYS A 403 -5.88 0.74 24.43
C LYS A 403 -5.63 1.92 23.50
N ILE A 404 -4.96 2.96 24.04
CA ILE A 404 -4.49 4.14 23.34
C ILE A 404 -3.06 4.34 23.78
N ARG A 405 -2.12 4.25 22.84
CA ARG A 405 -0.68 4.43 23.08
C ARG A 405 -0.35 5.91 22.80
N VAL A 406 0.33 6.58 23.75
CA VAL A 406 0.70 7.99 23.66
C VAL A 406 2.18 8.13 23.92
N LYS A 407 2.87 8.93 23.12
CA LYS A 407 4.28 9.21 23.30
C LYS A 407 4.42 10.73 23.40
N ALA A 408 4.91 11.21 24.56
CA ALA A 408 5.11 12.63 24.87
C ALA A 408 6.52 13.02 24.42
N GLY A 409 6.64 13.99 23.52
CA GLY A 409 7.94 14.39 22.98
C GLY A 409 8.92 15.05 23.94
N GLU A 410 8.44 16.00 24.76
CA GLU A 410 9.26 16.79 25.68
C GLU A 410 9.86 15.97 26.82
N THR A 411 9.08 15.03 27.39
CA THR A 411 9.49 14.16 28.48
C THR A 411 10.01 12.81 28.00
N GLN A 412 9.86 12.51 26.70
CA GLN A 412 10.27 11.25 26.06
C GLN A 412 9.72 10.03 26.84
N LYS A 413 8.40 10.00 27.00
CA LYS A 413 7.71 8.97 27.76
C LYS A 413 6.64 8.31 26.91
N LYS A 414 6.57 6.97 26.94
CA LYS A 414 5.55 6.20 26.25
C LYS A 414 4.57 5.82 27.35
N VAL A 415 3.28 6.15 27.13
CA VAL A 415 2.21 5.90 28.07
C VAL A 415 1.12 5.10 27.40
N ILE A 416 0.60 4.05 28.07
CA ILE A 416 -0.51 3.26 27.56
C ILE A 416 -1.71 3.57 28.40
N PHE A 417 -2.82 3.82 27.77
CA PHE A 417 -4.09 4.13 28.40
C PHE A 417 -5.00 3.04 28.00
N CYS A 418 -5.70 2.47 28.96
CA CYS A 418 -6.62 1.44 28.54
C CYS A 418 -7.97 1.62 29.18
N SER A 419 -9.00 1.26 28.41
CA SER A 419 -10.42 1.34 28.74
C SER A 419 -10.75 0.77 30.11
N ARG A 420 -11.65 1.46 30.82
CA ARG A 420 -12.08 1.07 32.17
C ARG A 420 -12.80 -0.31 32.21
N GLU A 421 -13.66 -0.58 31.21
CA GLU A 421 -14.35 -1.85 30.97
C GLU A 421 -13.45 -2.65 29.98
N LYS A 422 -13.83 -3.90 29.62
CA LYS A 422 -13.04 -4.74 28.70
C LYS A 422 -12.67 -4.00 27.39
N VAL A 423 -13.59 -3.13 26.94
CA VAL A 423 -13.49 -2.33 25.73
C VAL A 423 -14.25 -1.01 25.91
N SER A 424 -13.77 0.07 25.27
CA SER A 424 -14.50 1.32 25.26
C SER A 424 -15.10 1.43 23.88
N HIS A 425 -16.43 1.69 23.82
CA HIS A 425 -17.16 1.84 22.56
CA HIS A 425 -17.15 1.83 22.55
C HIS A 425 -17.11 3.31 22.14
N LEU A 426 -16.47 3.57 21.01
CA LEU A 426 -16.39 4.91 20.45
C LEU A 426 -17.45 4.91 19.35
N GLN A 427 -18.58 5.58 19.60
CA GLN A 427 -19.69 5.60 18.64
C GLN A 427 -19.92 7.01 18.12
N LYS A 428 -19.89 7.19 16.79
CA LYS A 428 -20.14 8.51 16.16
C LYS A 428 -21.32 9.29 16.78
N GLY A 429 -21.09 10.55 17.14
CA GLY A 429 -22.06 11.46 17.72
C GLY A 429 -22.49 11.21 19.14
N LYS A 430 -21.95 10.17 19.77
CA LYS A 430 -22.34 9.83 21.12
C LYS A 430 -21.34 10.33 22.19
N ALA A 431 -21.49 9.78 23.42
CA ALA A 431 -20.69 10.10 24.59
C ALA A 431 -19.22 9.75 24.38
N PRO A 432 -18.27 10.42 25.07
CA PRO A 432 -16.85 10.06 24.85
C PRO A 432 -16.43 8.76 25.49
N ALA A 433 -15.50 8.04 24.85
CA ALA A 433 -14.85 6.82 25.35
C ALA A 433 -13.77 7.26 26.38
N VAL A 434 -13.72 6.60 27.57
CA VAL A 434 -12.74 6.93 28.61
C VAL A 434 -11.63 5.90 28.74
N PHE A 435 -10.40 6.36 28.90
CA PHE A 435 -9.21 5.51 29.05
C PHE A 435 -8.39 6.06 30.19
N VAL A 436 -7.85 5.15 31.02
CA VAL A 436 -7.02 5.55 32.16
C VAL A 436 -5.65 4.90 31.98
N LYS A 437 -4.58 5.60 32.41
CA LYS A 437 -3.20 5.15 32.32
C LYS A 437 -3.01 3.75 32.94
N CYS A 438 -2.33 2.84 32.20
CA CYS A 438 -2.05 1.51 32.68
C CYS A 438 -0.58 1.09 32.51
N HIS A 439 0.28 2.06 32.14
CA HIS A 439 1.71 1.83 31.89
C HIS A 439 2.46 3.11 31.54
N ASP A 440 3.77 3.16 31.88
CA ASP A 440 4.74 4.25 31.64
C ASP A 440 6.00 3.62 31.13
N LYS A 441 6.87 4.39 30.46
CA LYS A 441 8.16 3.94 29.96
C LYS A 441 9.01 5.16 29.58
N SER A 442 10.11 5.42 30.30
CA SER A 442 11.00 6.54 29.96
C SER A 442 11.89 6.11 28.83
N LEU A 443 11.83 6.81 27.74
CA LEU A 443 12.62 6.50 26.56
C LEU A 443 14.09 6.92 26.68
N ASN A 444 14.42 7.91 27.60
CA ASN A 444 15.77 8.46 27.85
C ASN A 444 16.42 9.08 26.60
N GLN B 3 -64.39 -9.86 -5.94
CA GLN B 3 -65.00 -8.70 -5.28
C GLN B 3 -64.20 -8.18 -4.07
N ARG B 4 -64.62 -7.01 -3.54
CA ARG B 4 -64.03 -6.22 -2.44
C ARG B 4 -63.49 -7.05 -1.27
N ARG B 5 -64.18 -8.15 -0.88
CA ARG B 5 -63.82 -9.10 0.20
C ARG B 5 -62.37 -9.61 0.07
N ASP B 6 -61.88 -9.84 -1.16
CA ASP B 6 -60.53 -10.37 -1.42
C ASP B 6 -59.45 -9.28 -1.41
N PHE B 7 -59.82 -8.05 -1.06
CA PHE B 7 -58.94 -6.89 -1.10
C PHE B 7 -58.95 -6.07 0.16
N ILE B 8 -59.95 -6.25 1.06
CA ILE B 8 -60.02 -5.44 2.31
C ILE B 8 -58.73 -5.50 3.18
N ASP B 9 -57.89 -6.54 3.01
CA ASP B 9 -56.60 -6.62 3.71
C ASP B 9 -55.57 -5.57 3.18
N ILE B 10 -55.76 -4.99 1.95
CA ILE B 10 -54.89 -3.95 1.35
C ILE B 10 -55.14 -2.67 2.11
N GLU B 11 -54.13 -2.24 2.88
CA GLU B 11 -54.10 -1.05 3.73
C GLU B 11 -53.86 0.19 2.89
N SER B 12 -53.12 0.07 1.77
CA SER B 12 -52.79 1.22 0.92
C SER B 12 -53.98 1.77 0.18
N LYS B 13 -54.05 3.10 0.00
CA LYS B 13 -55.14 3.74 -0.74
C LYS B 13 -54.62 4.27 -2.06
N PHE B 14 -55.49 4.35 -3.09
CA PHE B 14 -55.06 4.78 -4.42
C PHE B 14 -55.94 5.92 -4.94
N ALA B 15 -55.44 7.16 -4.93
CA ALA B 15 -56.23 8.30 -5.43
C ALA B 15 -55.94 8.64 -6.86
N LEU B 16 -57.00 8.87 -7.65
CA LEU B 16 -56.82 9.28 -9.01
C LEU B 16 -56.92 10.77 -8.97
N ARG B 17 -55.75 11.42 -8.84
CA ARG B 17 -55.68 12.88 -8.81
C ARG B 17 -55.96 13.47 -10.24
N THR B 18 -56.46 14.69 -10.34
CA THR B 18 -56.86 15.24 -11.66
C THR B 18 -56.04 16.47 -12.11
N PRO B 19 -56.06 16.85 -13.43
CA PRO B 19 -55.29 18.03 -13.85
C PRO B 19 -55.77 19.31 -13.17
N GLU B 20 -57.01 19.31 -12.64
CA GLU B 20 -57.56 20.51 -12.01
C GLU B 20 -57.56 20.43 -10.48
N ASP B 21 -57.60 19.18 -9.90
CA ASP B 21 -57.53 18.89 -8.46
C ASP B 21 -56.27 18.04 -8.23
N THR B 22 -55.15 18.72 -7.99
CA THR B 22 -53.82 18.10 -7.87
C THR B 22 -53.30 17.85 -6.45
N ALA B 23 -53.78 18.64 -5.44
CA ALA B 23 -53.30 18.51 -4.06
C ALA B 23 -54.10 17.56 -3.15
N GLU B 24 -55.29 17.19 -3.58
CA GLU B 24 -56.14 16.34 -2.75
C GLU B 24 -56.43 14.97 -3.32
N ASP B 25 -56.60 14.00 -2.42
CA ASP B 25 -56.98 12.64 -2.72
C ASP B 25 -58.51 12.65 -2.70
N THR B 26 -59.16 13.29 -3.69
CA THR B 26 -60.61 13.41 -3.76
C THR B 26 -61.24 12.05 -4.09
N CYS B 27 -60.90 11.50 -5.26
CA CYS B 27 -61.45 10.27 -5.80
C CYS B 27 -60.52 9.10 -5.56
N HIS B 28 -61.02 8.03 -4.96
CA HIS B 28 -60.20 6.85 -4.72
C HIS B 28 -60.60 5.68 -5.62
N LEU B 29 -59.62 4.87 -6.04
CA LEU B 29 -59.81 3.68 -6.81
C LEU B 29 -59.74 2.55 -5.79
N ILE B 30 -60.92 1.95 -5.50
CA ILE B 30 -61.08 0.89 -4.52
C ILE B 30 -60.90 -0.49 -5.19
N PRO B 31 -59.81 -1.21 -4.78
CA PRO B 31 -59.55 -2.54 -5.37
C PRO B 31 -60.70 -3.48 -5.09
N GLY B 32 -61.16 -4.17 -6.12
CA GLY B 32 -62.31 -5.06 -6.04
C GLY B 32 -63.66 -4.38 -6.30
N VAL B 33 -63.70 -3.04 -6.44
CA VAL B 33 -64.93 -2.30 -6.70
C VAL B 33 -64.72 -1.67 -8.07
N ALA B 34 -65.11 -2.38 -9.13
CA ALA B 34 -64.97 -1.93 -10.51
C ALA B 34 -65.67 -0.60 -10.82
N GLU B 35 -66.75 -0.31 -10.10
CA GLU B 35 -67.55 0.88 -10.31
C GLU B 35 -66.83 2.14 -9.84
N SER B 36 -65.84 2.01 -8.91
CA SER B 36 -65.04 3.16 -8.42
C SER B 36 -64.13 3.79 -9.52
N VAL B 37 -63.69 2.94 -10.48
CA VAL B 37 -62.84 3.30 -11.62
C VAL B 37 -63.63 4.24 -12.55
N ALA B 38 -64.94 3.95 -12.76
CA ALA B 38 -65.76 4.79 -13.60
C ALA B 38 -66.07 6.10 -12.88
N THR B 39 -66.28 6.00 -11.55
CA THR B 39 -66.58 7.15 -10.68
C THR B 39 -65.48 8.19 -10.77
N CYS B 40 -64.23 7.74 -10.82
CA CYS B 40 -63.05 8.55 -10.89
C CYS B 40 -62.69 9.00 -12.29
N HIS B 41 -63.29 8.40 -13.31
CA HIS B 41 -63.08 8.75 -14.71
C HIS B 41 -61.71 8.41 -15.25
N PHE B 42 -61.22 7.25 -14.89
CA PHE B 42 -59.98 6.70 -15.40
C PHE B 42 -60.12 6.58 -16.93
N ASN B 43 -59.16 7.11 -17.72
CA ASN B 43 -59.17 6.99 -19.18
C ASN B 43 -58.46 5.68 -19.52
N HIS B 44 -59.24 4.69 -19.96
CA HIS B 44 -58.72 3.38 -20.33
C HIS B 44 -57.78 3.42 -21.54
N SER B 45 -57.92 4.46 -22.39
CA SER B 45 -57.11 4.67 -23.60
C SER B 45 -55.68 5.15 -23.29
N SER B 46 -55.53 6.00 -22.26
CA SER B 46 -54.29 6.61 -21.81
C SER B 46 -53.40 5.78 -20.85
N LYS B 47 -52.20 6.30 -20.63
CA LYS B 47 -51.16 5.69 -19.76
C LYS B 47 -51.40 6.05 -18.30
N THR B 48 -50.71 5.35 -17.40
CA THR B 48 -50.87 5.56 -15.97
C THR B 48 -49.54 5.77 -15.29
N PHE B 49 -49.53 6.76 -14.39
CA PHE B 49 -48.40 7.08 -13.54
C PHE B 49 -48.83 6.80 -12.11
N MET B 50 -48.00 6.06 -11.37
CA MET B 50 -48.26 5.82 -9.96
C MET B 50 -47.16 6.47 -9.12
N VAL B 51 -47.52 7.55 -8.42
CA VAL B 51 -46.63 8.29 -7.55
C VAL B 51 -46.65 7.61 -6.19
N ILE B 52 -45.49 7.08 -5.76
CA ILE B 52 -45.34 6.36 -4.48
C ILE B 52 -44.36 7.16 -3.58
N HIS B 53 -44.87 7.82 -2.53
CA HIS B 53 -44.10 8.63 -1.57
C HIS B 53 -43.14 7.75 -0.75
N GLY B 54 -42.33 8.35 0.12
CA GLY B 54 -41.40 7.59 0.95
C GLY B 54 -41.65 7.78 2.43
N TRP B 55 -40.54 7.80 3.21
CA TRP B 55 -40.55 7.94 4.67
C TRP B 55 -41.00 9.34 5.06
N THR B 56 -41.75 9.47 6.16
CA THR B 56 -42.29 10.73 6.68
C THR B 56 -42.49 10.60 8.17
N VAL B 57 -42.10 11.63 8.92
CA VAL B 57 -42.27 11.72 10.35
C VAL B 57 -43.66 12.31 10.67
N THR B 58 -44.37 12.93 9.69
CA THR B 58 -45.64 13.63 9.93
C THR B 58 -46.91 12.88 9.55
N GLY B 59 -46.85 12.00 8.53
CA GLY B 59 -48.03 11.28 8.07
C GLY B 59 -48.88 12.09 7.09
N MET B 60 -48.33 13.23 6.59
CA MET B 60 -48.92 14.10 5.57
C MET B 60 -48.08 14.02 4.30
N TYR B 61 -48.69 14.31 3.15
CA TYR B 61 -47.97 14.32 1.88
C TYR B 61 -47.13 15.57 1.87
N GLU B 62 -45.89 15.48 1.37
CA GLU B 62 -45.00 16.64 1.30
C GLU B 62 -45.42 17.59 0.20
N SER B 63 -44.85 18.79 0.19
CA SER B 63 -45.11 19.87 -0.79
C SER B 63 -44.87 19.47 -2.28
N TRP B 64 -43.99 18.49 -2.53
CA TRP B 64 -43.64 18.06 -3.88
C TRP B 64 -44.74 17.24 -4.56
N VAL B 65 -45.61 16.58 -3.75
CA VAL B 65 -46.66 15.70 -4.29
C VAL B 65 -47.58 16.47 -5.26
N PRO B 66 -48.20 17.63 -4.93
CA PRO B 66 -49.02 18.31 -5.96
C PRO B 66 -48.18 18.81 -7.12
N LYS B 67 -46.91 19.25 -6.85
CA LYS B 67 -46.01 19.73 -7.91
C LYS B 67 -45.76 18.66 -8.98
N LEU B 68 -45.48 17.41 -8.55
CA LEU B 68 -45.20 16.30 -9.45
C LEU B 68 -46.44 15.94 -10.25
N VAL B 69 -47.58 15.79 -9.57
CA VAL B 69 -48.88 15.48 -10.19
C VAL B 69 -49.20 16.55 -11.28
N ALA B 70 -49.09 17.86 -10.91
CA ALA B 70 -49.30 18.99 -11.80
C ALA B 70 -48.41 18.93 -13.06
N ALA B 71 -47.13 18.60 -12.89
CA ALA B 71 -46.18 18.51 -14.01
C ALA B 71 -46.48 17.32 -14.93
N LEU B 72 -46.93 16.19 -14.37
CA LEU B 72 -47.26 15.00 -15.19
C LEU B 72 -48.46 15.30 -16.04
N TYR B 73 -49.40 16.08 -15.51
CA TYR B 73 -50.59 16.48 -16.24
C TYR B 73 -50.34 17.60 -17.23
N LYS B 74 -49.23 18.34 -17.10
CA LYS B 74 -48.88 19.41 -18.03
C LYS B 74 -48.27 18.74 -19.24
N ARG B 75 -47.33 17.80 -19.01
CA ARG B 75 -46.62 17.04 -20.02
C ARG B 75 -47.49 15.99 -20.71
N GLU B 76 -48.35 15.29 -19.94
CA GLU B 76 -49.24 14.22 -20.41
C GLU B 76 -50.70 14.54 -19.98
N PRO B 77 -51.39 15.46 -20.69
CA PRO B 77 -52.72 15.90 -20.23
C PRO B 77 -53.86 14.87 -20.26
N ASP B 78 -53.69 13.76 -20.96
CA ASP B 78 -54.72 12.74 -21.11
C ASP B 78 -54.49 11.52 -20.22
N SER B 79 -53.34 11.42 -19.56
CA SER B 79 -52.99 10.28 -18.70
C SER B 79 -53.78 10.22 -17.38
N ASN B 80 -53.50 9.16 -16.59
CA ASN B 80 -54.10 8.91 -15.27
C ASN B 80 -52.96 8.99 -14.26
N VAL B 81 -53.06 9.91 -13.30
CA VAL B 81 -52.02 10.06 -12.31
C VAL B 81 -52.61 9.59 -11.00
N ILE B 82 -52.18 8.39 -10.57
CA ILE B 82 -52.58 7.79 -9.31
C ILE B 82 -51.52 8.05 -8.21
N VAL B 83 -51.97 8.58 -7.07
CA VAL B 83 -51.13 8.80 -5.90
C VAL B 83 -51.43 7.66 -4.92
N VAL B 84 -50.39 6.91 -4.52
CA VAL B 84 -50.50 5.81 -3.55
C VAL B 84 -50.31 6.34 -2.14
N ASP B 85 -51.30 6.11 -1.26
CA ASP B 85 -51.25 6.51 0.14
C ASP B 85 -50.81 5.33 1.02
N TRP B 86 -49.64 5.44 1.65
CA TRP B 86 -49.16 4.46 2.62
C TRP B 86 -48.57 5.22 3.82
N LEU B 87 -49.12 6.42 4.04
CA LEU B 87 -48.73 7.38 5.08
C LEU B 87 -48.63 6.76 6.52
N SER B 88 -49.57 5.87 6.93
CA SER B 88 -49.57 5.21 8.26
C SER B 88 -48.31 4.33 8.45
N ARG B 89 -48.03 3.51 7.44
CA ARG B 89 -46.89 2.62 7.43
C ARG B 89 -45.57 3.39 7.19
N ALA B 90 -45.64 4.58 6.55
CA ALA B 90 -44.48 5.40 6.20
C ALA B 90 -44.07 6.34 7.34
N GLN B 91 -45.00 6.58 8.30
CA GLN B 91 -44.81 7.47 9.46
C GLN B 91 -44.55 6.59 10.63
N GLU B 92 -43.44 5.84 10.63
CA GLU B 92 -43.12 4.90 11.70
C GLU B 92 -41.60 4.91 11.85
N HIS B 93 -41.00 4.22 12.86
CA HIS B 93 -39.55 4.18 13.02
C HIS B 93 -38.96 3.64 11.72
N TYR B 94 -38.00 4.38 11.16
CA TYR B 94 -37.46 4.05 9.85
C TYR B 94 -37.24 2.52 9.57
N PRO B 95 -36.48 1.70 10.36
CA PRO B 95 -36.29 0.29 9.97
C PRO B 95 -37.57 -0.49 9.86
N VAL B 96 -38.60 -0.07 10.60
CA VAL B 96 -39.96 -0.67 10.59
C VAL B 96 -40.61 -0.30 9.27
N SER B 97 -40.60 1.03 8.92
CA SER B 97 -41.16 1.58 7.67
C SER B 97 -40.47 0.93 6.46
N ALA B 98 -39.13 0.72 6.56
CA ALA B 98 -38.29 0.05 5.58
C ALA B 98 -38.84 -1.35 5.36
N GLY B 99 -39.24 -2.05 6.45
CA GLY B 99 -39.88 -3.37 6.41
C GLY B 99 -41.18 -3.37 5.62
N TYR B 100 -42.06 -2.40 5.89
CA TYR B 100 -43.33 -2.24 5.21
C TYR B 100 -43.25 -2.06 3.70
N THR B 101 -42.07 -1.79 3.11
CA THR B 101 -41.98 -1.66 1.65
C THR B 101 -42.42 -2.95 0.96
N LYS B 102 -42.21 -4.14 1.59
CA LYS B 102 -42.64 -5.46 1.10
C LYS B 102 -44.17 -5.49 0.97
N LEU B 103 -44.90 -5.07 2.04
CA LEU B 103 -46.36 -4.98 2.09
C LEU B 103 -46.94 -3.97 1.13
N VAL B 104 -46.36 -2.76 1.04
CA VAL B 104 -46.79 -1.72 0.12
C VAL B 104 -46.55 -2.18 -1.32
N GLY B 105 -45.41 -2.83 -1.56
CA GLY B 105 -45.09 -3.41 -2.86
C GLY B 105 -46.16 -4.41 -3.26
N GLN B 106 -46.55 -5.29 -2.31
CA GLN B 106 -47.62 -6.26 -2.51
C GLN B 106 -48.98 -5.59 -2.81
N ASP B 107 -49.37 -4.57 -2.00
CA ASP B 107 -50.62 -3.81 -2.17
C ASP B 107 -50.72 -3.25 -3.61
N VAL B 108 -49.65 -2.54 -4.06
CA VAL B 108 -49.56 -1.96 -5.37
C VAL B 108 -49.70 -3.03 -6.48
N ALA B 109 -48.93 -4.12 -6.38
CA ALA B 109 -48.96 -5.20 -7.36
C ALA B 109 -50.36 -5.80 -7.48
N ARG B 110 -51.02 -6.04 -6.34
CA ARG B 110 -52.38 -6.58 -6.34
C ARG B 110 -53.32 -5.62 -7.03
N PHE B 111 -53.19 -4.31 -6.77
CA PHE B 111 -54.01 -3.28 -7.40
C PHE B 111 -53.82 -3.27 -8.91
N ILE B 112 -52.55 -3.31 -9.36
CA ILE B 112 -52.18 -3.31 -10.79
C ILE B 112 -52.74 -4.59 -11.45
N ASN B 113 -52.49 -5.76 -10.84
CA ASN B 113 -52.99 -7.06 -11.31
C ASN B 113 -54.51 -7.08 -11.44
N TRP B 114 -55.22 -6.39 -10.52
CA TRP B 114 -56.67 -6.27 -10.54
C TRP B 114 -57.12 -5.46 -11.75
N MET B 115 -56.43 -4.35 -12.01
CA MET B 115 -56.67 -3.47 -13.15
C MET B 115 -56.52 -4.23 -14.46
N GLU B 116 -55.53 -5.14 -14.52
CA GLU B 116 -55.21 -5.96 -15.67
C GLU B 116 -56.31 -6.97 -15.91
N GLU B 117 -56.72 -7.67 -14.83
CA GLU B 117 -57.72 -8.74 -14.86
C GLU B 117 -59.11 -8.21 -15.12
N GLU B 118 -59.54 -7.19 -14.36
CA GLU B 118 -60.89 -6.65 -14.43
C GLU B 118 -61.20 -5.84 -15.66
N PHE B 119 -60.25 -5.00 -16.10
CA PHE B 119 -60.49 -4.08 -17.24
C PHE B 119 -59.62 -4.36 -18.44
N ASN B 120 -58.75 -5.39 -18.36
CA ASN B 120 -57.80 -5.77 -19.40
C ASN B 120 -56.93 -4.57 -19.78
N TYR B 121 -56.55 -3.79 -18.74
CA TYR B 121 -55.69 -2.63 -18.87
C TYR B 121 -54.25 -3.13 -19.03
N PRO B 122 -53.53 -2.66 -20.07
CA PRO B 122 -52.15 -3.14 -20.27
C PRO B 122 -51.15 -2.53 -19.31
N LEU B 123 -50.28 -3.40 -18.76
CA LEU B 123 -49.18 -3.04 -17.86
C LEU B 123 -48.05 -2.33 -18.61
N ASP B 124 -48.03 -2.46 -19.94
CA ASP B 124 -47.08 -1.73 -20.78
C ASP B 124 -47.41 -0.23 -20.77
N ASN B 125 -48.59 0.14 -20.21
CA ASN B 125 -49.03 1.53 -20.09
C ASN B 125 -48.77 2.11 -18.69
N VAL B 126 -48.12 1.30 -17.81
CA VAL B 126 -47.87 1.67 -16.41
C VAL B 126 -46.42 2.15 -16.14
N HIS B 127 -46.33 3.35 -15.52
CA HIS B 127 -45.10 4.03 -15.12
C HIS B 127 -45.15 4.29 -13.61
N LEU B 128 -44.21 3.65 -12.87
CA LEU B 128 -44.11 3.82 -11.42
C LEU B 128 -43.01 4.79 -11.04
N LEU B 129 -43.38 5.85 -10.28
CA LEU B 129 -42.43 6.87 -9.80
C LEU B 129 -42.40 6.77 -8.29
N GLY B 130 -41.30 6.26 -7.78
CA GLY B 130 -41.14 6.10 -6.34
C GLY B 130 -40.00 6.92 -5.77
N TYR B 131 -40.24 7.60 -4.63
CA TYR B 131 -39.26 8.45 -3.93
C TYR B 131 -38.89 7.82 -2.63
N SER B 132 -37.61 7.92 -2.25
CA SER B 132 -37.19 7.38 -0.95
C SER B 132 -37.59 5.86 -0.85
N LEU B 133 -38.33 5.41 0.17
CA LEU B 133 -38.77 4.02 0.31
C LEU B 133 -39.81 3.61 -0.75
N GLY B 134 -40.51 4.59 -1.33
CA GLY B 134 -41.47 4.37 -2.40
C GLY B 134 -40.80 3.79 -3.63
N ALA B 135 -39.51 4.14 -3.85
CA ALA B 135 -38.70 3.60 -4.95
C ALA B 135 -38.61 2.07 -4.79
N HIS B 136 -38.37 1.60 -3.55
CA HIS B 136 -38.26 0.17 -3.28
C HIS B 136 -39.64 -0.48 -3.24
N ALA B 137 -40.67 0.22 -2.72
CA ALA B 137 -42.05 -0.25 -2.76
C ALA B 137 -42.44 -0.47 -4.25
N ALA B 138 -42.04 0.45 -5.14
CA ALA B 138 -42.23 0.35 -6.58
C ALA B 138 -41.49 -0.87 -7.18
N GLY B 139 -40.27 -1.10 -6.74
CA GLY B 139 -39.45 -2.23 -7.17
C GLY B 139 -40.08 -3.56 -6.80
N ILE B 140 -40.51 -3.67 -5.54
CA ILE B 140 -41.16 -4.89 -5.07
C ILE B 140 -42.48 -5.14 -5.85
N ALA B 141 -43.27 -4.06 -6.07
CA ALA B 141 -44.53 -4.08 -6.82
C ALA B 141 -44.29 -4.61 -8.22
N GLY B 142 -43.25 -4.10 -8.88
CA GLY B 142 -42.87 -4.51 -10.22
C GLY B 142 -42.46 -5.96 -10.29
N SER B 143 -41.76 -6.44 -9.25
CA SER B 143 -41.32 -7.83 -9.18
C SER B 143 -42.46 -8.79 -8.88
N LEU B 144 -43.63 -8.29 -8.46
CA LEU B 144 -44.79 -9.14 -8.14
C LEU B 144 -45.98 -9.04 -9.13
N THR B 145 -45.92 -8.15 -10.17
CA THR B 145 -47.02 -8.08 -11.14
C THR B 145 -46.99 -9.29 -12.11
N ASN B 146 -48.16 -9.65 -12.65
CA ASN B 146 -48.35 -10.77 -13.59
C ASN B 146 -47.49 -10.64 -14.85
N LYS B 147 -47.40 -9.41 -15.37
CA LYS B 147 -46.61 -9.03 -16.52
C LYS B 147 -45.66 -7.89 -16.04
N LYS B 148 -44.62 -7.55 -16.84
CA LYS B 148 -43.72 -6.48 -16.46
C LYS B 148 -44.31 -5.11 -16.81
N VAL B 149 -44.14 -4.15 -15.89
CA VAL B 149 -44.58 -2.80 -16.09
C VAL B 149 -43.56 -2.13 -16.98
N ASN B 150 -44.01 -1.13 -17.73
CA ASN B 150 -43.20 -0.44 -18.69
C ASN B 150 -41.95 0.22 -18.14
N ARG B 151 -42.09 0.99 -17.04
CA ARG B 151 -41.01 1.80 -16.50
C ARG B 151 -41.18 2.06 -15.01
N ILE B 152 -40.03 2.17 -14.32
CA ILE B 152 -39.93 2.57 -12.92
C ILE B 152 -38.87 3.65 -12.81
N THR B 153 -39.24 4.79 -12.25
CA THR B 153 -38.30 5.88 -11.98
C THR B 153 -38.03 5.88 -10.47
N GLY B 154 -36.77 5.79 -10.09
CA GLY B 154 -36.35 5.81 -8.70
C GLY B 154 -35.83 7.21 -8.41
N LEU B 155 -36.48 7.93 -7.49
CA LEU B 155 -36.10 9.28 -7.12
C LEU B 155 -35.44 9.21 -5.75
N ASP B 156 -34.10 9.29 -5.76
CA ASP B 156 -33.15 9.07 -4.67
C ASP B 156 -33.66 7.95 -3.71
N PRO B 157 -33.55 6.68 -4.16
CA PRO B 157 -34.03 5.55 -3.34
C PRO B 157 -33.33 5.43 -2.00
N ALA B 158 -34.09 5.03 -0.98
CA ALA B 158 -33.56 4.90 0.38
C ALA B 158 -32.33 3.99 0.44
N GLY B 159 -31.31 4.47 1.13
CA GLY B 159 -30.05 3.77 1.26
C GLY B 159 -29.97 2.90 2.50
N PRO B 160 -30.26 3.43 3.74
CA PRO B 160 -30.18 2.56 4.93
C PRO B 160 -31.03 1.29 4.84
N ASN B 161 -30.38 0.14 5.06
CA ASN B 161 -31.00 -1.19 5.03
C ASN B 161 -31.37 -1.65 3.61
N PHE B 162 -30.86 -0.94 2.58
CA PHE B 162 -31.15 -1.31 1.19
C PHE B 162 -29.90 -1.47 0.39
N GLU B 163 -28.83 -0.74 0.77
CA GLU B 163 -27.51 -0.76 0.13
C GLU B 163 -27.02 -2.18 -0.04
N TYR B 164 -27.20 -3.01 1.01
CA TYR B 164 -26.76 -4.39 0.95
C TYR B 164 -27.91 -5.38 0.87
N ALA B 165 -29.13 -4.90 0.55
CA ALA B 165 -30.28 -5.78 0.38
C ALA B 165 -30.18 -6.46 -1.00
N GLU B 166 -30.73 -7.67 -1.10
CA GLU B 166 -30.71 -8.41 -2.36
C GLU B 166 -31.81 -7.92 -3.29
N ALA B 167 -31.64 -8.08 -4.63
CA ALA B 167 -32.61 -7.63 -5.65
C ALA B 167 -34.11 -7.82 -5.30
N PRO B 168 -34.61 -8.95 -4.73
CA PRO B 168 -36.05 -9.03 -4.43
C PRO B 168 -36.59 -8.11 -3.31
N SER B 169 -35.72 -7.64 -2.42
CA SER B 169 -36.08 -6.81 -1.26
C SER B 169 -35.94 -5.31 -1.46
N ARG B 170 -35.37 -4.90 -2.61
CA ARG B 170 -35.16 -3.50 -3.00
C ARG B 170 -35.44 -3.33 -4.49
N LEU B 171 -35.39 -2.06 -4.99
CA LEU B 171 -35.49 -1.78 -6.42
C LEU B 171 -34.23 -2.34 -7.11
N SER B 172 -34.41 -2.99 -8.28
CA SER B 172 -33.37 -3.62 -9.10
C SER B 172 -33.82 -3.62 -10.59
N PRO B 173 -32.94 -3.80 -11.61
CA PRO B 173 -33.38 -3.66 -13.00
C PRO B 173 -34.39 -4.68 -13.49
N ASP B 174 -34.50 -5.84 -12.81
CA ASP B 174 -35.46 -6.87 -13.21
C ASP B 174 -36.90 -6.51 -12.85
N ASP B 175 -37.11 -5.43 -12.06
CA ASP B 175 -38.41 -5.04 -11.56
C ASP B 175 -39.31 -4.43 -12.62
N ALA B 176 -38.78 -3.96 -13.75
CA ALA B 176 -39.62 -3.39 -14.83
C ALA B 176 -38.92 -3.55 -16.17
N ASP B 177 -39.59 -3.13 -17.27
CA ASP B 177 -38.93 -3.20 -18.58
C ASP B 177 -37.78 -2.20 -18.60
N PHE B 178 -38.00 -1.02 -17.99
CA PHE B 178 -36.96 0.00 -17.88
C PHE B 178 -36.95 0.66 -16.50
N VAL B 179 -35.78 0.63 -15.84
CA VAL B 179 -35.56 1.22 -14.53
C VAL B 179 -34.51 2.35 -14.62
N ASP B 180 -34.94 3.60 -14.44
CA ASP B 180 -34.07 4.77 -14.40
C ASP B 180 -34.02 5.30 -12.97
N VAL B 181 -32.84 5.66 -12.50
CA VAL B 181 -32.65 6.09 -11.12
C VAL B 181 -31.81 7.41 -10.95
N LEU B 182 -32.34 8.43 -10.21
CA LEU B 182 -31.55 9.65 -9.92
C LEU B 182 -31.06 9.56 -8.50
N HIS B 183 -29.75 9.58 -8.30
CA HIS B 183 -29.13 9.50 -6.98
C HIS B 183 -28.67 10.91 -6.70
N THR B 184 -29.30 11.61 -5.72
CA THR B 184 -28.99 13.04 -5.46
C THR B 184 -28.46 13.40 -4.02
N PHE B 185 -28.44 12.44 -3.05
CA PHE B 185 -27.96 12.63 -1.69
C PHE B 185 -27.32 11.35 -1.18
N THR B 186 -26.17 11.00 -1.73
CA THR B 186 -25.44 9.78 -1.41
C THR B 186 -24.30 10.06 -0.47
N ARG B 187 -24.24 11.30 0.11
CA ARG B 187 -23.20 11.69 1.07
C ARG B 187 -23.21 10.68 2.22
N GLY B 188 -22.03 10.22 2.59
CA GLY B 188 -21.87 9.30 3.71
C GLY B 188 -21.20 8.00 3.36
N SER B 189 -20.93 7.19 4.39
CA SER B 189 -20.34 5.86 4.23
C SER B 189 -21.37 4.92 3.56
N PRO B 190 -20.93 3.84 2.87
CA PRO B 190 -21.90 2.94 2.23
C PRO B 190 -22.85 2.29 3.25
N GLY B 191 -24.15 2.34 2.95
CA GLY B 191 -25.19 1.81 3.83
C GLY B 191 -25.59 2.80 4.90
N ARG B 192 -24.87 3.94 4.96
CA ARG B 192 -25.10 5.00 5.93
C ARG B 192 -25.53 6.36 5.27
N SER B 193 -25.63 6.40 3.93
CA SER B 193 -26.08 7.55 3.15
C SER B 193 -27.62 7.51 3.13
N ILE B 194 -28.32 8.66 2.97
CA ILE B 194 -29.80 8.67 2.91
C ILE B 194 -30.27 8.13 1.54
N GLY B 195 -29.54 8.50 0.50
CA GLY B 195 -29.76 7.96 -0.84
C GLY B 195 -28.86 6.76 -1.07
N ILE B 196 -29.37 5.72 -1.76
CA ILE B 196 -28.62 4.50 -2.11
C ILE B 196 -27.43 4.87 -3.02
N GLN B 197 -26.26 4.26 -2.82
CA GLN B 197 -25.05 4.59 -3.59
C GLN B 197 -24.88 3.73 -4.84
N LYS B 198 -25.12 2.42 -4.71
CA LYS B 198 -24.97 1.47 -5.80
C LYS B 198 -26.00 1.66 -6.89
N PRO B 199 -25.64 1.36 -8.16
CA PRO B 199 -26.63 1.44 -9.25
C PRO B 199 -27.69 0.35 -9.09
N VAL B 200 -28.97 0.71 -9.25
CA VAL B 200 -30.09 -0.21 -9.08
C VAL B 200 -31.01 -0.24 -10.28
N GLY B 201 -30.63 0.46 -11.34
CA GLY B 201 -31.43 0.48 -12.56
C GLY B 201 -30.65 0.09 -13.79
N HIS B 202 -31.24 0.31 -14.95
CA HIS B 202 -30.61 0.15 -16.27
C HIS B 202 -29.73 1.40 -16.47
N VAL B 203 -30.26 2.60 -16.07
CA VAL B 203 -29.59 3.89 -16.10
C VAL B 203 -29.63 4.46 -14.67
N ASP B 204 -28.48 4.89 -14.17
CA ASP B 204 -28.32 5.48 -12.84
C ASP B 204 -27.59 6.80 -12.99
N ILE B 205 -28.33 7.89 -12.86
CA ILE B 205 -27.80 9.23 -13.00
C ILE B 205 -27.45 9.76 -11.63
N TYR B 206 -26.25 10.34 -11.51
CA TYR B 206 -25.71 10.91 -10.30
C TYR B 206 -25.51 12.40 -10.53
N PRO B 207 -26.59 13.26 -10.46
CA PRO B 207 -26.40 14.69 -10.67
C PRO B 207 -25.42 15.25 -9.63
N ASN B 208 -24.41 15.99 -10.14
CA ASN B 208 -23.32 16.62 -9.41
C ASN B 208 -22.58 15.62 -8.53
N GLY B 209 -22.40 14.39 -9.06
CA GLY B 209 -21.73 13.27 -8.38
C GLY B 209 -22.63 12.49 -7.45
N GLY B 210 -23.83 13.03 -7.22
CA GLY B 210 -24.85 12.46 -6.36
C GLY B 210 -24.67 12.64 -4.87
N THR B 211 -23.51 13.14 -4.39
CA THR B 211 -23.23 13.29 -2.95
C THR B 211 -24.14 14.36 -2.32
N PHE B 212 -24.23 15.53 -2.96
CA PHE B 212 -25.13 16.61 -2.55
C PHE B 212 -25.37 17.53 -3.71
N GLN B 213 -26.41 18.35 -3.59
CA GLN B 213 -26.86 19.19 -4.68
C GLN B 213 -26.52 20.64 -4.54
N PRO B 214 -26.27 21.37 -5.68
CA PRO B 214 -25.99 22.80 -5.60
C PRO B 214 -27.19 23.55 -5.06
N GLY B 215 -26.92 24.41 -4.09
CA GLY B 215 -27.92 25.22 -3.41
C GLY B 215 -28.49 24.55 -2.20
N CYS B 216 -28.02 23.31 -1.91
CA CYS B 216 -28.53 22.49 -0.81
C CYS B 216 -27.63 22.41 0.35
N ASN B 217 -26.33 22.25 0.11
CA ASN B 217 -25.38 22.12 1.21
C ASN B 217 -24.96 23.49 1.74
N ILE B 218 -24.20 23.51 2.87
CA ILE B 218 -23.72 24.77 3.46
C ILE B 218 -22.47 25.30 2.71
N GLY B 219 -21.49 24.42 2.48
CA GLY B 219 -20.22 24.74 1.85
C GLY B 219 -19.18 24.70 2.94
N GLU B 220 -18.15 23.83 2.78
CA GLU B 220 -17.08 23.59 3.76
C GLU B 220 -16.51 24.86 4.43
N ALA B 221 -16.40 25.97 3.68
CA ALA B 221 -15.90 27.25 4.21
C ALA B 221 -16.80 27.88 5.30
N ILE B 222 -18.13 27.94 5.06
CA ILE B 222 -19.10 28.45 6.04
C ILE B 222 -19.22 27.46 7.22
N ARG B 223 -19.17 26.12 6.98
CA ARG B 223 -19.24 25.15 8.09
C ARG B 223 -18.05 25.25 9.07
N VAL B 224 -16.85 25.62 8.53
CA VAL B 224 -15.64 25.83 9.34
C VAL B 224 -15.84 27.10 10.20
N ILE B 225 -16.32 28.18 9.59
CA ILE B 225 -16.55 29.48 10.23
C ILE B 225 -17.67 29.43 11.29
N ALA B 226 -18.77 28.69 11.00
CA ALA B 226 -19.94 28.50 11.89
C ALA B 226 -19.60 27.75 13.18
N GLU B 227 -18.51 26.93 13.11
CA GLU B 227 -17.93 26.11 14.17
C GLU B 227 -18.96 25.12 14.78
N ARG B 228 -18.99 25.06 16.14
CA ARG B 228 -19.85 24.23 16.99
C ARG B 228 -21.34 24.31 16.63
N GLY B 229 -21.82 25.53 16.35
CA GLY B 229 -23.22 25.84 16.06
C GLY B 229 -23.95 25.03 15.01
N LEU B 230 -23.53 25.14 13.75
CA LEU B 230 -24.19 24.45 12.64
C LEU B 230 -23.97 22.96 12.51
N GLY B 231 -25.09 22.29 12.25
CA GLY B 231 -25.18 20.87 11.98
C GLY B 231 -25.48 20.60 10.52
N ASP B 232 -25.97 19.39 10.21
CA ASP B 232 -26.28 18.95 8.86
C ASP B 232 -27.69 19.39 8.49
N VAL B 233 -27.82 20.66 8.08
CA VAL B 233 -29.12 21.28 7.75
C VAL B 233 -29.75 20.63 6.50
N ASP B 234 -28.94 20.35 5.48
CA ASP B 234 -29.40 19.71 4.27
C ASP B 234 -30.07 18.35 4.56
N GLN B 235 -29.48 17.55 5.51
CA GLN B 235 -30.04 16.24 5.88
C GLN B 235 -31.42 16.46 6.48
N LEU B 236 -31.48 17.33 7.50
CA LEU B 236 -32.65 17.65 8.27
C LEU B 236 -33.76 18.17 7.41
N VAL B 237 -33.48 19.17 6.59
CA VAL B 237 -34.45 19.82 5.70
C VAL B 237 -34.82 18.93 4.47
N LYS B 238 -34.00 17.90 4.14
CA LYS B 238 -34.20 17.00 2.99
C LYS B 238 -33.98 17.67 1.60
N CYS B 239 -33.17 18.76 1.51
CA CYS B 239 -32.95 19.52 0.26
C CYS B 239 -32.40 18.65 -0.92
N SER B 240 -31.20 18.08 -0.74
CA SER B 240 -30.53 17.29 -1.75
C SER B 240 -31.32 16.07 -2.09
N HIS B 241 -32.00 15.51 -1.09
CA HIS B 241 -32.75 14.27 -1.24
C HIS B 241 -33.90 14.50 -2.16
N GLU B 242 -34.69 15.56 -1.90
CA GLU B 242 -35.85 15.99 -2.67
C GLU B 242 -35.51 16.58 -4.05
N ARG B 243 -34.23 16.97 -4.29
CA ARG B 243 -33.81 17.55 -5.57
C ARG B 243 -34.05 16.56 -6.74
N SER B 244 -33.93 15.26 -6.46
CA SER B 244 -34.23 14.21 -7.41
C SER B 244 -35.64 14.41 -8.05
N ILE B 245 -36.66 14.74 -7.23
CA ILE B 245 -38.02 14.99 -7.70
C ILE B 245 -38.08 16.26 -8.58
N HIS B 246 -37.49 17.36 -8.09
CA HIS B 246 -37.48 18.64 -8.82
C HIS B 246 -36.76 18.56 -10.16
N LEU B 247 -35.70 17.70 -10.25
CA LEU B 247 -34.98 17.46 -11.51
C LEU B 247 -35.92 16.78 -12.48
N PHE B 248 -36.71 15.77 -11.96
CA PHE B 248 -37.69 15.05 -12.77
C PHE B 248 -38.81 15.99 -13.27
N ILE B 249 -39.38 16.83 -12.36
CA ILE B 249 -40.41 17.82 -12.69
C ILE B 249 -39.89 18.75 -13.83
N ASP B 250 -38.64 19.21 -13.71
CA ASP B 250 -38.02 20.10 -14.68
C ASP B 250 -38.05 19.43 -16.04
N SER B 251 -37.66 18.14 -16.10
CA SER B 251 -37.65 17.34 -17.32
C SER B 251 -39.04 17.21 -17.97
N LEU B 252 -40.14 17.29 -17.18
CA LEU B 252 -41.52 17.20 -17.68
C LEU B 252 -41.98 18.54 -18.24
N LEU B 253 -41.42 19.63 -17.72
CA LEU B 253 -41.78 20.99 -18.11
C LEU B 253 -40.86 21.54 -19.23
N ASN B 254 -39.78 20.83 -19.53
CA ASN B 254 -38.84 21.24 -20.57
C ASN B 254 -38.56 20.05 -21.49
N GLU B 255 -39.65 19.59 -22.15
CA GLU B 255 -39.65 18.46 -23.08
C GLU B 255 -38.62 18.66 -24.21
N GLU B 256 -38.54 19.90 -24.73
CA GLU B 256 -37.69 20.31 -25.83
C GLU B 256 -36.21 20.51 -25.46
N ASN B 257 -35.89 20.81 -24.18
CA ASN B 257 -34.50 20.99 -23.81
C ASN B 257 -34.15 20.18 -22.55
N PRO B 258 -33.90 18.86 -22.74
CA PRO B 258 -33.50 18.04 -21.60
C PRO B 258 -32.02 18.23 -21.26
N SER B 259 -31.65 17.89 -20.01
CA SER B 259 -30.26 17.92 -19.59
C SER B 259 -29.70 16.60 -20.06
N LYS B 260 -28.43 16.58 -20.41
CA LYS B 260 -27.73 15.38 -20.84
C LYS B 260 -26.94 14.82 -19.66
N ALA B 261 -26.90 13.50 -19.53
CA ALA B 261 -26.12 12.78 -18.52
C ALA B 261 -25.04 12.04 -19.32
N TYR B 262 -23.87 11.86 -18.74
CA TYR B 262 -22.74 11.26 -19.43
C TYR B 262 -22.18 10.07 -18.70
N ARG B 263 -22.12 8.91 -19.37
CA ARG B 263 -21.56 7.66 -18.82
C ARG B 263 -20.12 7.91 -18.46
N CYS B 264 -19.69 7.39 -17.30
CA CYS B 264 -18.35 7.64 -16.81
C CYS B 264 -17.88 6.62 -15.77
N SER B 265 -16.56 6.39 -15.74
CA SER B 265 -15.90 5.45 -14.84
C SER B 265 -16.01 5.89 -13.38
N SER B 266 -15.94 7.23 -13.13
CA SER B 266 -16.02 7.81 -11.80
C SER B 266 -16.41 9.28 -11.85
N LYS B 267 -16.84 9.83 -10.69
CA LYS B 267 -17.18 11.26 -10.58
C LYS B 267 -15.94 12.11 -10.72
N GLU B 268 -14.81 11.57 -10.22
CA GLU B 268 -13.50 12.19 -10.26
C GLU B 268 -13.03 12.31 -11.71
N ALA B 269 -13.27 11.24 -12.54
CA ALA B 269 -12.93 11.23 -13.96
C ALA B 269 -13.81 12.22 -14.70
N PHE B 270 -15.13 12.24 -14.39
CA PHE B 270 -16.08 13.15 -15.00
C PHE B 270 -15.69 14.62 -14.74
N GLU B 271 -15.25 14.93 -13.50
CA GLU B 271 -14.80 16.26 -13.06
C GLU B 271 -13.55 16.74 -13.80
N LYS B 272 -12.71 15.78 -14.26
CA LYS B 272 -11.53 16.07 -15.06
C LYS B 272 -11.92 16.31 -16.54
N GLY B 273 -13.22 16.21 -16.86
CA GLY B 273 -13.77 16.43 -18.20
C GLY B 273 -13.50 15.31 -19.19
N LEU B 274 -13.11 14.13 -18.68
CA LEU B 274 -12.74 13.01 -19.53
C LEU B 274 -13.93 12.22 -20.11
N CYS B 275 -15.15 12.38 -19.52
CA CYS B 275 -16.38 11.69 -19.98
C CYS B 275 -17.38 12.68 -20.55
N LEU B 276 -17.32 12.94 -21.84
CA LEU B 276 -18.26 13.89 -22.46
C LEU B 276 -18.76 13.36 -23.83
N SER B 277 -18.69 12.03 -24.04
CA SER B 277 -19.04 11.32 -25.28
C SER B 277 -20.52 11.02 -25.42
N CYS B 278 -20.96 10.80 -26.68
CA CYS B 278 -22.34 10.46 -27.08
C CYS B 278 -22.39 9.30 -28.10
N ARG B 279 -21.27 8.59 -28.23
CA ARG B 279 -21.11 7.44 -29.10
C ARG B 279 -21.53 6.19 -28.35
N LYS B 280 -22.30 5.31 -29.00
CA LYS B 280 -22.75 4.02 -28.44
C LYS B 280 -23.49 4.20 -27.10
N ASN B 281 -24.44 5.16 -27.10
CA ASN B 281 -25.29 5.54 -25.96
C ASN B 281 -24.49 5.95 -24.71
N ARG B 282 -23.35 6.67 -24.91
CA ARG B 282 -22.51 7.12 -23.80
C ARG B 282 -23.12 8.35 -23.12
N CYS B 283 -24.14 8.96 -23.74
CA CYS B 283 -24.88 10.02 -23.09
C CYS B 283 -26.35 9.73 -23.23
N ASN B 284 -27.17 10.22 -22.31
CA ASN B 284 -28.63 10.06 -22.33
C ASN B 284 -29.30 11.33 -21.82
N ASN B 285 -30.63 11.43 -21.90
CA ASN B 285 -31.32 12.61 -21.37
C ASN B 285 -31.79 12.28 -19.98
N LEU B 286 -31.56 13.22 -19.02
CA LEU B 286 -32.06 13.08 -17.65
C LEU B 286 -33.57 13.25 -17.69
N GLY B 287 -34.28 12.31 -17.06
CA GLY B 287 -35.72 12.45 -16.89
C GLY B 287 -36.64 11.71 -17.79
N TYR B 288 -37.81 12.30 -18.02
CA TYR B 288 -38.90 11.73 -18.77
C TYR B 288 -38.51 11.26 -20.15
N GLU B 289 -37.85 12.15 -20.92
CA GLU B 289 -37.39 11.93 -22.28
C GLU B 289 -36.14 10.99 -22.38
N ILE B 290 -35.82 10.20 -21.32
CA ILE B 290 -34.71 9.24 -21.35
C ILE B 290 -34.84 8.24 -22.52
N ASN B 291 -33.71 7.80 -23.07
CA ASN B 291 -33.72 6.79 -24.13
C ASN B 291 -33.60 5.46 -23.41
N LYS B 292 -34.62 4.60 -23.58
CA LYS B 292 -34.76 3.33 -22.86
C LYS B 292 -33.80 2.25 -23.34
N VAL B 293 -32.51 2.50 -23.14
CA VAL B 293 -31.46 1.57 -23.51
C VAL B 293 -31.13 0.76 -22.25
N ARG B 294 -31.33 -0.56 -22.36
CA ARG B 294 -31.10 -1.55 -21.30
C ARG B 294 -29.76 -2.24 -21.55
N ALA B 295 -28.73 -1.93 -20.73
CA ALA B 295 -27.40 -2.49 -20.93
C ALA B 295 -27.14 -3.80 -20.18
N LYS B 296 -26.01 -4.47 -20.50
CA LYS B 296 -25.54 -5.71 -19.88
C LYS B 296 -25.21 -5.45 -18.41
N ARG B 297 -24.49 -4.36 -18.14
CA ARG B 297 -24.10 -3.90 -16.79
C ARG B 297 -24.70 -2.51 -16.53
N SER B 298 -24.82 -2.12 -15.24
CA SER B 298 -25.40 -0.83 -14.84
C SER B 298 -24.53 0.40 -15.24
N SER B 299 -25.15 1.39 -15.92
CA SER B 299 -24.47 2.60 -16.39
C SER B 299 -24.53 3.81 -15.40
N LYS B 300 -23.41 4.10 -14.68
CA LYS B 300 -23.29 5.26 -13.77
C LYS B 300 -23.08 6.55 -14.63
N MET B 301 -24.08 7.42 -14.70
CA MET B 301 -24.01 8.62 -15.53
C MET B 301 -23.95 9.91 -14.72
N TYR B 302 -23.13 10.87 -15.17
CA TYR B 302 -22.92 12.10 -14.44
C TYR B 302 -23.27 13.33 -15.21
N LEU B 303 -23.47 14.44 -14.48
CA LEU B 303 -23.79 15.76 -15.03
C LEU B 303 -23.74 16.80 -13.93
N LYS B 304 -23.67 18.07 -14.34
CA LYS B 304 -23.70 19.22 -13.45
C LYS B 304 -25.03 19.88 -13.69
N THR B 305 -25.51 20.64 -12.70
CA THR B 305 -26.78 21.35 -12.78
C THR B 305 -26.60 22.67 -12.06
N ARG B 306 -27.58 23.55 -12.26
CA ARG B 306 -27.77 24.84 -11.60
C ARG B 306 -28.37 24.54 -10.19
N SER B 307 -28.40 25.56 -9.31
CA SER B 307 -29.04 25.46 -7.98
C SER B 307 -30.56 25.50 -8.08
N GLN B 308 -31.12 26.04 -9.18
CA GLN B 308 -32.58 26.26 -9.35
C GLN B 308 -33.12 25.99 -10.76
N MET B 309 -34.44 25.79 -10.87
CA MET B 309 -35.16 25.52 -12.12
C MET B 309 -35.12 26.68 -13.14
N PRO B 310 -34.79 26.45 -14.46
CA PRO B 310 -34.39 25.19 -15.14
C PRO B 310 -32.95 24.84 -14.80
N TYR B 311 -32.73 23.60 -14.45
CA TYR B 311 -31.44 23.10 -13.98
C TYR B 311 -30.34 22.90 -15.03
N LYS B 312 -30.65 22.90 -16.36
CA LYS B 312 -29.67 22.64 -17.42
C LYS B 312 -28.45 23.57 -17.45
N VAL B 313 -27.25 22.95 -17.59
CA VAL B 313 -25.96 23.60 -17.80
C VAL B 313 -25.27 22.99 -19.03
N PHE B 314 -24.30 23.72 -19.64
CA PHE B 314 -23.54 23.28 -20.79
C PHE B 314 -22.17 22.86 -20.33
N HIS B 315 -21.76 21.63 -20.71
CA HIS B 315 -20.49 21.07 -20.29
C HIS B 315 -19.44 21.18 -21.36
N TYR B 316 -18.22 21.55 -20.94
CA TYR B 316 -17.03 21.68 -21.80
C TYR B 316 -15.84 21.04 -21.14
N GLN B 317 -15.05 20.33 -21.93
CA GLN B 317 -13.76 19.83 -21.50
C GLN B 317 -12.74 20.80 -22.09
N VAL B 318 -11.77 21.23 -21.29
CA VAL B 318 -10.77 22.18 -21.73
C VAL B 318 -9.43 21.51 -21.50
N LYS B 319 -8.60 21.44 -22.57
CA LYS B 319 -7.26 20.88 -22.53
C LYS B 319 -6.25 22.00 -22.78
N ILE B 320 -5.22 22.15 -21.90
CA ILE B 320 -4.17 23.16 -22.05
C ILE B 320 -2.80 22.51 -21.89
N HIS B 321 -1.88 22.81 -22.81
CA HIS B 321 -0.49 22.35 -22.72
C HIS B 321 0.29 23.56 -22.20
N PHE B 322 0.86 23.44 -20.98
CA PHE B 322 1.57 24.57 -20.38
C PHE B 322 3.03 24.58 -20.81
N SER B 323 3.34 25.29 -21.90
CA SER B 323 4.69 25.29 -22.39
C SER B 323 5.58 26.36 -21.78
N GLY B 324 6.87 26.04 -21.66
CA GLY B 324 7.90 26.92 -21.13
C GLY B 324 9.32 26.47 -21.46
N THR B 325 10.28 27.39 -21.26
CA THR B 325 11.71 27.12 -21.51
C THR B 325 12.38 26.46 -20.29
N GLU B 326 12.13 26.99 -19.07
CA GLU B 326 12.67 26.44 -17.83
C GLU B 326 11.61 25.64 -17.05
N SER B 327 12.06 24.51 -16.47
CA SER B 327 11.22 23.60 -15.69
C SER B 327 10.80 24.20 -14.35
N GLU B 328 9.48 24.35 -14.14
CA GLU B 328 8.87 24.85 -12.91
C GLU B 328 7.58 24.09 -12.60
N THR B 329 7.29 23.88 -11.30
CA THR B 329 6.10 23.19 -10.81
C THR B 329 5.41 24.04 -9.74
N HIS B 330 4.12 24.30 -9.95
CA HIS B 330 3.28 25.09 -9.06
C HIS B 330 2.11 24.25 -8.57
N THR B 331 1.76 24.35 -7.27
CA THR B 331 0.66 23.59 -6.70
C THR B 331 -0.52 24.47 -6.30
N ASN B 332 -1.73 23.93 -6.47
CA ASN B 332 -3.02 24.56 -6.19
C ASN B 332 -3.09 26.00 -6.71
N GLN B 333 -3.07 26.10 -8.03
CA GLN B 333 -3.10 27.35 -8.76
C GLN B 333 -4.53 27.69 -9.20
N ALA B 334 -4.91 28.96 -9.05
CA ALA B 334 -6.25 29.43 -9.38
C ALA B 334 -6.25 30.19 -10.67
N PHE B 335 -7.25 29.94 -11.49
CA PHE B 335 -7.40 30.55 -12.79
C PHE B 335 -8.83 31.02 -13.02
N GLU B 336 -9.01 31.76 -14.09
CA GLU B 336 -10.32 32.25 -14.54
C GLU B 336 -10.38 32.10 -16.04
N ILE B 337 -11.44 31.47 -16.54
CA ILE B 337 -11.64 31.30 -17.97
C ILE B 337 -12.90 32.02 -18.41
N SER B 338 -12.83 32.76 -19.52
CA SER B 338 -13.94 33.54 -20.09
C SER B 338 -14.25 33.03 -21.47
N LEU B 339 -15.51 32.63 -21.71
CA LEU B 339 -15.96 32.06 -22.97
C LEU B 339 -16.87 33.04 -23.70
N TYR B 340 -16.53 33.33 -24.97
CA TYR B 340 -17.25 34.29 -25.84
C TYR B 340 -17.73 33.58 -27.09
N GLY B 341 -19.03 33.53 -27.23
CA GLY B 341 -19.64 32.87 -28.38
C GLY B 341 -20.46 33.81 -29.22
N THR B 342 -21.15 33.22 -30.22
CA THR B 342 -22.02 33.92 -31.16
C THR B 342 -23.27 34.52 -30.48
N VAL B 343 -23.92 33.72 -29.59
CA VAL B 343 -25.15 34.10 -28.88
C VAL B 343 -24.89 34.97 -27.63
N ALA B 344 -24.05 34.46 -26.72
CA ALA B 344 -23.76 35.15 -25.47
C ALA B 344 -22.34 34.88 -24.99
N GLU B 345 -22.06 35.23 -23.72
CA GLU B 345 -20.77 35.04 -23.07
C GLU B 345 -20.88 34.77 -21.58
N SER B 346 -19.90 34.04 -21.01
CA SER B 346 -19.80 33.83 -19.57
C SER B 346 -18.36 34.04 -19.17
N GLU B 347 -18.11 35.20 -18.57
CA GLU B 347 -16.81 35.69 -18.12
C GLU B 347 -16.45 35.19 -16.70
N ASN B 348 -15.16 35.23 -16.40
CA ASN B 348 -14.54 34.94 -15.12
C ASN B 348 -15.02 33.65 -14.44
N ILE B 349 -15.14 32.58 -15.22
CA ILE B 349 -15.51 31.28 -14.67
C ILE B 349 -14.26 30.80 -13.92
N PRO B 350 -14.29 30.69 -12.57
CA PRO B 350 -13.08 30.22 -11.85
C PRO B 350 -12.90 28.73 -12.05
N PHE B 351 -11.70 28.26 -11.75
CA PHE B 351 -11.30 26.86 -11.70
C PHE B 351 -9.87 26.85 -11.14
N THR B 352 -9.50 25.76 -10.49
CA THR B 352 -8.15 25.63 -9.96
C THR B 352 -7.52 24.34 -10.45
N LEU B 353 -6.19 24.30 -10.48
CA LEU B 353 -5.47 23.08 -10.87
C LEU B 353 -4.59 22.65 -9.71
N PRO B 354 -4.67 21.37 -9.30
CA PRO B 354 -3.80 20.91 -8.19
C PRO B 354 -2.30 21.01 -8.52
N GLU B 355 -1.94 20.84 -9.80
CA GLU B 355 -0.54 20.91 -10.25
C GLU B 355 -0.44 21.60 -11.63
N VAL B 356 0.51 22.53 -11.77
CA VAL B 356 0.79 23.19 -13.05
C VAL B 356 2.28 23.03 -13.26
N SER B 357 2.66 22.39 -14.38
CA SER B 357 4.06 22.15 -14.71
C SER B 357 4.39 22.46 -16.12
N THR B 358 5.69 22.60 -16.40
CA THR B 358 6.23 22.90 -17.73
C THR B 358 6.08 21.71 -18.66
N ASN B 359 5.63 22.00 -19.88
CA ASN B 359 5.43 21.03 -20.97
C ASN B 359 4.57 19.79 -20.59
N LYS B 360 3.51 20.04 -19.77
CA LYS B 360 2.50 19.06 -19.36
C LYS B 360 1.14 19.57 -19.78
N THR B 361 0.24 18.65 -20.07
CA THR B 361 -1.14 18.94 -20.48
C THR B 361 -2.11 18.61 -19.36
N TYR B 362 -3.15 19.43 -19.21
CA TYR B 362 -4.16 19.29 -18.16
C TYR B 362 -5.52 19.49 -18.75
N SER B 363 -6.42 18.57 -18.40
CA SER B 363 -7.82 18.53 -18.84
C SER B 363 -8.67 18.86 -17.65
N PHE B 364 -9.74 19.63 -17.86
CA PHE B 364 -10.68 19.99 -16.81
C PHE B 364 -12.07 20.33 -17.35
N LEU B 365 -13.08 20.16 -16.49
CA LEU B 365 -14.46 20.44 -16.83
C LEU B 365 -14.82 21.87 -16.48
N ILE B 366 -15.53 22.52 -17.39
CA ILE B 366 -16.03 23.88 -17.26
C ILE B 366 -17.50 23.74 -17.64
N TYR B 367 -18.39 24.23 -16.79
CA TYR B 367 -19.81 24.18 -17.10
C TYR B 367 -20.39 25.58 -16.91
N THR B 368 -21.47 25.91 -17.64
CA THR B 368 -22.12 27.22 -17.58
C THR B 368 -23.60 27.17 -17.90
N GLU B 369 -24.36 28.02 -17.19
CA GLU B 369 -25.81 28.15 -17.40
C GLU B 369 -26.12 28.80 -18.71
N VAL B 370 -25.27 29.75 -19.11
CA VAL B 370 -25.38 30.54 -20.33
C VAL B 370 -25.30 29.71 -21.61
N ASP B 371 -26.25 29.95 -22.55
CA ASP B 371 -26.21 29.37 -23.91
C ASP B 371 -25.43 30.40 -24.73
N ILE B 372 -24.10 30.21 -24.81
CA ILE B 372 -23.18 31.15 -25.48
C ILE B 372 -23.23 31.03 -27.01
N GLY B 373 -23.79 29.95 -27.51
CA GLY B 373 -23.85 29.66 -28.93
C GLY B 373 -22.56 29.00 -29.38
N GLU B 374 -22.10 29.33 -30.60
CA GLU B 374 -20.86 28.80 -31.15
C GLU B 374 -19.72 29.65 -30.63
N LEU B 375 -18.75 28.98 -30.02
CA LEU B 375 -17.55 29.56 -29.42
C LEU B 375 -16.63 30.30 -30.45
N LEU B 376 -16.17 31.50 -30.08
CA LEU B 376 -15.29 32.29 -30.95
C LEU B 376 -14.00 32.66 -30.24
N MET B 377 -14.13 33.14 -29.00
CA MET B 377 -13.02 33.61 -28.19
C MET B 377 -12.97 32.98 -26.82
N LEU B 378 -11.77 32.96 -26.26
CA LEU B 378 -11.46 32.36 -24.97
C LEU B 378 -10.40 33.24 -24.28
N LYS B 379 -10.69 33.71 -23.05
CA LYS B 379 -9.77 34.54 -22.27
C LYS B 379 -9.30 33.75 -21.06
N LEU B 380 -8.00 33.65 -20.83
CA LEU B 380 -7.50 32.86 -19.70
C LEU B 380 -6.67 33.73 -18.76
N LYS B 381 -7.01 33.73 -17.44
CA LYS B 381 -6.31 34.54 -16.44
C LYS B 381 -5.67 33.64 -15.40
N TRP B 382 -4.39 33.88 -15.08
CA TRP B 382 -3.67 33.11 -14.03
C TRP B 382 -3.65 34.05 -12.81
N LYS B 383 -4.44 33.70 -11.80
CA LYS B 383 -4.69 34.51 -10.60
C LYS B 383 -3.57 34.50 -9.56
N SER B 384 -3.28 35.69 -8.98
CA SER B 384 -2.35 35.89 -7.86
C SER B 384 -3.08 36.63 -6.75
N ASP B 385 -2.76 36.32 -5.48
CA ASP B 385 -3.37 37.07 -4.36
C ASP B 385 -2.43 38.18 -3.88
N SER B 386 -1.19 38.22 -4.42
CA SER B 386 -0.18 39.19 -4.03
C SER B 386 -0.53 40.64 -4.32
N TYR B 387 -0.39 41.50 -3.26
CA TYR B 387 -0.61 42.94 -3.31
C TYR B 387 0.38 43.64 -4.28
N PHE B 388 1.40 42.90 -4.80
CA PHE B 388 2.45 43.44 -5.67
C PHE B 388 2.36 43.01 -7.13
N SER B 389 1.57 41.95 -7.43
CA SER B 389 1.37 41.39 -8.76
C SER B 389 1.11 42.46 -9.89
N TRP B 390 0.47 43.62 -9.55
CA TRP B 390 0.21 44.68 -10.52
C TRP B 390 1.50 45.24 -11.15
N SER B 391 2.59 45.29 -10.37
CA SER B 391 3.87 45.88 -10.73
C SER B 391 4.64 45.06 -11.70
N ASP B 392 5.29 45.74 -12.66
CA ASP B 392 6.15 45.10 -13.67
C ASP B 392 7.53 44.76 -13.08
N TRP B 393 7.81 45.25 -11.87
CA TRP B 393 9.03 45.01 -11.10
C TRP B 393 8.96 43.69 -10.36
N TRP B 394 7.72 43.22 -10.11
CA TRP B 394 7.44 41.98 -9.44
C TRP B 394 7.68 40.82 -10.38
N SER B 395 8.56 39.88 -9.99
CA SER B 395 8.82 38.70 -10.81
C SER B 395 7.72 37.64 -10.57
N SER B 396 7.04 37.26 -11.66
CA SER B 396 5.96 36.27 -11.62
C SER B 396 6.22 35.14 -12.62
N PRO B 397 5.86 33.86 -12.27
CA PRO B 397 6.04 32.78 -13.25
C PRO B 397 5.06 32.95 -14.42
N GLY B 398 5.45 32.41 -15.56
CA GLY B 398 4.65 32.49 -16.77
C GLY B 398 4.83 31.29 -17.66
N PHE B 399 3.86 31.07 -18.55
CA PHE B 399 3.89 29.98 -19.52
C PHE B 399 3.48 30.51 -20.87
N ALA B 400 4.03 29.90 -21.90
CA ALA B 400 3.72 30.18 -23.28
C ALA B 400 2.67 29.18 -23.66
N ILE B 401 1.49 29.65 -24.07
CA ILE B 401 0.39 28.80 -24.47
C ILE B 401 0.05 29.20 -25.89
N GLN B 402 0.15 28.23 -26.82
CA GLN B 402 -0.13 28.45 -28.22
C GLN B 402 -1.61 28.15 -28.53
N LYS B 403 -2.05 26.90 -28.21
CA LYS B 403 -3.42 26.43 -28.46
C LYS B 403 -4.14 25.97 -27.18
N ILE B 404 -5.47 25.99 -27.24
CA ILE B 404 -6.37 25.51 -26.21
C ILE B 404 -7.41 24.68 -26.95
N ARG B 405 -7.45 23.38 -26.63
CA ARG B 405 -8.41 22.44 -27.22
C ARG B 405 -9.67 22.38 -26.32
N VAL B 406 -10.85 22.54 -26.93
CA VAL B 406 -12.14 22.53 -26.21
C VAL B 406 -13.09 21.53 -26.86
N LYS B 407 -13.81 20.78 -26.06
CA LYS B 407 -14.81 19.82 -26.54
C LYS B 407 -16.12 20.16 -25.84
N ALA B 408 -17.14 20.55 -26.63
CA ALA B 408 -18.48 20.91 -26.13
C ALA B 408 -19.32 19.62 -26.09
N GLY B 409 -19.86 19.27 -24.91
CA GLY B 409 -20.62 18.03 -24.75
C GLY B 409 -21.97 17.97 -25.45
N GLU B 410 -22.75 19.06 -25.37
CA GLU B 410 -24.10 19.16 -25.91
C GLU B 410 -24.16 19.13 -27.42
N THR B 411 -23.22 19.80 -28.10
CA THR B 411 -23.13 19.85 -29.57
C THR B 411 -22.17 18.81 -30.15
N GLN B 412 -21.40 18.11 -29.28
CA GLN B 412 -20.38 17.12 -29.66
C GLN B 412 -19.40 17.70 -30.74
N LYS B 413 -18.77 18.82 -30.41
CA LYS B 413 -17.87 19.53 -31.28
C LYS B 413 -16.52 19.74 -30.60
N LYS B 414 -15.42 19.46 -31.33
CA LYS B 414 -14.05 19.70 -30.88
C LYS B 414 -13.63 21.01 -31.55
N VAL B 415 -13.20 21.98 -30.74
CA VAL B 415 -12.79 23.31 -31.19
C VAL B 415 -11.38 23.61 -30.74
N ILE B 416 -10.53 24.14 -31.64
CA ILE B 416 -9.16 24.54 -31.29
C ILE B 416 -9.12 26.05 -31.32
N PHE B 417 -8.54 26.62 -30.28
CA PHE B 417 -8.40 28.05 -30.13
C PHE B 417 -6.95 28.30 -30.10
N CYS B 418 -6.49 29.26 -30.89
CA CYS B 418 -5.07 29.52 -30.82
C CYS B 418 -4.80 31.00 -30.70
N SER B 419 -3.71 31.31 -29.98
CA SER B 419 -3.21 32.64 -29.65
C SER B 419 -3.11 33.56 -30.84
N ARG B 420 -3.48 34.82 -30.66
CA ARG B 420 -3.45 35.85 -31.71
C ARG B 420 -2.02 36.15 -32.23
N GLU B 421 -1.01 36.18 -31.32
CA GLU B 421 0.42 36.29 -31.64
C GLU B 421 0.97 34.83 -31.70
N LYS B 422 2.24 34.69 -32.06
CA LYS B 422 2.87 33.34 -32.21
C LYS B 422 2.57 32.50 -30.97
N VAL B 423 2.55 33.12 -29.81
CA VAL B 423 2.30 32.36 -28.55
C VAL B 423 1.79 33.34 -27.51
N SER B 424 0.77 32.95 -26.74
CA SER B 424 0.23 33.84 -25.69
C SER B 424 0.89 33.54 -24.35
N HIS B 425 1.36 34.58 -23.65
CA HIS B 425 2.02 34.42 -22.36
C HIS B 425 1.01 34.55 -21.27
N LEU B 426 0.98 33.54 -20.41
CA LEU B 426 0.12 33.51 -19.26
C LEU B 426 1.02 33.68 -18.04
N GLN B 427 1.02 34.89 -17.48
CA GLN B 427 1.84 35.22 -16.32
C GLN B 427 0.96 35.44 -15.11
N LYS B 428 1.33 34.79 -13.98
CA LYS B 428 0.63 34.88 -12.70
C LYS B 428 0.37 36.34 -12.29
N GLY B 429 -0.88 36.67 -12.03
CA GLY B 429 -1.30 37.99 -11.61
C GLY B 429 -1.34 39.08 -12.67
N LYS B 430 -1.04 38.72 -13.93
CA LYS B 430 -1.05 39.70 -15.02
C LYS B 430 -2.32 39.62 -15.86
N ALA B 431 -2.30 40.31 -17.01
CA ALA B 431 -3.38 40.39 -17.98
C ALA B 431 -3.78 39.02 -18.55
N PRO B 432 -5.06 38.84 -18.98
CA PRO B 432 -5.43 37.53 -19.54
C PRO B 432 -4.85 37.25 -20.92
N ALA B 433 -4.52 35.98 -21.19
CA ALA B 433 -4.09 35.47 -22.48
C ALA B 433 -5.34 35.31 -23.38
N VAL B 434 -5.28 35.78 -24.63
CA VAL B 434 -6.42 35.70 -25.57
C VAL B 434 -6.20 34.65 -26.66
N PHE B 435 -7.24 33.88 -26.97
CA PHE B 435 -7.21 32.81 -27.97
C PHE B 435 -8.46 32.94 -28.81
N VAL B 436 -8.32 32.76 -30.13
CA VAL B 436 -9.44 32.83 -31.06
C VAL B 436 -9.53 31.50 -31.80
N LYS B 437 -10.76 31.06 -32.13
CA LYS B 437 -11.05 29.81 -32.80
C LYS B 437 -10.26 29.68 -34.11
N CYS B 438 -9.62 28.52 -34.32
CA CYS B 438 -8.86 28.26 -35.53
C CYS B 438 -9.16 26.91 -36.16
N HIS B 439 -10.24 26.23 -35.69
CA HIS B 439 -10.63 24.89 -36.13
C HIS B 439 -11.91 24.38 -35.45
N ASP B 440 -12.70 23.56 -36.15
CA ASP B 440 -13.97 22.92 -35.73
C ASP B 440 -13.89 21.46 -36.14
N LYS B 441 -14.70 20.60 -35.52
CA LYS B 441 -14.78 19.18 -35.85
C LYS B 441 -16.04 18.58 -35.19
N SER B 442 -17.05 18.19 -36.01
CA SER B 442 -18.26 17.56 -35.48
C SER B 442 -17.96 16.10 -35.22
N LEU B 443 -18.16 15.66 -33.97
CA LEU B 443 -17.88 14.29 -33.59
C LEU B 443 -19.03 13.33 -33.90
N ASN B 444 -20.25 13.87 -34.28
CA ASN B 444 -21.45 13.11 -34.66
C ASN B 444 -21.96 12.13 -33.58
N GLN C 3 52.61 17.34 -27.60
CA GLN C 3 53.43 16.14 -27.89
C GLN C 3 53.37 14.99 -26.85
N ARG C 4 53.97 13.81 -27.20
CA ARG C 4 54.06 12.59 -26.37
C ARG C 4 54.41 12.86 -24.89
N ARG C 5 55.30 13.83 -24.64
CA ARG C 5 55.76 14.29 -23.30
C ARG C 5 54.57 14.62 -22.36
N ASP C 6 53.49 15.19 -22.89
CA ASP C 6 52.32 15.60 -22.09
C ASP C 6 51.34 14.46 -21.84
N PHE C 7 51.70 13.26 -22.25
CA PHE C 7 50.85 12.08 -22.17
C PHE C 7 51.50 10.87 -21.53
N ILE C 8 52.86 10.81 -21.42
CA ILE C 8 53.55 9.65 -20.84
C ILE C 8 53.06 9.23 -19.44
N ASP C 9 52.41 10.14 -18.68
CA ASP C 9 51.82 9.79 -17.38
C ASP C 9 50.58 8.86 -17.53
N ILE C 10 49.96 8.81 -18.75
CA ILE C 10 48.84 7.92 -19.05
C ILE C 10 49.33 6.49 -19.10
N GLU C 11 48.83 5.70 -18.14
CA GLU C 11 49.12 4.28 -17.95
C GLU C 11 48.28 3.39 -18.87
N SER C 12 47.06 3.84 -19.22
CA SER C 12 46.16 3.04 -20.05
C SER C 12 46.62 2.96 -21.48
N LYS C 13 46.40 1.83 -22.14
CA LYS C 13 46.77 1.66 -23.56
C LYS C 13 45.48 1.56 -24.40
N PHE C 14 45.56 1.97 -25.68
CA PHE C 14 44.37 1.98 -26.53
C PHE C 14 44.65 1.22 -27.84
N ALA C 15 44.11 0.02 -27.99
CA ALA C 15 44.33 -0.77 -29.20
C ALA C 15 43.21 -0.60 -30.21
N LEU C 16 43.57 -0.40 -31.47
CA LEU C 16 42.57 -0.32 -32.49
C LEU C 16 42.49 -1.70 -33.06
N ARG C 17 41.56 -2.49 -32.55
CA ARG C 17 41.35 -3.86 -33.00
C ARG C 17 40.66 -3.84 -34.39
N THR C 18 40.86 -4.89 -35.22
CA THR C 18 40.33 -4.89 -36.60
C THR C 18 39.24 -5.95 -36.86
N PRO C 19 38.44 -5.83 -37.97
CA PRO C 19 37.43 -6.85 -38.25
C PRO C 19 38.02 -8.22 -38.50
N GLU C 20 39.32 -8.29 -38.85
CA GLU C 20 39.98 -9.57 -39.14
C GLU C 20 40.89 -10.04 -37.99
N ASP C 21 41.42 -9.10 -37.16
CA ASP C 21 42.25 -9.36 -35.98
C ASP C 21 41.48 -8.78 -34.77
N THR C 22 40.62 -9.63 -34.18
CA THR C 22 39.71 -9.24 -33.09
C THR C 22 40.18 -9.60 -31.67
N ALA C 23 41.05 -10.62 -31.51
CA ALA C 23 41.49 -11.07 -30.18
C ALA C 23 42.77 -10.43 -29.65
N GLU C 24 43.53 -9.78 -30.53
CA GLU C 24 44.81 -9.22 -30.13
C GLU C 24 44.91 -7.71 -30.21
N ASP C 25 45.71 -7.14 -29.29
CA ASP C 25 46.01 -5.71 -29.25
C ASP C 25 47.24 -5.53 -30.15
N THR C 26 47.07 -5.68 -31.49
CA THR C 26 48.16 -5.58 -32.45
C THR C 26 48.67 -4.12 -32.54
N CYS C 27 47.78 -3.23 -32.99
CA CYS C 27 48.07 -1.83 -33.23
C CYS C 27 47.60 -0.94 -32.06
N HIS C 28 48.46 -0.03 -31.60
CA HIS C 28 48.12 0.88 -30.51
C HIS C 28 48.02 2.34 -30.95
N LEU C 29 47.08 3.06 -30.38
CA LEU C 29 46.93 4.48 -30.62
C LEU C 29 47.59 5.14 -29.43
N ILE C 30 48.76 5.73 -29.69
CA ILE C 30 49.61 6.37 -28.69
C ILE C 30 49.25 7.86 -28.54
N PRO C 31 48.68 8.26 -27.36
CA PRO C 31 48.29 9.65 -27.15
C PRO C 31 49.49 10.56 -27.29
N GLY C 32 49.33 11.61 -28.08
CA GLY C 32 50.40 12.56 -28.38
C GLY C 32 51.23 12.19 -29.60
N VAL C 33 51.03 10.99 -30.18
CA VAL C 33 51.76 10.55 -31.38
C VAL C 33 50.72 10.45 -32.50
N ALA C 34 50.50 11.56 -33.24
CA ALA C 34 49.51 11.60 -34.31
C ALA C 34 49.73 10.57 -35.42
N GLU C 35 50.99 10.21 -35.65
CA GLU C 35 51.38 9.27 -36.70
C GLU C 35 50.91 7.85 -36.41
N SER C 36 50.65 7.51 -35.12
CA SER C 36 50.19 6.18 -34.67
C SER C 36 48.77 5.87 -35.14
N VAL C 37 47.96 6.94 -35.33
CA VAL C 37 46.56 6.92 -35.79
C VAL C 37 46.55 6.47 -37.24
N ALA C 38 47.49 6.94 -38.04
CA ALA C 38 47.58 6.55 -39.45
C ALA C 38 48.12 5.13 -39.56
N THR C 39 49.07 4.78 -38.68
CA THR C 39 49.69 3.45 -38.60
C THR C 39 48.61 2.37 -38.41
N CYS C 40 47.63 2.68 -37.55
CA CYS C 40 46.52 1.80 -37.21
C CYS C 40 45.38 1.83 -38.19
N HIS C 41 45.33 2.85 -39.08
CA HIS C 41 44.31 3.00 -40.11
C HIS C 41 42.95 3.35 -39.56
N PHE C 42 42.95 4.20 -38.55
CA PHE C 42 41.73 4.73 -37.94
C PHE C 42 40.95 5.47 -39.06
N ASN C 43 39.66 5.11 -39.27
CA ASN C 43 38.82 5.73 -40.31
C ASN C 43 38.15 6.97 -39.72
N HIS C 44 38.63 8.16 -40.12
CA HIS C 44 38.11 9.45 -39.66
C HIS C 44 36.66 9.72 -40.05
N SER C 45 36.19 9.05 -41.13
CA SER C 45 34.83 9.16 -41.65
C SER C 45 33.80 8.42 -40.78
N SER C 46 34.19 7.24 -40.25
CA SER C 46 33.36 6.37 -39.41
C SER C 46 33.30 6.69 -37.90
N LYS C 47 32.37 6.00 -37.20
CA LYS C 47 32.11 6.08 -35.76
C LYS C 47 33.12 5.25 -34.92
N THR C 48 33.19 5.54 -33.62
CA THR C 48 34.13 4.85 -32.75
C THR C 48 33.46 4.25 -31.54
N PHE C 49 33.84 3.01 -31.23
CA PHE C 49 33.41 2.28 -30.08
C PHE C 49 34.63 2.09 -29.19
N MET C 50 34.49 2.38 -27.90
CA MET C 50 35.57 2.15 -26.94
C MET C 50 35.12 1.12 -25.91
N VAL C 51 35.69 -0.06 -26.00
CA VAL C 51 35.41 -1.18 -25.11
C VAL C 51 36.31 -1.02 -23.89
N ILE C 52 35.70 -0.84 -22.70
CA ILE C 52 36.41 -0.68 -21.41
C ILE C 52 36.07 -1.84 -20.49
N HIS C 53 37.03 -2.78 -20.30
CA HIS C 53 36.88 -3.99 -19.46
C HIS C 53 36.67 -3.64 -17.96
N GLY C 54 36.42 -4.64 -17.14
CA GLY C 54 36.28 -4.45 -15.70
C GLY C 54 37.37 -5.10 -14.86
N TRP C 55 37.01 -5.44 -13.63
CA TRP C 55 37.84 -6.08 -12.63
C TRP C 55 38.24 -7.51 -13.06
N THR C 56 39.48 -7.89 -12.69
CA THR C 56 40.07 -9.16 -13.05
C THR C 56 41.06 -9.66 -12.02
N VAL C 57 40.94 -10.90 -11.66
CA VAL C 57 41.93 -11.48 -10.76
C VAL C 57 43.17 -12.03 -11.57
N THR C 58 43.05 -12.10 -12.92
CA THR C 58 44.06 -12.69 -13.77
C THR C 58 44.96 -11.68 -14.50
N GLY C 59 44.41 -10.53 -14.89
CA GLY C 59 45.16 -9.53 -15.61
C GLY C 59 45.18 -9.77 -17.10
N MET C 60 44.33 -10.74 -17.57
CA MET C 60 44.13 -11.10 -18.98
C MET C 60 42.74 -10.66 -19.41
N TYR C 61 42.58 -10.35 -20.71
CA TYR C 61 41.29 -9.97 -21.24
C TYR C 61 40.43 -11.22 -21.19
N GLU C 62 39.13 -11.06 -20.80
CA GLU C 62 38.25 -12.21 -20.73
C GLU C 62 37.85 -12.68 -22.12
N SER C 63 37.25 -13.88 -22.22
CA SER C 63 36.74 -14.51 -23.44
C SER C 63 35.73 -13.63 -24.25
N TRP C 64 35.01 -12.73 -23.58
CA TRP C 64 33.98 -11.90 -24.20
C TRP C 64 34.57 -10.77 -25.06
N VAL C 65 35.81 -10.33 -24.75
CA VAL C 65 36.43 -9.20 -25.45
C VAL C 65 36.51 -9.47 -26.96
N PRO C 66 37.07 -10.59 -27.49
CA PRO C 66 37.04 -10.77 -28.97
C PRO C 66 35.61 -10.92 -29.48
N LYS C 67 34.71 -11.57 -28.69
CA LYS C 67 33.32 -11.76 -29.10
C LYS C 67 32.60 -10.42 -29.36
N LEU C 68 32.76 -9.45 -28.44
CA LEU C 68 32.15 -8.13 -28.53
C LEU C 68 32.72 -7.37 -29.72
N VAL C 69 34.06 -7.31 -29.84
CA VAL C 69 34.76 -6.64 -30.95
C VAL C 69 34.24 -7.20 -32.26
N ALA C 70 34.22 -8.56 -32.40
CA ALA C 70 33.72 -9.26 -33.60
C ALA C 70 32.28 -8.86 -33.98
N ALA C 71 31.38 -8.79 -32.98
CA ALA C 71 30.00 -8.42 -33.22
C ALA C 71 29.83 -6.94 -33.63
N LEU C 72 30.65 -6.02 -33.06
CA LEU C 72 30.57 -4.61 -33.40
C LEU C 72 30.98 -4.41 -34.85
N TYR C 73 31.97 -5.20 -35.30
CA TYR C 73 32.45 -5.14 -36.67
C TYR C 73 31.54 -5.86 -37.64
N LYS C 74 30.65 -6.74 -37.15
CA LYS C 74 29.69 -7.45 -38.03
C LYS C 74 28.57 -6.48 -38.33
N ARG C 75 28.06 -5.80 -37.27
CA ARG C 75 26.99 -4.83 -37.30
C ARG C 75 27.41 -3.51 -37.93
N GLU C 76 28.63 -3.03 -37.66
CA GLU C 76 29.19 -1.75 -38.14
C GLU C 76 30.58 -2.01 -38.80
N PRO C 77 30.62 -2.54 -40.04
CA PRO C 77 31.91 -2.93 -40.62
C PRO C 77 32.94 -1.83 -40.92
N ASP C 78 32.50 -0.56 -40.98
CA ASP C 78 33.41 0.53 -41.32
C ASP C 78 33.88 1.35 -40.11
N SER C 79 33.31 1.07 -38.91
CA SER C 79 33.67 1.75 -37.67
C SER C 79 35.09 1.44 -37.14
N ASN C 80 35.45 2.07 -36.01
CA ASN C 80 36.72 1.91 -35.32
C ASN C 80 36.39 1.33 -33.94
N VAL C 81 36.92 0.17 -33.64
CA VAL C 81 36.67 -0.46 -32.34
C VAL C 81 37.96 -0.43 -31.56
N ILE C 82 38.01 0.47 -30.58
CA ILE C 82 39.15 0.62 -29.69
C ILE C 82 38.95 -0.13 -28.36
N VAL C 83 39.92 -0.99 -27.98
CA VAL C 83 39.91 -1.72 -26.72
C VAL C 83 40.87 -1.01 -25.78
N VAL C 84 40.37 -0.60 -24.62
CA VAL C 84 41.16 0.09 -23.59
C VAL C 84 41.78 -0.94 -22.66
N ASP C 85 43.10 -0.91 -22.50
CA ASP C 85 43.85 -1.78 -21.62
C ASP C 85 44.15 -1.05 -20.30
N TRP C 86 43.57 -1.49 -19.19
CA TRP C 86 43.87 -0.99 -17.86
C TRP C 86 44.03 -2.19 -16.90
N LEU C 87 44.49 -3.32 -17.48
CA LEU C 87 44.66 -4.62 -16.82
C LEU C 87 45.51 -4.55 -15.55
N SER C 88 46.58 -3.73 -15.50
CA SER C 88 47.43 -3.67 -14.28
C SER C 88 46.62 -3.14 -13.10
N ARG C 89 45.92 -2.01 -13.33
CA ARG C 89 45.13 -1.34 -12.35
C ARG C 89 43.84 -2.12 -12.07
N ALA C 90 43.37 -2.92 -13.06
CA ALA C 90 42.15 -3.73 -12.93
C ALA C 90 42.42 -4.99 -12.13
N GLN C 91 43.70 -5.29 -11.91
CA GLN C 91 44.10 -6.56 -11.25
C GLN C 91 44.44 -6.40 -9.77
N GLU C 92 44.12 -5.28 -9.16
CA GLU C 92 44.42 -5.05 -7.73
C GLU C 92 43.31 -5.60 -6.86
N HIS C 93 43.38 -5.38 -5.52
CA HIS C 93 42.32 -5.77 -4.60
C HIS C 93 41.17 -4.86 -4.98
N TYR C 94 39.97 -5.45 -5.05
CA TYR C 94 38.80 -4.76 -5.57
C TYR C 94 38.69 -3.25 -5.13
N PRO C 95 38.59 -2.88 -3.82
CA PRO C 95 38.42 -1.45 -3.46
C PRO C 95 39.45 -0.51 -4.06
N VAL C 96 40.71 -1.00 -4.19
CA VAL C 96 41.83 -0.28 -4.81
C VAL C 96 41.53 -0.08 -6.28
N SER C 97 41.21 -1.17 -7.04
CA SER C 97 40.80 -1.09 -8.45
C SER C 97 39.60 -0.15 -8.62
N ALA C 98 38.64 -0.18 -7.67
CA ALA C 98 37.48 0.70 -7.68
C ALA C 98 37.97 2.17 -7.69
N GLY C 99 38.96 2.46 -6.84
CA GLY C 99 39.60 3.77 -6.79
C GLY C 99 40.18 4.19 -8.14
N TYR C 100 40.89 3.27 -8.81
CA TYR C 100 41.52 3.53 -10.12
C TYR C 100 40.57 3.88 -11.22
N THR C 101 39.22 3.70 -11.05
CA THR C 101 38.26 4.11 -12.10
C THR C 101 38.38 5.63 -12.40
N LYS C 102 38.73 6.47 -11.38
CA LYS C 102 38.98 7.90 -11.53
C LYS C 102 40.14 8.16 -12.52
N LEU C 103 41.28 7.46 -12.31
CA LEU C 103 42.47 7.53 -13.16
C LEU C 103 42.25 7.00 -14.57
N VAL C 104 41.56 5.88 -14.71
CA VAL C 104 41.25 5.28 -16.01
C VAL C 104 40.26 6.22 -16.75
N GLY C 105 39.31 6.78 -16.01
CA GLY C 105 38.35 7.72 -16.56
C GLY C 105 39.08 8.91 -17.12
N GLN C 106 40.07 9.41 -16.36
CA GLN C 106 40.92 10.54 -16.79
C GLN C 106 41.74 10.18 -18.05
N ASP C 107 42.39 8.99 -18.07
CA ASP C 107 43.19 8.52 -19.19
C ASP C 107 42.36 8.53 -20.48
N VAL C 108 41.17 7.90 -20.43
CA VAL C 108 40.25 7.82 -21.56
C VAL C 108 39.82 9.22 -22.04
N ALA C 109 39.42 10.11 -21.11
CA ALA C 109 38.98 11.46 -21.45
C ALA C 109 40.09 12.22 -22.15
N ARG C 110 41.32 12.13 -21.62
CA ARG C 110 42.46 12.78 -22.23
C ARG C 110 42.70 12.25 -23.63
N PHE C 111 42.55 10.92 -23.84
CA PHE C 111 42.72 10.32 -25.16
C PHE C 111 41.67 10.82 -26.14
N ILE C 112 40.40 10.84 -25.69
CA ILE C 112 39.27 11.32 -26.50
C ILE C 112 39.49 12.81 -26.86
N ASN C 113 39.79 13.65 -25.85
CA ASN C 113 40.07 15.08 -26.02
C ASN C 113 41.21 15.32 -26.97
N TRP C 114 42.20 14.42 -27.00
CA TRP C 114 43.37 14.53 -27.88
C TRP C 114 42.93 14.30 -29.30
N MET C 115 42.06 13.28 -29.49
CA MET C 115 41.51 12.91 -30.79
C MET C 115 40.76 14.12 -31.40
N GLU C 116 39.96 14.81 -30.61
CA GLU C 116 39.23 15.98 -31.01
C GLU C 116 40.18 17.16 -31.37
N GLU C 117 41.13 17.51 -30.47
CA GLU C 117 42.05 18.64 -30.64
C GLU C 117 43.05 18.45 -31.76
N GLU C 118 43.48 17.20 -31.98
CA GLU C 118 44.47 16.88 -33.00
C GLU C 118 43.87 16.61 -34.35
N PHE C 119 42.75 15.87 -34.42
CA PHE C 119 42.18 15.47 -35.70
C PHE C 119 40.83 16.07 -36.03
N ASN C 120 40.27 16.86 -35.11
CA ASN C 120 38.94 17.46 -35.22
C ASN C 120 37.88 16.36 -35.43
N TYR C 121 38.10 15.24 -34.71
CA TYR C 121 37.21 14.09 -34.73
C TYR C 121 36.01 14.42 -33.83
N PRO C 122 34.77 14.25 -34.33
CA PRO C 122 33.62 14.58 -33.50
C PRO C 122 33.31 13.55 -32.41
N LEU C 123 33.02 14.06 -31.20
CA LEU C 123 32.66 13.28 -30.03
C LEU C 123 31.25 12.73 -30.15
N ASP C 124 30.45 13.29 -31.05
CA ASP C 124 29.12 12.80 -31.36
C ASP C 124 29.22 11.46 -32.11
N ASN C 125 30.45 11.08 -32.54
CA ASN C 125 30.71 9.79 -33.20
C ASN C 125 31.29 8.74 -32.21
N VAL C 126 31.38 9.08 -30.91
CA VAL C 126 31.97 8.21 -29.89
C VAL C 126 30.91 7.49 -29.01
N HIS C 127 31.04 6.14 -28.96
CA HIS C 127 30.20 5.22 -28.18
C HIS C 127 31.10 4.43 -27.19
N LEU C 128 30.88 4.65 -25.88
CA LEU C 128 31.63 3.98 -24.84
C LEU C 128 30.86 2.77 -24.26
N LEU C 129 31.47 1.58 -24.32
CA LEU C 129 30.90 0.35 -23.78
C LEU C 129 31.77 -0.09 -22.63
N GLY C 130 31.26 0.07 -21.41
CA GLY C 130 31.97 -0.27 -20.18
C GLY C 130 31.32 -1.41 -19.44
N TYR C 131 32.14 -2.38 -19.03
CA TYR C 131 31.63 -3.54 -18.32
C TYR C 131 32.09 -3.57 -16.89
N SER C 132 31.20 -3.91 -15.93
CA SER C 132 31.68 -4.04 -14.54
C SER C 132 32.27 -2.65 -14.05
N LEU C 133 33.53 -2.55 -13.63
CA LEU C 133 34.14 -1.31 -13.19
C LEU C 133 34.32 -0.34 -14.36
N GLY C 134 34.50 -0.91 -15.57
CA GLY C 134 34.67 -0.19 -16.81
C GLY C 134 33.54 0.77 -17.09
N ALA C 135 32.28 0.36 -16.80
CA ALA C 135 31.10 1.22 -16.98
C ALA C 135 31.21 2.52 -16.13
N HIS C 136 31.93 2.49 -14.97
CA HIS C 136 32.16 3.70 -14.17
C HIS C 136 33.39 4.47 -14.70
N ALA C 137 34.41 3.76 -15.19
CA ALA C 137 35.58 4.39 -15.84
C ALA C 137 35.06 5.17 -17.07
N ALA C 138 34.10 4.59 -17.82
CA ALA C 138 33.40 5.20 -18.94
C ALA C 138 32.62 6.46 -18.51
N GLY C 139 31.91 6.36 -17.39
CA GLY C 139 31.13 7.46 -16.82
C GLY C 139 32.00 8.63 -16.44
N ILE C 140 33.11 8.35 -15.75
CA ILE C 140 34.07 9.39 -15.34
C ILE C 140 34.70 10.05 -16.61
N ALA C 141 35.06 9.23 -17.62
CA ALA C 141 35.64 9.68 -18.89
C ALA C 141 34.68 10.64 -19.57
N GLY C 142 33.40 10.28 -19.62
CA GLY C 142 32.36 11.09 -20.23
C GLY C 142 32.14 12.41 -19.52
N SER C 143 32.23 12.38 -18.19
CA SER C 143 32.07 13.58 -17.39
C SER C 143 33.30 14.54 -17.49
N LEU C 144 34.43 14.06 -18.06
CA LEU C 144 35.64 14.86 -18.21
C LEU C 144 35.99 15.29 -19.68
N THR C 145 35.21 14.84 -20.67
CA THR C 145 35.51 15.25 -22.05
C THR C 145 35.05 16.71 -22.31
N ASN C 146 35.73 17.39 -23.26
CA ASN C 146 35.47 18.78 -23.67
C ASN C 146 34.04 19.00 -24.12
N LYS C 147 33.52 18.05 -24.90
CA LYS C 147 32.14 18.00 -25.38
C LYS C 147 31.51 16.67 -24.92
N LYS C 148 30.17 16.52 -25.01
CA LYS C 148 29.51 15.28 -24.60
C LYS C 148 29.62 14.21 -25.66
N VAL C 149 29.92 12.97 -25.21
CA VAL C 149 30.01 11.82 -26.10
C VAL C 149 28.61 11.37 -26.41
N ASN C 150 28.43 10.77 -27.57
CA ASN C 150 27.13 10.36 -28.04
C ASN C 150 26.37 9.40 -27.16
N ARG C 151 27.04 8.32 -26.72
CA ARG C 151 26.41 7.23 -25.98
C ARG C 151 27.39 6.49 -25.07
N ILE C 152 26.86 6.00 -23.94
CA ILE C 152 27.55 5.14 -23.01
C ILE C 152 26.64 3.97 -22.69
N THR C 153 27.13 2.74 -22.92
CA THR C 153 26.43 1.52 -22.56
C THR C 153 27.11 0.98 -21.29
N GLY C 154 26.31 0.78 -20.24
CA GLY C 154 26.78 0.23 -18.99
C GLY C 154 26.39 -1.22 -18.97
N LEU C 155 27.37 -2.13 -18.93
CA LEU C 155 27.10 -3.56 -18.94
C LEU C 155 27.35 -4.07 -17.53
N ASP C 156 26.23 -4.31 -16.80
CA ASP C 156 26.18 -4.68 -15.38
C ASP C 156 27.25 -3.89 -14.54
N PRO C 157 27.08 -2.56 -14.38
CA PRO C 157 28.09 -1.76 -13.65
C PRO C 157 28.32 -2.22 -12.23
N ALA C 158 29.58 -2.13 -11.79
CA ALA C 158 30.00 -2.55 -10.47
C ALA C 158 29.15 -1.88 -9.38
N GLY C 159 28.68 -2.71 -8.45
CA GLY C 159 27.84 -2.29 -7.35
C GLY C 159 28.63 -1.92 -6.11
N PRO C 160 29.56 -2.81 -5.61
CA PRO C 160 30.25 -2.46 -4.36
C PRO C 160 31.03 -1.17 -4.46
N ASN C 161 30.74 -0.27 -3.49
CA ASN C 161 31.35 1.07 -3.35
C ASN C 161 30.88 2.05 -4.44
N PHE C 162 29.83 1.69 -5.20
CA PHE C 162 29.27 2.57 -6.24
C PHE C 162 27.81 2.83 -6.04
N GLU C 163 27.09 1.89 -5.39
CA GLU C 163 25.66 1.97 -5.07
C GLU C 163 25.35 3.31 -4.40
N TYR C 164 26.22 3.71 -3.46
CA TYR C 164 26.03 4.95 -2.73
C TYR C 164 27.03 6.04 -3.10
N ALA C 165 27.71 5.86 -4.23
CA ALA C 165 28.61 6.88 -4.74
C ALA C 165 27.79 8.00 -5.39
N GLU C 166 28.31 9.23 -5.36
CA GLU C 166 27.65 10.37 -5.99
C GLU C 166 27.93 10.38 -7.50
N ALA C 167 27.02 10.96 -8.30
CA ALA C 167 27.14 11.05 -9.76
C ALA C 167 28.57 11.29 -10.33
N PRO C 168 29.43 12.20 -9.79
CA PRO C 168 30.77 12.36 -10.42
C PRO C 168 31.75 11.17 -10.27
N SER C 169 31.54 10.30 -9.26
CA SER C 169 32.43 9.18 -8.95
C SER C 169 32.02 7.84 -9.59
N ARG C 170 30.83 7.80 -10.22
CA ARG C 170 30.27 6.62 -10.86
C ARG C 170 29.58 7.04 -12.16
N LEU C 171 29.12 6.05 -12.97
CA LEU C 171 28.32 6.29 -14.17
C LEU C 171 26.97 6.88 -13.72
N SER C 172 26.51 7.91 -14.44
CA SER C 172 25.26 8.68 -14.18
C SER C 172 24.75 9.26 -15.52
N PRO C 173 23.48 9.70 -15.67
CA PRO C 173 23.00 10.11 -17.01
C PRO C 173 23.64 11.38 -17.59
N ASP C 174 24.26 12.21 -16.75
CA ASP C 174 24.93 13.42 -17.23
C ASP C 174 26.27 13.12 -17.93
N ASP C 175 26.76 11.88 -17.85
CA ASP C 175 28.04 11.49 -18.40
C ASP C 175 28.07 11.40 -19.94
N ALA C 176 26.92 11.34 -20.62
CA ALA C 176 26.88 11.30 -22.10
C ALA C 176 25.56 11.84 -22.60
N ASP C 177 25.39 11.92 -23.95
CA ASP C 177 24.10 12.37 -24.49
C ASP C 177 23.05 11.30 -24.19
N PHE C 178 23.44 10.02 -24.28
CA PHE C 178 22.57 8.91 -23.95
C PHE C 178 23.29 7.81 -23.17
N VAL C 179 22.73 7.45 -22.00
CA VAL C 179 23.27 6.40 -21.15
C VAL C 179 22.26 5.27 -20.99
N ASP C 180 22.54 4.09 -21.58
CA ASP C 180 21.73 2.87 -21.47
C ASP C 180 22.47 1.86 -20.60
N VAL C 181 21.75 1.21 -19.68
CA VAL C 181 22.35 0.31 -18.70
C VAL C 181 21.64 -1.04 -18.55
N LEU C 182 22.41 -2.16 -18.64
CA LEU C 182 21.86 -3.50 -18.44
C LEU C 182 22.26 -3.93 -17.07
N HIS C 183 21.29 -4.29 -16.25
CA HIS C 183 21.55 -4.76 -14.89
C HIS C 183 21.18 -6.23 -14.91
N THR C 184 22.19 -7.16 -14.91
CA THR C 184 21.93 -8.60 -14.98
C THR C 184 22.25 -9.44 -13.74
N PHE C 185 23.06 -8.94 -12.80
CA PHE C 185 23.36 -9.73 -11.59
C PHE C 185 23.31 -8.85 -10.37
N THR C 186 22.12 -8.49 -9.93
CA THR C 186 21.90 -7.56 -8.82
C THR C 186 21.46 -8.22 -7.51
N ARG C 187 21.51 -9.60 -7.40
CA ARG C 187 21.18 -10.43 -6.21
C ARG C 187 22.00 -9.93 -5.02
N GLY C 188 21.39 -9.82 -3.86
CA GLY C 188 22.10 -9.36 -2.65
C GLY C 188 21.56 -8.09 -2.02
N SER C 189 22.08 -7.75 -0.84
CA SER C 189 21.69 -6.53 -0.13
C SER C 189 22.21 -5.31 -0.88
N PRO C 190 21.57 -4.10 -0.73
CA PRO C 190 22.06 -2.92 -1.47
C PRO C 190 23.49 -2.55 -1.08
N GLY C 191 24.33 -2.31 -2.09
CA GLY C 191 25.75 -2.03 -1.92
C GLY C 191 26.60 -3.27 -1.72
N ARG C 192 25.94 -4.45 -1.70
CA ARG C 192 26.56 -5.75 -1.53
C ARG C 192 26.31 -6.67 -2.74
N SER C 193 25.55 -6.18 -3.73
CA SER C 193 25.34 -6.93 -4.99
C SER C 193 26.60 -6.73 -5.86
N ILE C 194 26.84 -7.61 -6.84
CA ILE C 194 28.00 -7.44 -7.74
C ILE C 194 27.65 -6.35 -8.78
N GLY C 195 26.41 -6.43 -9.28
CA GLY C 195 25.86 -5.43 -10.18
C GLY C 195 25.23 -4.33 -9.35
N ILE C 196 25.26 -3.08 -9.84
CA ILE C 196 24.60 -1.92 -9.18
C ILE C 196 23.06 -2.12 -9.29
N GLN C 197 22.32 -1.81 -8.22
CA GLN C 197 20.86 -2.00 -8.18
C GLN C 197 20.06 -0.77 -8.70
N LYS C 198 20.47 0.44 -8.28
CA LYS C 198 19.83 1.68 -8.67
C LYS C 198 20.00 2.01 -10.14
N PRO C 199 19.01 2.70 -10.75
CA PRO C 199 19.18 3.15 -12.15
C PRO C 199 20.23 4.23 -12.27
N VAL C 200 21.13 4.13 -13.26
CA VAL C 200 22.23 5.08 -13.45
C VAL C 200 22.27 5.67 -14.86
N GLY C 201 21.27 5.35 -15.67
CA GLY C 201 21.21 5.87 -17.03
C GLY C 201 19.90 6.56 -17.32
N HIS C 202 19.65 6.83 -18.61
CA HIS C 202 18.41 7.37 -19.13
C HIS C 202 17.43 6.20 -19.23
N VAL C 203 17.95 5.03 -19.66
CA VAL C 203 17.23 3.76 -19.76
C VAL C 203 18.03 2.73 -18.92
N ASP C 204 17.34 2.02 -18.04
CA ASP C 204 17.92 0.96 -17.20
C ASP C 204 17.08 -0.30 -17.37
N ILE C 205 17.64 -1.27 -18.10
CA ILE C 205 16.98 -2.53 -18.37
C ILE C 205 17.46 -3.57 -17.35
N TYR C 206 16.49 -4.30 -16.79
CA TYR C 206 16.68 -5.32 -15.77
C TYR C 206 16.23 -6.66 -16.38
N PRO C 207 17.06 -7.33 -17.24
CA PRO C 207 16.61 -8.62 -17.81
C PRO C 207 16.36 -9.62 -16.69
N ASN C 208 15.18 -10.25 -16.75
CA ASN C 208 14.64 -11.23 -15.80
C ASN C 208 14.66 -10.69 -14.35
N GLY C 209 14.31 -9.40 -14.20
CA GLY C 209 14.30 -8.69 -12.91
C GLY C 209 15.66 -8.18 -12.48
N GLY C 210 16.70 -8.60 -13.23
CA GLY C 210 18.09 -8.23 -12.99
C GLY C 210 18.84 -8.92 -11.85
N THR C 211 18.14 -9.74 -11.02
CA THR C 211 18.76 -10.41 -9.86
C THR C 211 19.76 -11.50 -10.29
N PHE C 212 19.35 -12.33 -11.26
CA PHE C 212 20.19 -13.36 -11.87
C PHE C 212 19.58 -13.77 -13.21
N GLN C 213 20.39 -14.41 -14.05
CA GLN C 213 19.96 -14.82 -15.39
C GLN C 213 19.62 -16.31 -15.57
N PRO C 214 18.66 -16.61 -16.50
CA PRO C 214 18.31 -18.01 -16.76
C PRO C 214 19.48 -18.78 -17.34
N GLY C 215 19.74 -19.95 -16.77
CA GLY C 215 20.82 -20.84 -17.17
C GLY C 215 22.08 -20.55 -16.38
N CYS C 216 21.97 -19.61 -15.44
CA CYS C 216 23.12 -19.18 -14.69
C CYS C 216 23.10 -19.61 -13.27
N ASN C 217 21.96 -19.46 -12.60
CA ASN C 217 21.89 -19.87 -11.21
C ASN C 217 21.65 -21.38 -11.12
N ILE C 218 21.72 -21.95 -9.92
CA ILE C 218 21.49 -23.38 -9.72
C ILE C 218 19.98 -23.66 -9.60
N GLY C 219 19.29 -22.80 -8.86
CA GLY C 219 17.87 -22.94 -8.56
C GLY C 219 17.73 -23.42 -7.13
N GLU C 220 16.76 -22.87 -6.41
CA GLU C 220 16.47 -23.17 -5.00
C GLU C 220 16.31 -24.67 -4.66
N ALA C 221 15.67 -25.46 -5.55
CA ALA C 221 15.44 -26.90 -5.32
C ALA C 221 16.73 -27.74 -5.26
N ILE C 222 17.64 -27.55 -6.24
CA ILE C 222 18.92 -28.25 -6.30
C ILE C 222 19.80 -27.74 -5.16
N ARG C 223 19.69 -26.42 -4.84
CA ARG C 223 20.41 -25.74 -3.76
C ARG C 223 20.14 -26.41 -2.41
N VAL C 224 18.87 -26.75 -2.14
CA VAL C 224 18.39 -27.39 -0.91
C VAL C 224 18.93 -28.81 -0.82
N ILE C 225 18.83 -29.57 -1.94
CA ILE C 225 19.26 -30.96 -2.06
C ILE C 225 20.79 -31.11 -1.91
N ALA C 226 21.58 -30.19 -2.53
CA ALA C 226 23.05 -30.19 -2.52
C ALA C 226 23.65 -29.95 -1.15
N GLU C 227 22.87 -29.30 -0.26
CA GLU C 227 23.18 -28.96 1.13
C GLU C 227 24.50 -28.16 1.27
N ARG C 228 25.29 -28.51 2.28
CA ARG C 228 26.54 -27.76 2.63
C ARG C 228 27.56 -27.86 1.49
N GLY C 229 27.40 -28.83 0.60
CA GLY C 229 28.38 -29.03 -0.48
C GLY C 229 28.56 -27.83 -1.38
N LEU C 230 27.52 -27.52 -2.17
CA LEU C 230 27.56 -26.44 -3.19
C LEU C 230 27.52 -25.04 -2.59
N GLY C 231 28.19 -24.11 -3.26
CA GLY C 231 28.19 -22.70 -2.94
C GLY C 231 27.57 -21.87 -4.06
N ASP C 232 27.91 -20.57 -4.11
CA ASP C 232 27.43 -19.62 -5.11
C ASP C 232 28.31 -19.70 -6.34
N VAL C 233 28.07 -20.72 -7.18
CA VAL C 233 28.83 -20.99 -8.40
C VAL C 233 28.67 -19.81 -9.41
N ASP C 234 27.45 -19.26 -9.58
CA ASP C 234 27.16 -18.12 -10.48
C ASP C 234 28.07 -16.95 -10.14
N GLN C 235 28.22 -16.64 -8.82
CA GLN C 235 29.07 -15.54 -8.40
C GLN C 235 30.51 -15.77 -8.85
N LEU C 236 31.04 -16.93 -8.49
CA LEU C 236 32.39 -17.36 -8.77
C LEU C 236 32.69 -17.41 -10.25
N VAL C 237 31.85 -18.09 -11.01
CA VAL C 237 31.96 -18.23 -12.47
C VAL C 237 31.64 -16.90 -13.23
N LYS C 238 31.00 -15.90 -12.57
CA LYS C 238 30.61 -14.56 -13.15
C LYS C 238 29.63 -14.67 -14.33
N CYS C 239 28.77 -15.72 -14.45
CA CYS C 239 27.98 -15.80 -15.70
C CYS C 239 26.69 -14.93 -15.76
N SER C 240 25.99 -14.68 -14.63
CA SER C 240 24.88 -13.72 -14.67
C SER C 240 25.44 -12.30 -14.99
N HIS C 241 26.63 -11.97 -14.46
CA HIS C 241 27.38 -10.71 -14.66
C HIS C 241 27.78 -10.54 -16.15
N GLU C 242 28.37 -11.61 -16.74
CA GLU C 242 28.77 -11.63 -18.15
C GLU C 242 27.56 -11.68 -19.11
N ARG C 243 26.34 -12.06 -18.63
CA ARG C 243 25.17 -12.15 -19.48
C ARG C 243 24.87 -10.84 -20.18
N SER C 244 25.08 -9.70 -19.47
CA SER C 244 24.89 -8.34 -20.03
C SER C 244 25.65 -8.19 -21.36
N ILE C 245 26.94 -8.58 -21.40
CA ILE C 245 27.72 -8.48 -22.63
C ILE C 245 27.09 -9.31 -23.74
N HIS C 246 26.69 -10.53 -23.41
CA HIS C 246 26.07 -11.44 -24.36
C HIS C 246 24.75 -10.96 -24.88
N LEU C 247 23.95 -10.35 -24.01
CA LEU C 247 22.67 -9.76 -24.42
C LEU C 247 22.94 -8.63 -25.44
N PHE C 248 23.97 -7.80 -25.17
CA PHE C 248 24.37 -6.73 -26.07
C PHE C 248 24.86 -7.28 -27.41
N ILE C 249 25.77 -8.30 -27.40
CA ILE C 249 26.28 -8.98 -28.61
C ILE C 249 25.10 -9.52 -29.45
N ASP C 250 24.12 -10.15 -28.78
CA ASP C 250 22.93 -10.71 -29.42
C ASP C 250 22.22 -9.61 -30.19
N SER C 251 22.02 -8.45 -29.57
CA SER C 251 21.39 -7.27 -30.19
C SER C 251 22.14 -6.76 -31.44
N LEU C 252 23.47 -6.97 -31.54
CA LEU C 252 24.28 -6.53 -32.67
C LEU C 252 24.19 -7.54 -33.82
N LEU C 253 23.94 -8.80 -33.49
CA LEU C 253 23.84 -9.89 -34.46
C LEU C 253 22.39 -10.13 -34.94
N ASN C 254 21.42 -9.48 -34.28
CA ASN C 254 20.02 -9.62 -34.62
C ASN C 254 19.40 -8.22 -34.75
N GLU C 255 19.93 -7.44 -35.70
CA GLU C 255 19.52 -6.07 -35.98
C GLU C 255 18.01 -5.97 -36.28
N GLU C 256 17.49 -6.94 -37.06
CA GLU C 256 16.09 -6.98 -37.49
C GLU C 256 15.13 -7.53 -36.43
N ASN C 257 15.60 -8.31 -35.45
CA ASN C 257 14.69 -8.81 -34.42
C ASN C 257 15.22 -8.54 -32.99
N PRO C 258 15.08 -7.29 -32.51
CA PRO C 258 15.55 -7.00 -31.15
C PRO C 258 14.57 -7.50 -30.09
N SER C 259 15.05 -7.66 -28.85
CA SER C 259 14.16 -8.00 -27.76
C SER C 259 13.59 -6.68 -27.30
N LYS C 260 12.36 -6.71 -26.81
CA LYS C 260 11.69 -5.53 -26.29
C LYS C 260 11.79 -5.52 -24.77
N ALA C 261 11.98 -4.33 -24.20
CA ALA C 261 12.02 -4.10 -22.74
C ALA C 261 10.77 -3.28 -22.43
N TYR C 262 10.17 -3.47 -21.26
CA TYR C 262 8.92 -2.83 -20.92
C TYR C 262 9.02 -2.06 -19.64
N ARG C 263 8.71 -0.74 -19.69
CA ARG C 263 8.72 0.16 -18.53
C ARG C 263 7.75 -0.36 -17.52
N CYS C 264 8.13 -0.33 -16.23
CA CYS C 264 7.30 -0.90 -15.20
C CYS C 264 7.62 -0.36 -13.81
N SER C 265 6.59 -0.32 -12.93
CA SER C 265 6.71 0.16 -11.55
C SER C 265 7.60 -0.74 -10.71
N SER C 266 7.53 -2.08 -10.96
CA SER C 266 8.30 -3.08 -10.22
C SER C 266 8.42 -4.37 -10.99
N LYS C 267 9.37 -5.25 -10.58
CA LYS C 267 9.55 -6.56 -11.20
C LYS C 267 8.36 -7.44 -10.87
N GLU C 268 7.80 -7.26 -9.67
CA GLU C 268 6.63 -7.96 -9.16
C GLU C 268 5.40 -7.64 -9.99
N ALA C 269 5.22 -6.33 -10.35
CA ALA C 269 4.13 -5.86 -11.22
C ALA C 269 4.30 -6.40 -12.63
N PHE C 270 5.56 -6.37 -13.16
CA PHE C 270 5.90 -6.90 -14.48
C PHE C 270 5.55 -8.39 -14.58
N GLU C 271 5.86 -9.17 -13.51
CA GLU C 271 5.60 -10.60 -13.42
C GLU C 271 4.11 -10.94 -13.41
N LYS C 272 3.28 -9.99 -12.92
CA LYS C 272 1.82 -10.13 -12.94
C LYS C 272 1.24 -9.77 -14.35
N GLY C 273 2.12 -9.42 -15.29
CA GLY C 273 1.77 -9.09 -16.67
C GLY C 273 1.09 -7.75 -16.84
N LEU C 274 1.19 -6.89 -15.84
CA LEU C 274 0.54 -5.57 -15.86
C LEU C 274 1.27 -4.52 -16.71
N CYS C 275 2.58 -4.73 -17.04
CA CYS C 275 3.40 -3.80 -17.83
C CYS C 275 3.75 -4.40 -19.17
N LEU C 276 2.91 -4.22 -20.19
CA LEU C 276 3.22 -4.75 -21.52
C LEU C 276 2.88 -3.75 -22.65
N SER C 277 2.84 -2.45 -22.29
CA SER C 277 2.48 -1.33 -23.17
C SER C 277 3.65 -0.80 -24.02
N CYS C 278 3.31 -0.11 -25.12
CA CYS C 278 4.25 0.51 -26.07
C CYS C 278 3.84 1.94 -26.45
N ARG C 279 2.91 2.51 -25.66
CA ARG C 279 2.40 3.86 -25.81
C ARG C 279 3.30 4.80 -25.06
N LYS C 280 3.65 5.97 -25.66
CA LYS C 280 4.46 7.02 -25.03
C LYS C 280 5.81 6.48 -24.54
N ASN C 281 6.49 5.72 -25.43
CA ASN C 281 7.81 5.09 -25.19
C ASN C 281 7.82 4.14 -23.96
N ARG C 282 6.70 3.42 -23.71
CA ARG C 282 6.61 2.50 -22.57
C ARG C 282 7.38 1.19 -22.83
N CYS C 283 7.78 0.97 -24.07
CA CYS C 283 8.65 -0.13 -24.39
C CYS C 283 9.79 0.40 -25.25
N ASN C 284 10.94 -0.28 -25.21
CA ASN C 284 12.10 0.07 -26.03
C ASN C 284 12.79 -1.21 -26.49
N ASN C 285 13.81 -1.11 -27.34
CA ASN C 285 14.56 -2.29 -27.75
C ASN C 285 15.78 -2.42 -26.89
N LEU C 286 16.06 -3.65 -26.41
CA LEU C 286 17.26 -3.94 -25.63
C LEU C 286 18.44 -3.92 -26.59
N GLY C 287 19.48 -3.19 -26.20
CA GLY C 287 20.72 -3.17 -26.96
C GLY C 287 21.00 -2.04 -27.90
N TYR C 288 21.72 -2.36 -28.98
CA TYR C 288 22.22 -1.41 -29.97
C TYR C 288 21.15 -0.55 -30.57
N GLU C 289 20.07 -1.17 -31.07
CA GLU C 289 18.94 -0.53 -31.72
C GLU C 289 18.01 0.21 -30.72
N ILE C 290 18.48 0.54 -29.50
CA ILE C 290 17.67 1.27 -28.54
C ILE C 290 17.21 2.63 -29.11
N ASN C 291 16.02 3.10 -28.71
CA ASN C 291 15.52 4.42 -29.10
C ASN C 291 15.97 5.37 -28.00
N LYS C 292 16.79 6.38 -28.38
CA LYS C 292 17.46 7.29 -27.47
C LYS C 292 16.52 8.31 -26.82
N VAL C 293 15.64 7.79 -25.97
CA VAL C 293 14.65 8.57 -25.24
C VAL C 293 15.22 8.95 -23.88
N ARG C 294 15.49 10.24 -23.70
CA ARG C 294 16.01 10.76 -22.43
C ARG C 294 14.84 11.32 -21.65
N ALA C 295 14.44 10.64 -20.59
CA ALA C 295 13.27 11.07 -19.79
C ALA C 295 13.66 12.02 -18.65
N LYS C 296 12.64 12.60 -17.95
CA LYS C 296 12.83 13.50 -16.82
C LYS C 296 13.48 12.72 -15.65
N ARG C 297 12.92 11.54 -15.34
CA ARG C 297 13.41 10.60 -14.33
C ARG C 297 13.84 9.27 -14.96
N SER C 298 14.68 8.47 -14.25
CA SER C 298 15.20 7.17 -14.74
C SER C 298 14.13 6.11 -14.96
N SER C 299 14.05 5.53 -16.18
CA SER C 299 13.03 4.52 -16.51
C SER C 299 13.53 3.06 -16.39
N LYS C 300 13.10 2.35 -15.30
CA LYS C 300 13.39 0.92 -15.03
C LYS C 300 12.54 0.05 -16.02
N MET C 301 13.20 -0.75 -16.83
CA MET C 301 12.51 -1.57 -17.83
C MET C 301 12.80 -3.05 -17.66
N TYR C 302 11.76 -3.87 -17.84
CA TYR C 302 11.88 -5.30 -17.62
C TYR C 302 11.57 -6.13 -18.86
N LEU C 303 12.06 -7.40 -18.84
CA LEU C 303 11.84 -8.39 -19.89
C LEU C 303 12.32 -9.74 -19.43
N LYS C 304 11.88 -10.79 -20.12
CA LYS C 304 12.29 -12.16 -19.88
C LYS C 304 13.15 -12.55 -21.06
N THR C 305 14.00 -13.54 -20.88
CA THR C 305 14.91 -14.00 -21.93
C THR C 305 15.05 -15.49 -21.78
N ARG C 306 15.60 -16.13 -22.83
CA ARG C 306 16.02 -17.51 -22.92
C ARG C 306 17.34 -17.67 -22.14
N SER C 307 17.75 -18.93 -21.86
CA SER C 307 19.05 -19.25 -21.22
C SER C 307 20.21 -19.07 -22.20
N GLN C 308 19.96 -19.06 -23.51
CA GLN C 308 21.02 -19.00 -24.53
C GLN C 308 20.67 -18.19 -25.79
N MET C 309 21.70 -17.79 -26.55
CA MET C 309 21.59 -16.99 -27.77
C MET C 309 20.86 -17.73 -28.92
N PRO C 310 19.86 -17.11 -29.64
CA PRO C 310 19.26 -15.76 -29.46
C PRO C 310 18.31 -15.73 -28.25
N TYR C 311 18.46 -14.73 -27.41
CA TYR C 311 17.75 -14.59 -26.15
C TYR C 311 16.29 -14.16 -26.21
N LYS C 312 15.79 -13.66 -27.35
CA LYS C 312 14.39 -13.21 -27.48
C LYS C 312 13.30 -14.25 -27.11
N VAL C 313 12.32 -13.79 -26.31
CA VAL C 313 11.09 -14.50 -25.93
C VAL C 313 9.90 -13.57 -26.22
N PHE C 314 8.70 -14.18 -26.34
CA PHE C 314 7.46 -13.47 -26.60
C PHE C 314 6.68 -13.38 -25.32
N HIS C 315 6.27 -12.16 -24.95
CA HIS C 315 5.54 -11.93 -23.70
C HIS C 315 4.04 -11.79 -23.96
N TYR C 316 3.24 -12.41 -23.08
CA TYR C 316 1.79 -12.40 -23.07
C TYR C 316 1.27 -12.18 -21.69
N GLN C 317 0.25 -11.32 -21.57
CA GLN C 317 -0.48 -11.15 -20.34
C GLN C 317 -1.75 -11.99 -20.54
N VAL C 318 -2.15 -12.75 -19.52
CA VAL C 318 -3.31 -13.60 -19.61
C VAL C 318 -4.21 -13.20 -18.44
N LYS C 319 -5.48 -12.86 -18.76
CA LYS C 319 -6.50 -12.49 -17.78
C LYS C 319 -7.58 -13.59 -17.78
N ILE C 320 -7.94 -14.12 -16.59
CA ILE C 320 -8.98 -15.16 -16.45
C ILE C 320 -9.92 -14.77 -15.30
N HIS C 321 -11.25 -14.83 -15.56
CA HIS C 321 -12.26 -14.63 -14.54
C HIS C 321 -12.72 -16.02 -14.11
N PHE C 322 -12.47 -16.40 -12.85
CA PHE C 322 -12.81 -17.74 -12.37
C PHE C 322 -14.22 -17.77 -11.86
N SER C 323 -15.18 -18.11 -12.72
CA SER C 323 -16.57 -18.12 -12.31
C SER C 323 -17.03 -19.43 -11.68
N GLY C 324 -17.97 -19.34 -10.75
CA GLY C 324 -18.56 -20.49 -10.07
C GLY C 324 -19.83 -20.18 -9.30
N THR C 325 -20.55 -21.23 -8.87
CA THR C 325 -21.81 -21.09 -8.11
C THR C 325 -21.56 -20.94 -6.60
N GLU C 326 -20.67 -21.79 -6.04
CA GLU C 326 -20.33 -21.76 -4.62
C GLU C 326 -18.97 -21.12 -4.38
N SER C 327 -18.90 -20.33 -3.29
CA SER C 327 -17.69 -19.63 -2.88
C SER C 327 -16.63 -20.56 -2.31
N GLU C 328 -15.46 -20.60 -2.97
CA GLU C 328 -14.29 -21.40 -2.59
C GLU C 328 -13.01 -20.61 -2.86
N THR C 329 -12.00 -20.83 -2.00
CA THR C 329 -10.68 -20.20 -2.09
C THR C 329 -9.61 -21.28 -1.97
N HIS C 330 -8.73 -21.31 -2.99
CA HIS C 330 -7.61 -22.25 -3.12
C HIS C 330 -6.30 -21.48 -3.14
N THR C 331 -5.29 -21.97 -2.41
CA THR C 331 -3.98 -21.33 -2.37
C THR C 331 -2.90 -22.16 -3.07
N ASN C 332 -1.97 -21.44 -3.70
CA ASN C 332 -0.81 -21.95 -4.45
C ASN C 332 -1.20 -23.10 -5.38
N GLN C 333 -2.02 -22.76 -6.37
CA GLN C 333 -2.54 -23.68 -7.38
C GLN C 333 -1.69 -23.67 -8.63
N ALA C 334 -1.42 -24.86 -9.18
CA ALA C 334 -0.59 -25.03 -10.36
C ALA C 334 -1.41 -25.31 -11.56
N PHE C 335 -1.05 -24.66 -12.67
CA PHE C 335 -1.76 -24.79 -13.93
C PHE C 335 -0.80 -24.98 -15.07
N GLU C 336 -1.36 -25.30 -16.22
CA GLU C 336 -0.61 -25.45 -17.46
C GLU C 336 -1.43 -24.80 -18.56
N ILE C 337 -0.79 -23.95 -19.33
CA ILE C 337 -1.44 -23.28 -20.45
C ILE C 337 -0.74 -23.64 -21.76
N SER C 338 -1.54 -23.98 -22.78
CA SER C 338 -1.05 -24.39 -24.10
C SER C 338 -1.54 -23.42 -25.13
N LEU C 339 -0.63 -22.83 -25.90
CA LEU C 339 -0.92 -21.82 -26.91
C LEU C 339 -0.71 -22.40 -28.28
N TYR C 340 -1.75 -22.30 -29.15
CA TYR C 340 -1.77 -22.82 -30.52
C TYR C 340 -2.01 -21.69 -31.50
N GLY C 341 -1.01 -21.43 -32.33
CA GLY C 341 -1.11 -20.37 -33.32
C GLY C 341 -1.03 -20.88 -34.74
N THR C 342 -0.97 -19.94 -35.68
CA THR C 342 -0.89 -20.18 -37.11
C THR C 342 0.46 -20.81 -37.51
N VAL C 343 1.57 -20.30 -36.97
CA VAL C 343 2.94 -20.76 -37.26
C VAL C 343 3.35 -22.02 -36.44
N ALA C 344 3.26 -21.92 -35.11
CA ALA C 344 3.66 -23.00 -34.24
C ALA C 344 2.80 -23.05 -32.97
N GLU C 345 3.26 -23.83 -31.98
CA GLU C 345 2.60 -24.01 -30.70
C GLU C 345 3.58 -24.23 -29.56
N SER C 346 3.20 -23.83 -28.35
CA SER C 346 3.97 -24.16 -27.16
C SER C 346 2.99 -24.65 -26.11
N GLU C 347 3.02 -25.99 -25.93
CA GLU C 347 2.16 -26.75 -25.02
C GLU C 347 2.75 -26.81 -23.62
N ASN C 348 1.86 -27.09 -22.65
CA ASN C 348 2.15 -27.31 -21.24
C ASN C 348 3.07 -26.28 -20.59
N ILE C 349 2.85 -25.00 -20.88
CA ILE C 349 3.62 -23.96 -20.22
C ILE C 349 3.10 -23.91 -18.77
N PRO C 350 3.91 -24.29 -17.75
CA PRO C 350 3.42 -24.21 -16.36
C PRO C 350 3.36 -22.76 -15.88
N PHE C 351 2.59 -22.52 -14.82
CA PHE C 351 2.44 -21.29 -14.08
C PHE C 351 1.61 -21.60 -12.85
N THR C 352 1.79 -20.82 -11.79
CA THR C 352 1.01 -21.04 -10.57
C THR C 352 0.35 -19.74 -10.12
N LEU C 353 -0.74 -19.86 -9.36
CA LEU C 353 -1.43 -18.68 -8.83
C LEU C 353 -1.44 -18.76 -7.32
N PRO C 354 -1.01 -17.70 -6.61
CA PRO C 354 -1.02 -17.77 -5.15
C PRO C 354 -2.42 -17.95 -4.56
N GLU C 355 -3.44 -17.38 -5.23
CA GLU C 355 -4.83 -17.47 -4.78
C GLU C 355 -5.80 -17.66 -5.97
N VAL C 356 -6.74 -18.59 -5.84
CA VAL C 356 -7.75 -18.82 -6.86
C VAL C 356 -9.06 -18.80 -6.07
N SER C 357 -9.96 -17.84 -6.42
CA SER C 357 -11.25 -17.65 -5.78
C SER C 357 -12.34 -17.35 -6.79
N THR C 358 -13.57 -17.85 -6.50
CA THR C 358 -14.81 -17.70 -7.27
C THR C 358 -15.19 -16.24 -7.57
N ASN C 359 -15.51 -15.99 -8.83
CA ASN C 359 -15.91 -14.70 -9.41
C ASN C 359 -14.85 -13.59 -9.20
N LYS C 360 -13.56 -13.98 -9.28
CA LYS C 360 -12.42 -13.06 -9.20
C LYS C 360 -11.60 -13.23 -10.46
N THR C 361 -10.93 -12.15 -10.88
CA THR C 361 -10.07 -12.12 -12.06
C THR C 361 -8.61 -12.07 -11.65
N TYR C 362 -7.77 -12.77 -12.44
CA TYR C 362 -6.35 -12.87 -12.19
C TYR C 362 -5.60 -12.67 -13.48
N SER C 363 -4.57 -11.82 -13.41
CA SER C 363 -3.68 -11.48 -14.51
C SER C 363 -2.33 -12.10 -14.22
N PHE C 364 -1.66 -12.64 -15.27
CA PHE C 364 -0.33 -13.23 -15.14
C PHE C 364 0.45 -13.20 -16.45
N LEU C 365 1.79 -13.20 -16.33
CA LEU C 365 2.69 -13.20 -17.47
C LEU C 365 3.02 -14.61 -17.91
N ILE C 366 3.02 -14.83 -19.21
CA ILE C 366 3.36 -16.08 -19.88
C ILE C 366 4.35 -15.66 -20.95
N TYR C 367 5.50 -16.31 -20.98
CA TYR C 367 6.46 -15.99 -22.03
C TYR C 367 6.89 -17.29 -22.72
N THR C 368 7.31 -17.22 -24.00
CA THR C 368 7.74 -18.39 -24.78
C THR C 368 8.77 -18.06 -25.86
N GLU C 369 9.68 -18.99 -26.07
CA GLU C 369 10.73 -18.87 -27.08
C GLU C 369 10.15 -19.01 -28.47
N VAL C 370 9.16 -19.89 -28.61
CA VAL C 370 8.45 -20.21 -29.84
C VAL C 370 7.72 -18.99 -30.44
N ASP C 371 7.92 -18.77 -31.77
CA ASP C 371 7.17 -17.79 -32.55
C ASP C 371 5.94 -18.59 -33.06
N ILE C 372 4.84 -18.56 -32.28
CA ILE C 372 3.61 -19.31 -32.58
C ILE C 372 2.78 -18.70 -33.72
N GLY C 373 3.07 -17.45 -34.07
CA GLY C 373 2.33 -16.71 -35.07
C GLY C 373 1.10 -16.09 -34.46
N GLU C 374 0.00 -16.04 -35.22
CA GLU C 374 -1.28 -15.50 -34.77
C GLU C 374 -2.00 -16.59 -34.00
N LEU C 375 -2.36 -16.28 -32.76
CA LEU C 375 -3.04 -17.16 -31.82
C LEU C 375 -4.43 -17.61 -32.31
N LEU C 376 -4.74 -18.92 -32.16
CA LEU C 376 -6.04 -19.48 -32.57
C LEU C 376 -6.71 -20.20 -31.43
N MET C 377 -5.95 -21.03 -30.72
CA MET C 377 -6.45 -21.87 -29.63
C MET C 377 -5.64 -21.75 -28.37
N LEU C 378 -6.29 -22.05 -27.25
CA LEU C 378 -5.73 -21.96 -25.91
C LEU C 378 -6.30 -23.11 -25.09
N LYS C 379 -5.41 -23.95 -24.51
CA LYS C 379 -5.82 -25.08 -23.66
C LYS C 379 -5.41 -24.78 -22.22
N LEU C 380 -6.32 -24.89 -21.28
CA LEU C 380 -5.97 -24.60 -19.90
C LEU C 380 -6.18 -25.83 -18.99
N LYS C 381 -5.16 -26.22 -18.23
CA LYS C 381 -5.23 -27.39 -17.35
C LYS C 381 -5.04 -26.98 -15.90
N TRP C 382 -5.92 -27.45 -15.01
CA TRP C 382 -5.78 -27.20 -13.57
C TRP C 382 -5.20 -28.49 -12.97
N LYS C 383 -3.93 -28.42 -12.58
CA LYS C 383 -3.12 -29.56 -12.11
C LYS C 383 -3.42 -30.07 -10.72
N SER C 384 -3.44 -31.40 -10.57
CA SER C 384 -3.55 -32.12 -9.28
C SER C 384 -2.41 -33.11 -9.14
N ASP C 385 -1.94 -33.32 -7.90
CA ASP C 385 -0.91 -34.31 -7.61
C ASP C 385 -1.54 -35.58 -6.99
N SER C 386 -2.88 -35.61 -6.84
CA SER C 386 -3.50 -36.81 -6.28
C SER C 386 -3.54 -37.96 -7.27
N TYR C 387 -3.21 -39.15 -6.74
CA TYR C 387 -3.23 -40.39 -7.49
C TYR C 387 -4.65 -40.82 -7.84
N PHE C 388 -5.67 -40.09 -7.33
CA PHE C 388 -7.08 -40.44 -7.57
C PHE C 388 -7.81 -39.52 -8.53
N SER C 389 -7.17 -38.42 -8.89
CA SER C 389 -7.71 -37.35 -9.72
C SER C 389 -8.30 -37.82 -11.03
N TRP C 390 -7.81 -38.96 -11.57
CA TRP C 390 -8.30 -39.56 -12.82
C TRP C 390 -9.74 -40.02 -12.74
N SER C 391 -10.16 -40.48 -11.54
CA SER C 391 -11.46 -41.07 -11.29
C SER C 391 -12.58 -40.05 -11.25
N ASP C 392 -13.75 -40.40 -11.80
CA ASP C 392 -14.92 -39.55 -11.79
C ASP C 392 -15.63 -39.63 -10.45
N TRP C 393 -15.20 -40.55 -9.57
CA TRP C 393 -15.70 -40.75 -8.21
C TRP C 393 -15.06 -39.78 -7.24
N TRP C 394 -13.88 -39.29 -7.63
CA TRP C 394 -13.09 -38.35 -6.87
C TRP C 394 -13.71 -36.95 -7.01
N SER C 395 -14.05 -36.32 -5.88
CA SER C 395 -14.60 -34.96 -5.90
C SER C 395 -13.44 -33.94 -5.99
N SER C 396 -13.46 -33.12 -7.03
CA SER C 396 -12.44 -32.11 -7.29
C SER C 396 -13.09 -30.74 -7.49
N PRO C 397 -12.46 -29.63 -7.02
CA PRO C 397 -13.05 -28.30 -7.27
C PRO C 397 -12.96 -27.94 -8.75
N GLY C 398 -13.88 -27.09 -9.17
CA GLY C 398 -13.96 -26.67 -10.55
C GLY C 398 -14.50 -25.27 -10.71
N PHE C 399 -14.22 -24.66 -11.87
CA PHE C 399 -14.72 -23.33 -12.20
C PHE C 399 -15.23 -23.34 -13.62
N ALA C 400 -16.20 -22.48 -13.87
CA ALA C 400 -16.79 -22.27 -15.18
C ALA C 400 -16.06 -21.07 -15.74
N ILE C 401 -15.43 -21.23 -16.88
CA ILE C 401 -14.70 -20.15 -17.52
C ILE C 401 -15.28 -19.98 -18.90
N GLN C 402 -15.76 -18.78 -19.20
CA GLN C 402 -16.36 -18.45 -20.49
C GLN C 402 -15.31 -17.91 -21.48
N LYS C 403 -14.61 -16.81 -21.08
CA LYS C 403 -13.60 -16.14 -21.90
C LYS C 403 -12.23 -16.08 -21.22
N ILE C 404 -11.18 -15.93 -22.04
CA ILE C 404 -9.80 -15.72 -21.64
C ILE C 404 -9.28 -14.57 -22.51
N ARG C 405 -8.90 -13.47 -21.86
CA ARG C 405 -8.38 -12.30 -22.54
C ARG C 405 -6.84 -12.40 -22.54
N VAL C 406 -6.22 -12.23 -23.71
CA VAL C 406 -4.77 -12.30 -23.90
C VAL C 406 -4.26 -11.04 -24.59
N LYS C 407 -3.17 -10.48 -24.09
CA LYS C 407 -2.54 -9.31 -24.69
C LYS C 407 -1.10 -9.72 -25.02
N ALA C 408 -0.75 -9.69 -26.33
CA ALA C 408 0.58 -10.03 -26.84
C ALA C 408 1.43 -8.75 -26.87
N GLY C 409 2.57 -8.75 -26.16
CA GLY C 409 3.43 -7.57 -26.04
C GLY C 409 4.12 -7.10 -27.31
N GLU C 410 4.69 -8.04 -28.07
CA GLU C 410 5.47 -7.77 -29.28
C GLU C 410 4.64 -7.24 -30.45
N THR C 411 3.41 -7.76 -30.63
CA THR C 411 2.50 -7.36 -31.68
C THR C 411 1.46 -6.33 -31.22
N GLN C 412 1.42 -6.05 -29.89
CA GLN C 412 0.48 -5.10 -29.24
C GLN C 412 -0.97 -5.38 -29.68
N LYS C 413 -1.42 -6.63 -29.46
CA LYS C 413 -2.73 -7.11 -29.86
C LYS C 413 -3.46 -7.68 -28.68
N LYS C 414 -4.75 -7.32 -28.53
CA LYS C 414 -5.63 -7.88 -27.49
C LYS C 414 -6.48 -8.91 -28.21
N VAL C 415 -6.47 -10.13 -27.69
CA VAL C 415 -7.20 -11.26 -28.28
C VAL C 415 -8.12 -11.86 -27.23
N ILE C 416 -9.38 -12.16 -27.62
CA ILE C 416 -10.34 -12.80 -26.72
C ILE C 416 -10.54 -14.21 -27.23
N PHE C 417 -10.49 -15.15 -26.30
CA PHE C 417 -10.68 -16.56 -26.58
C PHE C 417 -11.89 -16.94 -25.80
N CYS C 418 -12.79 -17.64 -26.43
CA CYS C 418 -13.93 -18.03 -25.65
C CYS C 418 -14.27 -19.50 -25.91
N SER C 419 -14.77 -20.14 -24.84
CA SER C 419 -15.16 -21.54 -24.75
C SER C 419 -16.06 -21.99 -25.89
N ARG C 420 -15.81 -23.21 -26.39
CA ARG C 420 -16.57 -23.78 -27.52
C ARG C 420 -18.08 -23.98 -27.20
N GLU C 421 -18.39 -24.42 -25.96
CA GLU C 421 -19.73 -24.56 -25.40
C GLU C 421 -20.03 -23.23 -24.65
N LYS C 422 -21.23 -23.08 -24.05
CA LYS C 422 -21.61 -21.85 -23.30
C LYS C 422 -20.55 -21.47 -22.24
N VAL C 423 -19.96 -22.50 -21.57
CA VAL C 423 -18.95 -22.37 -20.53
C VAL C 423 -18.01 -23.59 -20.55
N SER C 424 -16.69 -23.34 -20.36
CA SER C 424 -15.69 -24.41 -20.26
C SER C 424 -15.48 -24.66 -18.78
N HIS C 425 -15.63 -25.94 -18.38
CA HIS C 425 -15.46 -26.35 -16.99
CA HIS C 425 -15.45 -26.33 -16.98
C HIS C 425 -13.98 -26.69 -16.74
N LEU C 426 -13.35 -26.02 -15.76
CA LEU C 426 -11.96 -26.28 -15.41
C LEU C 426 -11.98 -26.95 -14.07
N GLN C 427 -11.79 -28.28 -14.06
CA GLN C 427 -11.79 -29.04 -12.81
C GLN C 427 -10.39 -29.56 -12.48
N LYS C 428 -9.95 -29.35 -11.23
CA LYS C 428 -8.64 -29.80 -10.74
C LYS C 428 -8.38 -31.27 -11.08
N GLY C 429 -7.26 -31.54 -11.72
CA GLY C 429 -6.82 -32.87 -12.10
C GLY C 429 -7.51 -33.50 -13.29
N LYS C 430 -8.46 -32.77 -13.91
CA LYS C 430 -9.18 -33.31 -15.04
C LYS C 430 -8.66 -32.77 -16.38
N ALA C 431 -9.43 -33.04 -17.44
CA ALA C 431 -9.16 -32.66 -18.82
C ALA C 431 -9.00 -31.13 -18.98
N PRO C 432 -8.22 -30.68 -19.97
CA PRO C 432 -8.07 -29.23 -20.16
C PRO C 432 -9.30 -28.58 -20.77
N ALA C 433 -9.59 -27.36 -20.35
CA ALA C 433 -10.64 -26.48 -20.88
C ALA C 433 -10.12 -25.90 -22.21
N VAL C 434 -10.93 -25.94 -23.28
CA VAL C 434 -10.56 -25.42 -24.60
C VAL C 434 -11.25 -24.11 -24.92
N PHE C 435 -10.48 -23.17 -25.48
CA PHE C 435 -10.97 -21.84 -25.86
C PHE C 435 -10.44 -21.56 -27.25
N VAL C 436 -11.30 -20.96 -28.11
CA VAL C 436 -10.91 -20.61 -29.46
C VAL C 436 -11.08 -19.12 -29.61
N LYS C 437 -10.21 -18.47 -30.41
CA LYS C 437 -10.22 -17.02 -30.68
C LYS C 437 -11.61 -16.57 -31.17
N CYS C 438 -12.12 -15.50 -30.58
CA CYS C 438 -13.39 -14.94 -30.98
C CYS C 438 -13.34 -13.42 -31.20
N HIS C 439 -12.12 -12.83 -31.19
CA HIS C 439 -11.92 -11.38 -31.32
C HIS C 439 -10.43 -11.00 -31.35
N ASP C 440 -10.10 -9.90 -32.06
CA ASP C 440 -8.77 -9.28 -32.22
C ASP C 440 -8.93 -7.79 -31.99
N LYS C 441 -7.83 -7.10 -31.66
CA LYS C 441 -7.81 -5.65 -31.46
C LYS C 441 -6.35 -5.15 -31.48
N SER C 442 -5.96 -4.38 -32.52
CA SER C 442 -4.61 -3.82 -32.59
C SER C 442 -4.54 -2.57 -31.71
N LEU C 443 -3.64 -2.55 -30.73
CA LEU C 443 -3.50 -1.44 -29.81
C LEU C 443 -2.61 -0.30 -30.34
N ASN C 444 -1.89 -0.54 -31.48
CA ASN C 444 -1.02 0.44 -32.16
C ASN C 444 0.04 1.11 -31.25
N GLN D 3 -34.00 -59.33 24.65
CA GLN D 3 -33.25 -60.45 24.10
C GLN D 3 -32.71 -60.15 22.68
N ARG D 4 -31.98 -61.13 22.08
CA ARG D 4 -31.33 -61.05 20.77
C ARG D 4 -32.18 -60.45 19.66
N ARG D 5 -33.48 -60.75 19.68
CA ARG D 5 -34.52 -60.31 18.74
C ARG D 5 -34.53 -58.79 18.56
N ASP D 6 -34.30 -58.01 19.63
CA ASP D 6 -34.35 -56.54 19.61
C ASP D 6 -33.01 -55.90 19.17
N PHE D 7 -32.07 -56.74 18.76
CA PHE D 7 -30.74 -56.29 18.40
C PHE D 7 -30.25 -56.82 17.06
N ILE D 8 -30.88 -57.87 16.49
CA ILE D 8 -30.40 -58.46 15.22
C ILE D 8 -30.25 -57.44 14.05
N ASP D 9 -30.95 -56.28 14.12
CA ASP D 9 -30.81 -55.22 13.11
C ASP D 9 -29.44 -54.49 13.20
N ILE D 10 -28.70 -54.60 14.33
CA ILE D 10 -27.34 -54.04 14.52
C ILE D 10 -26.39 -54.88 13.67
N GLU D 11 -25.89 -54.26 12.60
CA GLU D 11 -24.95 -54.82 11.64
C GLU D 11 -23.53 -54.85 12.21
N SER D 12 -23.13 -53.87 13.07
CA SER D 12 -21.77 -53.85 13.62
C SER D 12 -21.51 -55.00 14.59
N LYS D 13 -20.25 -55.43 14.67
CA LYS D 13 -19.83 -56.48 15.59
C LYS D 13 -18.86 -55.89 16.63
N PHE D 14 -18.82 -56.47 17.84
CA PHE D 14 -17.99 -55.94 18.92
C PHE D 14 -17.08 -57.03 19.51
N ALA D 15 -15.79 -57.00 19.20
CA ALA D 15 -14.86 -58.00 19.72
C ALA D 15 -14.14 -57.54 20.96
N LEU D 16 -14.09 -58.42 21.96
CA LEU D 16 -13.36 -58.09 23.17
C LEU D 16 -12.00 -58.71 22.96
N ARG D 17 -11.09 -57.91 22.41
CA ARG D 17 -9.71 -58.34 22.16
C ARG D 17 -8.94 -58.47 23.51
N THR D 18 -7.92 -59.33 23.58
CA THR D 18 -7.23 -59.59 24.86
C THR D 18 -5.77 -59.14 24.88
N PRO D 19 -5.13 -59.02 26.10
CA PRO D 19 -3.71 -58.62 26.13
C PRO D 19 -2.81 -59.63 25.45
N GLU D 20 -3.28 -60.88 25.28
CA GLU D 20 -2.45 -61.93 24.66
C GLU D 20 -2.85 -62.21 23.21
N ASP D 21 -4.14 -61.97 22.85
CA ASP D 21 -4.70 -62.10 21.49
C ASP D 21 -5.18 -60.71 21.06
N THR D 22 -4.26 -59.95 20.43
CA THR D 22 -4.49 -58.55 20.04
C THR D 22 -4.87 -58.30 18.57
N ALA D 23 -4.52 -59.20 17.65
CA ALA D 23 -4.78 -59.00 16.22
C ALA D 23 -6.09 -59.61 15.71
N GLU D 24 -6.69 -60.51 16.49
CA GLU D 24 -7.89 -61.20 16.05
C GLU D 24 -9.14 -60.89 16.85
N ASP D 25 -10.29 -60.91 16.16
CA ASP D 25 -11.60 -60.74 16.74
C ASP D 25 -12.04 -62.17 17.13
N THR D 26 -11.41 -62.73 18.17
CA THR D 26 -11.71 -64.09 18.62
C THR D 26 -13.09 -64.16 19.27
N CYS D 27 -13.25 -63.41 20.38
CA CYS D 27 -14.44 -63.38 21.20
C CYS D 27 -15.33 -62.18 20.88
N HIS D 28 -16.62 -62.41 20.67
CA HIS D 28 -17.56 -61.32 20.38
C HIS D 28 -18.57 -61.09 21.50
N LEU D 29 -18.88 -59.82 21.72
CA LEU D 29 -19.90 -59.43 22.66
C LEU D 29 -21.13 -59.21 21.80
N ILE D 30 -22.10 -60.14 21.90
CA ILE D 30 -23.34 -60.12 21.16
C ILE D 30 -24.43 -59.36 21.92
N PRO D 31 -24.86 -58.18 21.35
CA PRO D 31 -25.92 -57.38 22.00
C PRO D 31 -27.17 -58.19 22.18
N GLY D 32 -27.72 -58.18 23.38
CA GLY D 32 -28.90 -58.95 23.73
C GLY D 32 -28.60 -60.34 24.28
N VAL D 33 -27.33 -60.79 24.23
CA VAL D 33 -26.93 -62.11 24.74
C VAL D 33 -26.01 -61.84 25.89
N ALA D 34 -26.55 -61.70 27.10
CA ALA D 34 -25.79 -61.42 28.32
C ALA D 34 -24.71 -62.46 28.63
N GLU D 35 -24.94 -63.71 28.24
CA GLU D 35 -24.01 -64.79 28.53
C GLU D 35 -22.72 -64.68 27.72
N SER D 36 -22.74 -63.92 26.57
CA SER D 36 -21.56 -63.68 25.69
C SER D 36 -20.49 -62.82 26.38
N VAL D 37 -20.93 -61.93 27.32
CA VAL D 37 -20.11 -61.04 28.13
C VAL D 37 -19.24 -61.87 29.08
N ALA D 38 -19.84 -62.93 29.71
CA ALA D 38 -19.09 -63.81 30.59
C ALA D 38 -18.14 -64.69 29.78
N THR D 39 -18.61 -65.12 28.59
CA THR D 39 -17.84 -65.95 27.66
C THR D 39 -16.50 -65.28 27.30
N CYS D 40 -16.56 -63.97 27.08
CA CYS D 40 -15.44 -63.15 26.72
C CYS D 40 -14.60 -62.67 27.89
N HIS D 41 -15.11 -62.81 29.11
CA HIS D 41 -14.38 -62.45 30.34
C HIS D 41 -14.22 -60.95 30.51
N PHE D 42 -15.22 -60.18 30.09
CA PHE D 42 -15.30 -58.74 30.30
C PHE D 42 -15.24 -58.50 31.81
N ASN D 43 -14.26 -57.68 32.29
CA ASN D 43 -14.08 -57.34 33.69
C ASN D 43 -14.98 -56.16 33.94
N HIS D 44 -15.98 -56.34 34.80
CA HIS D 44 -16.95 -55.31 35.21
C HIS D 44 -16.33 -54.23 36.10
N SER D 45 -15.22 -54.57 36.78
CA SER D 45 -14.46 -53.71 37.68
C SER D 45 -13.66 -52.65 36.92
N SER D 46 -13.12 -53.03 35.74
CA SER D 46 -12.27 -52.21 34.91
C SER D 46 -12.98 -51.36 33.85
N LYS D 47 -12.25 -50.35 33.34
CA LYS D 47 -12.64 -49.39 32.31
C LYS D 47 -12.69 -50.01 30.91
N THR D 48 -13.35 -49.33 29.98
CA THR D 48 -13.52 -49.86 28.64
C THR D 48 -13.10 -48.88 27.60
N PHE D 49 -12.36 -49.38 26.60
CA PHE D 49 -11.91 -48.64 25.47
C PHE D 49 -12.60 -49.25 24.25
N MET D 50 -13.20 -48.40 23.40
CA MET D 50 -13.82 -48.85 22.18
C MET D 50 -13.08 -48.26 20.99
N VAL D 51 -12.35 -49.12 20.27
CA VAL D 51 -11.58 -48.75 19.08
C VAL D 51 -12.52 -48.83 17.90
N ILE D 52 -12.76 -47.68 17.24
CA ILE D 52 -13.67 -47.56 16.08
C ILE D 52 -12.86 -47.12 14.86
N HIS D 53 -12.62 -48.05 13.90
CA HIS D 53 -11.85 -47.82 12.68
C HIS D 53 -12.54 -46.80 11.74
N GLY D 54 -11.90 -46.46 10.64
CA GLY D 54 -12.45 -45.52 9.69
C GLY D 54 -12.73 -46.16 8.34
N TRP D 55 -12.62 -45.34 7.29
CA TRP D 55 -12.85 -45.74 5.91
C TRP D 55 -11.77 -46.68 5.43
N THR D 56 -12.14 -47.58 4.50
CA THR D 56 -11.28 -48.63 3.98
C THR D 56 -11.68 -49.07 2.56
N VAL D 57 -10.72 -49.18 1.65
CA VAL D 57 -10.97 -49.69 0.30
C VAL D 57 -10.89 -51.25 0.31
N THR D 58 -10.32 -51.86 1.38
CA THR D 58 -10.08 -53.30 1.44
C THR D 58 -11.08 -54.12 2.24
N GLY D 59 -11.64 -53.54 3.32
CA GLY D 59 -12.57 -54.25 4.19
C GLY D 59 -11.86 -55.08 5.25
N MET D 60 -10.55 -54.86 5.41
CA MET D 60 -9.72 -55.53 6.44
C MET D 60 -9.26 -54.48 7.45
N TYR D 61 -8.99 -54.90 8.68
CA TYR D 61 -8.46 -54.01 9.68
C TYR D 61 -7.02 -53.67 9.25
N GLU D 62 -6.62 -52.39 9.39
CA GLU D 62 -5.29 -51.94 9.06
C GLU D 62 -4.30 -52.42 10.10
N SER D 63 -3.01 -52.29 9.81
CA SER D 63 -1.88 -52.69 10.66
C SER D 63 -1.86 -52.01 12.05
N TRP D 64 -2.47 -50.82 12.17
CA TRP D 64 -2.45 -50.09 13.43
C TRP D 64 -3.38 -50.67 14.49
N VAL D 65 -4.43 -51.41 14.06
CA VAL D 65 -5.42 -51.95 14.97
C VAL D 65 -4.76 -52.86 16.04
N PRO D 66 -3.94 -53.89 15.74
CA PRO D 66 -3.31 -54.65 16.84
C PRO D 66 -2.35 -53.78 17.65
N LYS D 67 -1.64 -52.83 17.00
CA LYS D 67 -0.69 -51.94 17.68
C LYS D 67 -1.37 -51.12 18.77
N LEU D 68 -2.56 -50.53 18.47
CA LEU D 68 -3.33 -49.73 19.40
C LEU D 68 -3.84 -50.56 20.54
N VAL D 69 -4.46 -51.70 20.23
CA VAL D 69 -4.99 -52.66 21.23
C VAL D 69 -3.85 -53.06 22.20
N ALA D 70 -2.68 -53.48 21.64
CA ALA D 70 -1.49 -53.87 22.39
C ALA D 70 -1.01 -52.76 23.34
N ALA D 71 -1.00 -51.50 22.89
CA ALA D 71 -0.56 -50.38 23.70
C ALA D 71 -1.55 -50.05 24.82
N LEU D 72 -2.86 -50.18 24.58
CA LEU D 72 -3.89 -49.92 25.60
C LEU D 72 -3.77 -50.96 26.70
N TYR D 73 -3.43 -52.19 26.35
CA TYR D 73 -3.24 -53.27 27.31
C TYR D 73 -1.89 -53.21 28.00
N LYS D 74 -0.92 -52.47 27.46
CA LYS D 74 0.40 -52.32 28.11
C LYS D 74 0.22 -51.27 29.21
N ARG D 75 -0.44 -50.16 28.87
CA ARG D 75 -0.72 -49.03 29.72
C ARG D 75 -1.77 -49.33 30.76
N GLU D 76 -2.86 -50.06 30.38
CA GLU D 76 -4.00 -50.41 31.23
C GLU D 76 -4.23 -51.95 31.17
N PRO D 77 -3.42 -52.75 31.90
CA PRO D 77 -3.52 -54.22 31.73
C PRO D 77 -4.80 -54.90 32.21
N ASP D 78 -5.61 -54.23 33.03
CA ASP D 78 -6.83 -54.85 33.55
C ASP D 78 -8.11 -54.38 32.85
N SER D 79 -8.02 -53.39 31.93
CA SER D 79 -9.16 -52.86 31.18
C SER D 79 -9.75 -53.83 30.14
N ASN D 80 -10.84 -53.37 29.46
CA ASN D 80 -11.52 -54.12 28.40
C ASN D 80 -11.33 -53.31 27.13
N VAL D 81 -10.70 -53.92 26.11
CA VAL D 81 -10.49 -53.22 24.87
C VAL D 81 -11.38 -53.90 23.84
N ILE D 82 -12.45 -53.18 23.46
CA ILE D 82 -13.40 -53.63 22.45
C ILE D 82 -13.10 -52.99 21.09
N VAL D 83 -12.97 -53.85 20.06
CA VAL D 83 -12.79 -53.41 18.67
C VAL D 83 -14.13 -53.51 17.97
N VAL D 84 -14.61 -52.39 17.39
CA VAL D 84 -15.88 -52.31 16.69
C VAL D 84 -15.65 -52.62 15.21
N ASP D 85 -16.37 -53.64 14.68
CA ASP D 85 -16.31 -54.03 13.29
C ASP D 85 -17.48 -53.41 12.49
N TRP D 86 -17.17 -52.48 11.58
CA TRP D 86 -18.15 -51.93 10.65
C TRP D 86 -17.55 -51.88 9.25
N LEU D 87 -16.65 -52.84 9.01
CA LEU D 87 -15.87 -53.02 7.79
C LEU D 87 -16.68 -53.04 6.51
N SER D 88 -17.89 -53.65 6.48
CA SER D 88 -18.71 -53.71 5.26
C SER D 88 -19.21 -52.30 4.86
N ARG D 89 -19.75 -51.59 5.84
CA ARG D 89 -20.22 -50.24 5.67
C ARG D 89 -19.08 -49.26 5.48
N ALA D 90 -17.90 -49.57 6.03
CA ALA D 90 -16.71 -48.74 5.91
C ALA D 90 -16.00 -48.93 4.57
N GLN D 91 -16.48 -49.89 3.79
CA GLN D 91 -15.84 -50.25 2.51
C GLN D 91 -16.67 -49.79 1.30
N GLU D 92 -17.55 -48.83 1.48
CA GLU D 92 -18.33 -48.31 0.35
C GLU D 92 -17.63 -47.12 -0.31
N HIS D 93 -18.26 -46.48 -1.32
CA HIS D 93 -17.75 -45.26 -1.94
C HIS D 93 -17.83 -44.23 -0.80
N TYR D 94 -16.77 -43.43 -0.62
CA TYR D 94 -16.65 -42.50 0.50
C TYR D 94 -17.93 -41.79 0.97
N PRO D 95 -18.74 -41.07 0.12
CA PRO D 95 -19.88 -40.34 0.71
C PRO D 95 -20.97 -41.24 1.21
N VAL D 96 -20.97 -42.50 0.75
CA VAL D 96 -21.93 -43.51 1.21
C VAL D 96 -21.48 -43.98 2.58
N SER D 97 -20.16 -44.32 2.70
CA SER D 97 -19.55 -44.73 3.97
C SER D 97 -19.69 -43.62 5.02
N ALA D 98 -19.62 -42.34 4.58
CA ALA D 98 -19.77 -41.19 5.47
C ALA D 98 -21.19 -41.08 5.96
N GLY D 99 -22.15 -41.52 5.13
CA GLY D 99 -23.56 -41.61 5.49
C GLY D 99 -23.79 -42.60 6.62
N TYR D 100 -23.18 -43.80 6.48
CA TYR D 100 -23.26 -44.88 7.47
C TYR D 100 -22.74 -44.54 8.86
N THR D 101 -22.03 -43.41 9.06
CA THR D 101 -21.55 -43.04 10.40
C THR D 101 -22.73 -42.87 11.35
N LYS D 102 -23.91 -42.42 10.85
CA LYS D 102 -25.17 -42.28 11.62
C LYS D 102 -25.62 -43.64 12.17
N LEU D 103 -25.65 -44.67 11.29
CA LEU D 103 -26.00 -46.06 11.62
C LEU D 103 -25.02 -46.73 12.56
N VAL D 104 -23.71 -46.57 12.32
CA VAL D 104 -22.66 -47.13 13.18
C VAL D 104 -22.70 -46.45 14.54
N GLY D 105 -22.94 -45.13 14.55
CA GLY D 105 -23.09 -44.34 15.77
C GLY D 105 -24.22 -44.91 16.58
N GLN D 106 -25.37 -45.18 15.91
CA GLN D 106 -26.55 -45.79 16.55
C GLN D 106 -26.24 -47.20 17.09
N ASP D 107 -25.57 -48.07 16.29
CA ASP D 107 -25.21 -49.45 16.70
C ASP D 107 -24.40 -49.42 18.00
N VAL D 108 -23.34 -48.57 18.03
CA VAL D 108 -22.46 -48.43 19.19
C VAL D 108 -23.26 -47.96 20.42
N ALA D 109 -24.10 -46.90 20.26
CA ALA D 109 -24.87 -46.34 21.36
C ALA D 109 -25.80 -47.41 21.93
N ARG D 110 -26.48 -48.17 21.07
CA ARG D 110 -27.37 -49.24 21.50
C ARG D 110 -26.61 -50.29 22.27
N PHE D 111 -25.40 -50.66 21.82
CA PHE D 111 -24.55 -51.63 22.51
C PHE D 111 -24.15 -51.13 23.88
N ILE D 112 -23.72 -49.85 23.97
CA ILE D 112 -23.31 -49.21 25.22
C ILE D 112 -24.51 -49.16 26.19
N ASN D 113 -25.67 -48.66 25.70
CA ASN D 113 -26.92 -48.58 26.45
C ASN D 113 -27.38 -49.96 26.95
N TRP D 114 -27.09 -51.03 26.21
CA TRP D 114 -27.43 -52.38 26.61
C TRP D 114 -26.56 -52.81 27.78
N MET D 115 -25.27 -52.55 27.70
CA MET D 115 -24.28 -52.89 28.72
C MET D 115 -24.63 -52.23 30.03
N GLU D 116 -25.14 -50.98 29.98
CA GLU D 116 -25.53 -50.16 31.09
C GLU D 116 -26.86 -50.65 31.67
N GLU D 117 -27.83 -51.03 30.83
CA GLU D 117 -29.11 -51.54 31.29
C GLU D 117 -28.96 -52.93 31.88
N GLU D 118 -28.33 -53.85 31.15
CA GLU D 118 -28.19 -55.25 31.53
C GLU D 118 -27.25 -55.51 32.68
N PHE D 119 -26.10 -54.80 32.72
CA PHE D 119 -25.08 -55.05 33.75
C PHE D 119 -24.83 -53.90 34.69
N ASN D 120 -25.55 -52.79 34.49
CA ASN D 120 -25.42 -51.55 35.26
C ASN D 120 -23.96 -51.05 35.24
N TYR D 121 -23.31 -51.25 34.08
CA TYR D 121 -21.95 -50.84 33.81
C TYR D 121 -21.95 -49.32 33.62
N PRO D 122 -21.06 -48.61 34.35
CA PRO D 122 -21.07 -47.15 34.23
C PRO D 122 -20.43 -46.64 32.96
N LEU D 123 -21.10 -45.68 32.31
CA LEU D 123 -20.65 -45.00 31.09
C LEU D 123 -19.48 -44.05 31.39
N ASP D 124 -19.30 -43.70 32.68
CA ASP D 124 -18.17 -42.88 33.16
C ASP D 124 -16.88 -43.72 33.04
N ASN D 125 -17.01 -45.05 32.78
CA ASN D 125 -15.85 -45.93 32.58
C ASN D 125 -15.55 -46.19 31.08
N VAL D 126 -16.30 -45.53 30.18
CA VAL D 126 -16.18 -45.72 28.73
C VAL D 126 -15.36 -44.61 28.02
N HIS D 127 -14.32 -45.05 27.28
CA HIS D 127 -13.43 -44.25 26.46
C HIS D 127 -13.52 -44.71 24.97
N LEU D 128 -13.99 -43.80 24.09
CA LEU D 128 -14.15 -44.07 22.68
C LEU D 128 -12.99 -43.47 21.88
N LEU D 129 -12.29 -44.33 21.10
CA LEU D 129 -11.17 -43.92 20.25
C LEU D 129 -11.57 -44.19 18.83
N GLY D 130 -11.84 -43.12 18.09
CA GLY D 130 -12.27 -43.22 16.71
C GLY D 130 -11.27 -42.62 15.75
N TYR D 131 -10.92 -43.40 14.71
CA TYR D 131 -9.96 -42.97 13.69
C TYR D 131 -10.70 -42.65 12.44
N SER D 132 -10.33 -41.54 11.74
CA SER D 132 -10.98 -41.19 10.46
C SER D 132 -12.58 -41.10 10.61
N LEU D 133 -13.39 -41.93 9.91
CA LEU D 133 -14.87 -41.91 10.01
C LEU D 133 -15.30 -42.45 11.39
N GLY D 134 -14.42 -43.22 12.06
CA GLY D 134 -14.64 -43.73 13.39
C GLY D 134 -14.87 -42.58 14.34
N ALA D 135 -14.00 -41.56 14.29
CA ALA D 135 -14.16 -40.36 15.11
C ALA D 135 -15.59 -39.81 15.11
N HIS D 136 -16.25 -39.74 13.92
CA HIS D 136 -17.62 -39.22 13.82
C HIS D 136 -18.64 -40.27 14.24
N ALA D 137 -18.40 -41.57 13.92
CA ALA D 137 -19.26 -42.66 14.39
C ALA D 137 -19.26 -42.62 15.94
N ALA D 138 -18.07 -42.39 16.58
CA ALA D 138 -17.90 -42.22 18.01
C ALA D 138 -18.69 -41.02 18.54
N GLY D 139 -18.63 -39.90 17.82
CA GLY D 139 -19.35 -38.67 18.18
C GLY D 139 -20.85 -38.87 18.18
N ILE D 140 -21.37 -39.50 17.12
CA ILE D 140 -22.80 -39.79 17.00
C ILE D 140 -23.23 -40.75 18.14
N ALA D 141 -22.42 -41.81 18.41
CA ALA D 141 -22.65 -42.79 19.46
C ALA D 141 -22.77 -42.07 20.80
N GLY D 142 -21.83 -41.16 21.08
CA GLY D 142 -21.79 -40.40 22.32
C GLY D 142 -23.01 -39.52 22.48
N SER D 143 -23.48 -38.92 21.37
CA SER D 143 -24.64 -38.05 21.39
C SER D 143 -25.93 -38.83 21.54
N LEU D 144 -25.91 -40.17 21.39
CA LEU D 144 -27.12 -41.01 21.53
C LEU D 144 -27.16 -41.91 22.80
N THR D 145 -26.10 -41.96 23.61
CA THR D 145 -26.16 -42.79 24.82
C THR D 145 -27.05 -42.14 25.92
N ASN D 146 -27.61 -42.99 26.84
CA ASN D 146 -28.48 -42.58 27.94
C ASN D 146 -27.86 -41.55 28.84
N LYS D 147 -26.59 -41.78 29.16
CA LYS D 147 -25.74 -40.89 29.96
C LYS D 147 -24.49 -40.53 29.11
N LYS D 148 -23.70 -39.51 29.54
CA LYS D 148 -22.52 -39.13 28.79
C LYS D 148 -21.35 -40.05 29.09
N VAL D 149 -20.64 -40.42 28.01
CA VAL D 149 -19.45 -41.25 28.13
C VAL D 149 -18.33 -40.36 28.61
N ASN D 150 -17.38 -40.96 29.32
CA ASN D 150 -16.29 -40.25 29.93
C ASN D 150 -15.42 -39.44 28.95
N ARG D 151 -14.99 -40.09 27.84
CA ARG D 151 -14.04 -39.49 26.92
C ARG D 151 -14.17 -40.03 25.51
N ILE D 152 -13.87 -39.16 24.51
CA ILE D 152 -13.78 -39.50 23.11
C ILE D 152 -12.50 -38.91 22.56
N THR D 153 -11.66 -39.76 21.97
CA THR D 153 -10.42 -39.31 21.31
C THR D 153 -10.67 -39.41 19.81
N GLY D 154 -10.45 -38.31 19.12
CA GLY D 154 -10.61 -38.24 17.68
C GLY D 154 -9.24 -38.29 17.07
N LEU D 155 -8.96 -39.35 16.30
CA LEU D 155 -7.67 -39.50 15.64
C LEU D 155 -7.84 -39.19 14.15
N ASP D 156 -7.34 -38.02 13.74
CA ASP D 156 -7.51 -37.38 12.42
C ASP D 156 -8.95 -37.61 11.88
N PRO D 157 -9.97 -36.95 12.47
CA PRO D 157 -11.36 -37.17 12.00
C PRO D 157 -11.53 -36.78 10.53
N ALA D 158 -12.34 -37.56 9.83
CA ALA D 158 -12.62 -37.33 8.40
C ALA D 158 -13.12 -35.91 8.15
N GLY D 159 -12.55 -35.30 7.14
CA GLY D 159 -12.88 -33.94 6.76
C GLY D 159 -13.94 -33.84 5.69
N PRO D 160 -13.81 -34.57 4.53
CA PRO D 160 -14.83 -34.46 3.47
C PRO D 160 -16.24 -34.81 3.95
N ASN D 161 -17.18 -33.88 3.72
CA ASN D 161 -18.60 -33.96 4.13
C ASN D 161 -18.81 -33.80 5.63
N PHE D 162 -17.77 -33.39 6.38
CA PHE D 162 -17.90 -33.20 7.83
C PHE D 162 -17.49 -31.83 8.27
N GLU D 163 -16.58 -31.19 7.50
CA GLU D 163 -16.07 -29.84 7.77
C GLU D 163 -17.24 -28.87 8.01
N TYR D 164 -18.29 -28.99 7.18
CA TYR D 164 -19.43 -28.11 7.26
C TYR D 164 -20.68 -28.79 7.80
N ALA D 165 -20.52 -30.00 8.37
CA ALA D 165 -21.64 -30.71 8.99
C ALA D 165 -21.96 -30.05 10.35
N GLU D 166 -23.22 -30.12 10.78
CA GLU D 166 -23.63 -29.58 12.07
C GLU D 166 -23.28 -30.57 13.20
N ALA D 167 -23.07 -30.06 14.43
CA ALA D 167 -22.71 -30.86 15.61
C ALA D 167 -23.40 -32.25 15.74
N PRO D 168 -24.72 -32.46 15.50
CA PRO D 168 -25.27 -33.83 15.65
C PRO D 168 -24.82 -34.88 14.60
N SER D 169 -24.33 -34.44 13.44
CA SER D 169 -23.93 -35.32 12.34
C SER D 169 -22.45 -35.67 12.29
N ARG D 170 -21.65 -35.01 13.15
CA ARG D 170 -20.21 -35.19 13.24
C ARG D 170 -19.78 -35.16 14.72
N LEU D 171 -18.48 -35.45 15.00
CA LEU D 171 -17.93 -35.34 16.34
C LEU D 171 -17.92 -33.84 16.72
N SER D 172 -18.33 -33.54 17.97
CA SER D 172 -18.44 -32.20 18.56
C SER D 172 -18.24 -32.29 20.08
N PRO D 173 -17.94 -31.20 20.84
CA PRO D 173 -17.63 -31.36 22.28
C PRO D 173 -18.77 -31.83 23.17
N ASP D 174 -20.01 -31.70 22.72
CA ASP D 174 -21.16 -32.13 23.50
C ASP D 174 -21.33 -33.66 23.49
N ASP D 175 -20.58 -34.37 22.62
CA ASP D 175 -20.69 -35.81 22.45
C ASP D 175 -20.14 -36.65 23.61
N ALA D 176 -19.33 -36.09 24.50
CA ALA D 176 -18.82 -36.81 25.67
C ALA D 176 -18.47 -35.81 26.79
N ASP D 177 -18.04 -36.32 27.97
CA ASP D 177 -17.61 -35.42 29.04
C ASP D 177 -16.34 -34.71 28.59
N PHE D 178 -15.46 -35.43 27.90
CA PHE D 178 -14.25 -34.84 27.38
C PHE D 178 -13.93 -35.35 25.97
N VAL D 179 -13.74 -34.41 25.02
CA VAL D 179 -13.40 -34.70 23.64
C VAL D 179 -12.04 -34.10 23.29
N ASP D 180 -11.03 -34.95 23.07
CA ASP D 180 -9.68 -34.56 22.63
C ASP D 180 -9.48 -35.00 21.19
N VAL D 181 -8.89 -34.13 20.37
CA VAL D 181 -8.74 -34.40 18.94
C VAL D 181 -7.32 -34.10 18.38
N LEU D 182 -6.71 -35.03 17.64
CA LEU D 182 -5.40 -34.84 17.01
C LEU D 182 -5.64 -34.64 15.55
N HIS D 183 -5.23 -33.53 15.00
CA HIS D 183 -5.42 -33.24 13.60
C HIS D 183 -4.04 -33.34 13.00
N THR D 184 -3.75 -34.38 12.18
CA THR D 184 -2.41 -34.59 11.65
C THR D 184 -2.28 -34.54 10.14
N PHE D 185 -3.39 -34.41 9.39
CA PHE D 185 -3.32 -34.33 7.92
C PHE D 185 -4.42 -33.42 7.34
N THR D 186 -4.31 -32.13 7.65
CA THR D 186 -5.29 -31.12 7.27
C THR D 186 -4.93 -30.35 5.98
N ARG D 187 -3.91 -30.83 5.24
CA ARG D 187 -3.42 -30.24 3.98
C ARG D 187 -4.59 -30.12 2.99
N GLY D 188 -4.72 -28.96 2.32
CA GLY D 188 -5.79 -28.71 1.35
C GLY D 188 -6.74 -27.59 1.68
N SER D 189 -7.66 -27.30 0.76
CA SER D 189 -8.72 -26.26 0.93
C SER D 189 -9.72 -26.72 1.97
N PRO D 190 -10.45 -25.80 2.67
CA PRO D 190 -11.43 -26.26 3.69
C PRO D 190 -12.52 -27.12 3.09
N GLY D 191 -12.76 -28.26 3.77
CA GLY D 191 -13.69 -29.29 3.36
C GLY D 191 -13.16 -30.17 2.25
N ARG D 192 -11.91 -29.93 1.82
CA ARG D 192 -11.23 -30.69 0.78
C ARG D 192 -9.95 -31.41 1.31
N SER D 193 -9.61 -31.20 2.60
CA SER D 193 -8.53 -31.89 3.27
C SER D 193 -9.07 -33.28 3.66
N ILE D 194 -8.19 -34.30 3.93
CA ILE D 194 -8.60 -35.65 4.37
C ILE D 194 -8.94 -35.62 5.87
N GLY D 195 -8.15 -34.88 6.64
CA GLY D 195 -8.41 -34.62 8.05
C GLY D 195 -9.21 -33.33 8.20
N ILE D 196 -10.18 -33.29 9.14
CA ILE D 196 -11.01 -32.11 9.45
C ILE D 196 -10.11 -30.96 9.96
N GLN D 197 -10.38 -29.70 9.50
CA GLN D 197 -9.56 -28.55 9.85
C GLN D 197 -10.03 -27.82 11.13
N LYS D 198 -11.35 -27.63 11.25
CA LYS D 198 -11.96 -26.95 12.38
C LYS D 198 -11.83 -27.72 13.67
N PRO D 199 -11.73 -27.01 14.83
CA PRO D 199 -11.70 -27.72 16.13
C PRO D 199 -13.05 -28.36 16.42
N VAL D 200 -13.04 -29.60 16.90
CA VAL D 200 -14.29 -30.35 17.16
C VAL D 200 -14.33 -30.90 18.57
N GLY D 201 -13.34 -30.57 19.38
CA GLY D 201 -13.30 -31.07 20.75
C GLY D 201 -13.16 -29.94 21.76
N HIS D 202 -12.87 -30.33 23.01
CA HIS D 202 -12.54 -29.43 24.10
C HIS D 202 -11.08 -28.99 23.90
N VAL D 203 -10.21 -29.95 23.49
CA VAL D 203 -8.80 -29.75 23.16
C VAL D 203 -8.60 -30.30 21.74
N ASP D 204 -7.96 -29.50 20.88
CA ASP D 204 -7.65 -29.84 19.50
C ASP D 204 -6.17 -29.58 19.26
N ILE D 205 -5.42 -30.66 19.18
CA ILE D 205 -3.98 -30.62 18.97
C ILE D 205 -3.68 -30.79 17.50
N TYR D 206 -2.81 -29.92 16.99
CA TYR D 206 -2.38 -29.87 15.60
C TYR D 206 -0.87 -30.16 15.56
N PRO D 207 -0.43 -31.44 15.65
CA PRO D 207 1.02 -31.71 15.60
C PRO D 207 1.61 -31.23 14.30
N ASN D 208 2.71 -30.43 14.41
CA ASN D 208 3.47 -29.79 13.34
C ASN D 208 2.57 -28.94 12.43
N GLY D 209 1.58 -28.27 13.06
CA GLY D 209 0.59 -27.42 12.40
C GLY D 209 -0.60 -28.17 11.86
N GLY D 210 -0.51 -29.49 11.93
CA GLY D 210 -1.52 -30.43 11.46
C GLY D 210 -1.66 -30.65 9.97
N THR D 211 -0.96 -29.84 9.12
CA THR D 211 -1.06 -29.98 7.64
C THR D 211 -0.48 -31.32 7.15
N PHE D 212 0.71 -31.65 7.61
CA PHE D 212 1.38 -32.93 7.32
C PHE D 212 2.45 -33.19 8.37
N GLN D 213 2.83 -34.45 8.47
CA GLN D 213 3.76 -34.92 9.49
C GLN D 213 5.21 -35.14 9.00
N PRO D 214 6.21 -34.93 9.92
CA PRO D 214 7.62 -35.18 9.55
C PRO D 214 7.84 -36.66 9.25
N GLY D 215 8.51 -36.91 8.14
CA GLY D 215 8.81 -38.24 7.67
C GLY D 215 7.77 -38.78 6.73
N CYS D 216 6.70 -37.99 6.50
CA CYS D 216 5.55 -38.41 5.71
C CYS D 216 5.44 -37.77 4.38
N ASN D 217 5.75 -36.48 4.28
CA ASN D 217 5.64 -35.82 2.99
C ASN D 217 6.95 -36.01 2.20
N ILE D 218 6.98 -35.55 0.95
CA ILE D 218 8.18 -35.69 0.12
C ILE D 218 9.18 -34.53 0.40
N GLY D 219 8.67 -33.31 0.47
CA GLY D 219 9.48 -32.11 0.67
C GLY D 219 9.56 -31.38 -0.64
N GLU D 220 9.09 -30.11 -0.65
CA GLU D 220 9.00 -29.21 -1.80
C GLU D 220 10.17 -29.31 -2.80
N ALA D 221 11.43 -29.46 -2.33
CA ALA D 221 12.61 -29.55 -3.20
C ALA D 221 12.62 -30.80 -4.10
N ILE D 222 12.36 -32.00 -3.52
CA ILE D 222 12.31 -33.26 -4.26
C ILE D 222 11.09 -33.26 -5.18
N ARG D 223 9.97 -32.70 -4.68
CA ARG D 223 8.68 -32.52 -5.36
C ARG D 223 8.86 -31.76 -6.70
N VAL D 224 9.70 -30.69 -6.70
CA VAL D 224 10.02 -29.84 -7.85
C VAL D 224 10.89 -30.59 -8.87
N ILE D 225 11.93 -31.30 -8.35
CA ILE D 225 12.90 -32.05 -9.14
C ILE D 225 12.28 -33.26 -9.87
N ALA D 226 11.48 -34.08 -9.19
CA ALA D 226 10.85 -35.23 -9.88
C ALA D 226 9.80 -34.69 -10.83
N GLU D 227 9.22 -33.54 -10.45
CA GLU D 227 8.18 -32.85 -11.26
C GLU D 227 7.13 -33.91 -11.63
N ARG D 228 6.77 -33.90 -12.92
CA ARG D 228 5.72 -34.77 -13.51
C ARG D 228 5.79 -36.17 -12.88
N GLY D 229 6.98 -36.60 -12.50
CA GLY D 229 7.11 -37.98 -12.00
C GLY D 229 6.21 -38.28 -10.82
N LEU D 230 6.58 -37.77 -9.64
CA LEU D 230 5.89 -38.08 -8.37
C LEU D 230 4.58 -37.34 -8.17
N GLY D 231 3.62 -38.03 -7.55
CA GLY D 231 2.34 -37.49 -7.13
C GLY D 231 2.28 -37.36 -5.61
N ASP D 232 1.06 -37.31 -5.05
CA ASP D 232 0.79 -37.20 -3.63
C ASP D 232 0.85 -38.59 -2.98
N VAL D 233 2.09 -39.04 -2.68
CA VAL D 233 2.34 -40.35 -2.07
C VAL D 233 1.79 -40.43 -0.65
N ASP D 234 2.03 -39.39 0.18
CA ASP D 234 1.56 -39.29 1.56
C ASP D 234 0.04 -39.52 1.66
N GLN D 235 -0.77 -38.87 0.76
CA GLN D 235 -2.23 -39.05 0.71
C GLN D 235 -2.63 -40.48 0.40
N LEU D 236 -1.99 -41.08 -0.62
CA LEU D 236 -2.21 -42.44 -1.09
C LEU D 236 -1.84 -43.43 -0.02
N VAL D 237 -0.65 -43.31 0.54
CA VAL D 237 -0.14 -44.22 1.57
C VAL D 237 -0.84 -44.01 2.98
N LYS D 238 -1.56 -42.87 3.21
CA LYS D 238 -2.22 -42.56 4.50
C LYS D 238 -1.23 -42.26 5.69
N CYS D 239 0.03 -41.89 5.40
CA CYS D 239 1.12 -41.63 6.34
C CYS D 239 0.78 -40.59 7.43
N SER D 240 0.53 -39.36 7.01
CA SER D 240 0.23 -38.26 7.93
C SER D 240 -1.04 -38.52 8.67
N HIS D 241 -2.03 -39.10 7.96
CA HIS D 241 -3.34 -39.42 8.48
C HIS D 241 -3.16 -40.42 9.64
N GLU D 242 -2.56 -41.61 9.37
CA GLU D 242 -2.32 -42.64 10.36
C GLU D 242 -1.41 -42.23 11.53
N ARG D 243 -0.58 -41.17 11.35
CA ARG D 243 0.36 -40.67 12.35
C ARG D 243 -0.30 -40.34 13.71
N SER D 244 -1.53 -39.76 13.66
CA SER D 244 -2.37 -39.44 14.81
C SER D 244 -2.51 -40.68 15.75
N ILE D 245 -2.72 -41.89 15.17
CA ILE D 245 -2.80 -43.10 15.98
C ILE D 245 -1.44 -43.38 16.67
N HIS D 246 -0.33 -43.31 15.94
CA HIS D 246 0.99 -43.57 16.50
C HIS D 246 1.41 -42.53 17.51
N LEU D 247 0.93 -41.28 17.37
CA LEU D 247 1.21 -40.27 18.38
C LEU D 247 0.49 -40.69 19.66
N PHE D 248 -0.78 -41.15 19.54
CA PHE D 248 -1.54 -41.66 20.66
C PHE D 248 -0.89 -42.90 21.31
N ILE D 249 -0.49 -43.91 20.48
CA ILE D 249 0.19 -45.13 20.94
C ILE D 249 1.46 -44.74 21.74
N ASP D 250 2.24 -43.77 21.21
CA ASP D 250 3.45 -43.29 21.85
C ASP D 250 3.13 -42.80 23.25
N SER D 251 2.06 -41.99 23.39
CA SER D 251 1.60 -41.48 24.68
C SER D 251 1.20 -42.56 25.69
N LEU D 252 0.79 -43.76 25.22
CA LEU D 252 0.41 -44.89 26.08
C LEU D 252 1.65 -45.66 26.54
N LEU D 253 2.70 -45.63 25.73
CA LEU D 253 3.96 -46.34 26.00
C LEU D 253 4.98 -45.46 26.75
N ASN D 254 4.70 -44.15 26.83
CA ASN D 254 5.58 -43.20 27.52
C ASN D 254 4.77 -42.37 28.51
N GLU D 255 4.17 -43.08 29.49
CA GLU D 255 3.32 -42.50 30.54
C GLU D 255 4.05 -41.38 31.32
N GLU D 256 5.34 -41.62 31.63
CA GLU D 256 6.16 -40.72 32.42
C GLU D 256 6.70 -39.52 31.64
N ASN D 257 6.85 -39.62 30.29
CA ASN D 257 7.34 -38.47 29.53
C ASN D 257 6.41 -38.13 28.33
N PRO D 258 5.28 -37.44 28.63
CA PRO D 258 4.39 -37.04 27.53
C PRO D 258 4.93 -35.83 26.76
N SER D 259 4.45 -35.65 25.54
CA SER D 259 4.81 -34.49 24.75
C SER D 259 3.87 -33.40 25.22
N LYS D 260 4.33 -32.15 25.19
CA LYS D 260 3.51 -31.01 25.57
C LYS D 260 2.97 -30.34 24.31
N ALA D 261 1.71 -29.89 24.37
CA ALA D 261 1.05 -29.13 23.29
C ALA D 261 0.85 -27.70 23.84
N TYR D 262 0.91 -26.70 23.00
CA TYR D 262 0.86 -25.32 23.44
C TYR D 262 -0.23 -24.56 22.74
N ARG D 263 -1.16 -23.94 23.53
CA ARG D 263 -2.28 -23.13 23.02
C ARG D 263 -1.71 -21.97 22.26
N CYS D 264 -2.30 -21.65 21.12
CA CYS D 264 -1.78 -20.62 20.25
C CYS D 264 -2.82 -20.06 19.29
N SER D 265 -2.66 -18.77 18.94
CA SER D 265 -3.54 -18.04 18.04
C SER D 265 -3.45 -18.58 16.61
N SER D 266 -2.27 -19.02 16.18
CA SER D 266 -2.04 -19.58 14.84
C SER D 266 -0.77 -20.44 14.78
N LYS D 267 -0.64 -21.26 13.73
CA LYS D 267 0.55 -22.09 13.54
C LYS D 267 1.75 -21.20 13.22
N GLU D 268 1.49 -20.09 12.51
CA GLU D 268 2.47 -19.08 12.13
C GLU D 268 3.04 -18.39 13.37
N ALA D 269 2.15 -18.07 14.35
CA ALA D 269 2.54 -17.46 15.63
C ALA D 269 3.37 -18.45 16.44
N PHE D 270 2.91 -19.73 16.49
CA PHE D 270 3.61 -20.81 17.20
C PHE D 270 5.04 -20.99 16.66
N GLU D 271 5.20 -20.95 15.32
CA GLU D 271 6.48 -21.07 14.61
C GLU D 271 7.44 -19.94 14.92
N LYS D 272 6.91 -18.76 15.26
CA LYS D 272 7.72 -17.61 15.66
C LYS D 272 8.15 -17.74 17.15
N GLY D 273 7.75 -18.82 17.80
CA GLY D 273 8.06 -19.13 19.20
C GLY D 273 7.34 -18.28 20.22
N LEU D 274 6.25 -17.62 19.80
CA LEU D 274 5.49 -16.73 20.67
C LEU D 274 4.51 -17.46 21.64
N CYS D 275 4.18 -18.73 21.37
CA CYS D 275 3.27 -19.54 22.20
C CYS D 275 4.03 -20.68 22.86
N LEU D 276 4.60 -20.44 24.04
CA LEU D 276 5.32 -21.50 24.74
C LEU D 276 4.98 -21.48 26.25
N SER D 277 3.81 -20.90 26.61
CA SER D 277 3.31 -20.72 27.98
C SER D 277 2.60 -21.92 28.57
N CYS D 278 2.55 -21.98 29.93
CA CYS D 278 1.88 -23.03 30.71
C CYS D 278 1.03 -22.43 31.85
N ARG D 279 0.74 -21.12 31.74
CA ARG D 279 -0.09 -20.36 32.66
C ARG D 279 -1.54 -20.48 32.22
N LYS D 280 -2.46 -20.74 33.19
CA LYS D 280 -3.91 -20.83 32.97
C LYS D 280 -4.25 -21.86 31.87
N ASN D 281 -3.66 -23.08 32.02
CA ASN D 281 -3.82 -24.23 31.11
C ASN D 281 -3.45 -23.92 29.65
N ARG D 282 -2.41 -23.09 29.44
CA ARG D 282 -1.98 -22.73 28.09
C ARG D 282 -1.18 -23.87 27.45
N CYS D 283 -0.79 -24.87 28.23
CA CYS D 283 -0.18 -26.05 27.66
C CYS D 283 -0.85 -27.27 28.23
N ASN D 284 -0.82 -28.40 27.50
CA ASN D 284 -1.40 -29.67 27.95
C ASN D 284 -0.53 -30.81 27.48
N ASN D 285 -0.81 -32.05 27.92
CA ASN D 285 -0.06 -33.21 27.43
C ASN D 285 -0.79 -33.82 26.28
N LEU D 286 -0.06 -34.14 25.20
CA LEU D 286 -0.66 -34.83 24.05
C LEU D 286 -0.93 -36.26 24.47
N GLY D 287 -2.14 -36.73 24.19
CA GLY D 287 -2.46 -38.13 24.41
C GLY D 287 -3.22 -38.53 25.64
N TYR D 288 -2.98 -39.76 26.08
CA TYR D 288 -3.69 -40.41 27.17
C TYR D 288 -3.71 -39.60 28.43
N GLU D 289 -2.49 -39.13 28.87
CA GLU D 289 -2.26 -38.33 30.08
C GLU D 289 -2.75 -36.86 29.96
N ILE D 290 -3.65 -36.54 28.99
CA ILE D 290 -4.20 -35.20 28.82
C ILE D 290 -4.90 -34.71 30.10
N ASN D 291 -4.88 -33.40 30.38
CA ASN D 291 -5.59 -32.81 31.53
C ASN D 291 -6.93 -32.41 30.97
N LYS D 292 -8.00 -33.00 31.53
CA LYS D 292 -9.36 -32.85 31.04
C LYS D 292 -9.96 -31.46 31.33
N VAL D 293 -9.42 -30.45 30.66
CA VAL D 293 -9.81 -29.05 30.78
C VAL D 293 -10.85 -28.74 29.71
N ARG D 294 -12.10 -28.55 30.13
CA ARG D 294 -13.21 -28.22 29.22
C ARG D 294 -13.40 -26.70 29.24
N ALA D 295 -12.92 -26.01 28.19
CA ALA D 295 -13.03 -24.54 28.12
C ALA D 295 -14.35 -24.09 27.49
N LYS D 296 -14.66 -22.77 27.59
CA LYS D 296 -15.87 -22.18 27.02
C LYS D 296 -15.80 -22.25 25.48
N ARG D 297 -14.63 -21.91 24.92
CA ARG D 297 -14.34 -21.93 23.49
C ARG D 297 -13.27 -23.01 23.15
N SER D 298 -13.24 -23.51 21.88
CA SER D 298 -12.30 -24.58 21.46
C SER D 298 -10.84 -24.08 21.42
N SER D 299 -9.94 -24.82 22.11
CA SER D 299 -8.51 -24.46 22.20
C SER D 299 -7.58 -25.22 21.22
N LYS D 300 -7.16 -24.52 20.13
CA LYS D 300 -6.21 -25.01 19.12
C LYS D 300 -4.78 -25.04 19.73
N MET D 301 -4.17 -26.22 19.80
CA MET D 301 -2.84 -26.40 20.42
C MET D 301 -1.82 -26.95 19.47
N TYR D 302 -0.59 -26.42 19.53
CA TYR D 302 0.46 -26.82 18.61
C TYR D 302 1.67 -27.43 19.28
N LEU D 303 2.48 -28.15 18.50
CA LEU D 303 3.73 -28.78 18.92
C LEU D 303 4.50 -29.32 17.73
N LYS D 304 5.77 -29.60 17.92
CA LYS D 304 6.64 -30.19 16.94
C LYS D 304 6.93 -31.61 17.42
N THR D 305 7.29 -32.49 16.50
CA THR D 305 7.59 -33.88 16.83
C THR D 305 8.70 -34.33 15.93
N ARG D 306 9.27 -35.49 16.26
CA ARG D 306 10.24 -36.25 15.50
C ARG D 306 9.48 -37.00 14.36
N SER D 307 10.21 -37.54 13.38
CA SER D 307 9.65 -38.36 12.30
C SER D 307 9.24 -39.76 12.80
N GLN D 308 9.82 -40.22 13.94
CA GLN D 308 9.61 -41.59 14.44
C GLN D 308 9.51 -41.71 15.97
N MET D 309 8.93 -42.82 16.43
CA MET D 309 8.74 -43.13 17.85
C MET D 309 10.07 -43.30 18.66
N PRO D 310 10.26 -42.67 19.86
CA PRO D 310 9.39 -41.71 20.58
C PRO D 310 9.43 -40.33 19.94
N TYR D 311 8.26 -39.75 19.72
CA TYR D 311 8.08 -38.50 19.01
C TYR D 311 8.44 -37.21 19.75
N LYS D 312 8.66 -37.25 21.08
CA LYS D 312 8.94 -36.03 21.86
C LYS D 312 10.17 -35.23 21.42
N VAL D 313 9.99 -33.89 21.29
CA VAL D 313 11.03 -32.89 21.05
C VAL D 313 10.93 -31.79 22.14
N PHE D 314 12.03 -31.03 22.34
CA PHE D 314 12.10 -29.94 23.29
C PHE D 314 12.00 -28.64 22.54
N HIS D 315 11.06 -27.78 22.96
CA HIS D 315 10.85 -26.51 22.28
C HIS D 315 11.50 -25.35 23.02
N TYR D 316 12.11 -24.43 22.26
CA TYR D 316 12.78 -23.22 22.74
C TYR D 316 12.40 -22.04 21.88
N GLN D 317 12.15 -20.91 22.54
CA GLN D 317 11.97 -19.64 21.85
C GLN D 317 13.32 -18.92 22.04
N VAL D 318 13.84 -18.35 20.96
CA VAL D 318 15.11 -17.66 20.98
C VAL D 318 14.85 -16.24 20.52
N LYS D 319 15.25 -15.25 21.34
CA LYS D 319 15.14 -13.83 21.04
C LYS D 319 16.56 -13.24 20.85
N ILE D 320 16.80 -12.54 19.72
CA ILE D 320 18.10 -11.93 19.43
C ILE D 320 17.89 -10.49 18.99
N HIS D 321 18.69 -9.56 19.59
CA HIS D 321 18.70 -8.16 19.19
C HIS D 321 19.93 -7.99 18.30
N PHE D 322 19.72 -7.68 16.99
CA PHE D 322 20.85 -7.57 16.06
C PHE D 322 21.43 -6.18 16.09
N SER D 323 22.41 -5.94 16.95
CA SER D 323 22.97 -4.60 17.06
C SER D 323 24.08 -4.31 16.08
N GLY D 324 24.19 -3.05 15.68
CA GLY D 324 25.23 -2.60 14.76
C GLY D 324 25.43 -1.10 14.76
N THR D 325 26.52 -0.64 14.14
CA THR D 325 26.82 0.79 14.02
C THR D 325 26.12 1.39 12.79
N GLU D 326 26.20 0.69 11.63
CA GLU D 326 25.58 1.13 10.38
C GLU D 326 24.29 0.37 10.07
N SER D 327 23.28 1.10 9.59
CA SER D 327 21.97 0.58 9.22
C SER D 327 22.04 -0.26 7.95
N GLU D 328 21.68 -1.56 8.06
CA GLU D 328 21.63 -2.52 6.96
C GLU D 328 20.45 -3.47 7.12
N THR D 329 19.86 -3.91 6.01
CA THR D 329 18.73 -4.85 5.96
C THR D 329 19.04 -5.98 4.98
N HIS D 330 18.93 -7.22 5.47
CA HIS D 330 19.21 -8.45 4.73
C HIS D 330 17.97 -9.32 4.71
N THR D 331 17.68 -9.93 3.56
CA THR D 331 16.50 -10.80 3.41
C THR D 331 16.89 -12.24 3.21
N ASN D 332 16.04 -13.15 3.78
CA ASN D 332 16.17 -14.59 3.73
C ASN D 332 17.59 -15.06 4.05
N GLN D 333 18.00 -14.81 5.30
CA GLN D 333 19.31 -15.14 5.83
C GLN D 333 19.29 -16.47 6.56
N ALA D 334 20.32 -17.31 6.35
CA ALA D 334 20.42 -18.63 6.96
C ALA D 334 21.41 -18.66 8.09
N PHE D 335 21.03 -19.30 9.17
CA PHE D 335 21.85 -19.38 10.36
C PHE D 335 21.90 -20.80 10.90
N GLU D 336 22.79 -21.01 11.87
CA GLU D 336 22.93 -22.27 12.58
C GLU D 336 23.11 -21.96 14.03
N ILE D 337 22.34 -22.62 14.88
CA ILE D 337 22.45 -22.44 16.33
C ILE D 337 22.86 -23.76 16.99
N SER D 338 23.80 -23.71 17.92
CA SER D 338 24.32 -24.87 18.65
C SER D 338 24.07 -24.67 20.14
N LEU D 339 23.39 -25.64 20.76
CA LEU D 339 23.00 -25.60 22.17
C LEU D 339 23.81 -26.61 22.95
N TYR D 340 24.47 -26.15 24.04
CA TYR D 340 25.33 -26.95 24.92
C TYR D 340 24.82 -26.89 26.34
N GLY D 341 24.39 -28.04 26.82
CA GLY D 341 23.86 -28.14 28.17
C GLY D 341 24.68 -29.04 29.08
N THR D 342 24.15 -29.28 30.28
CA THR D 342 24.73 -30.12 31.32
C THR D 342 24.76 -31.60 30.93
N VAL D 343 23.66 -32.11 30.35
CA VAL D 343 23.49 -33.51 29.94
C VAL D 343 24.09 -33.82 28.56
N ALA D 344 23.65 -33.07 27.53
CA ALA D 344 24.10 -33.28 26.17
C ALA D 344 24.17 -31.97 25.38
N GLU D 345 24.30 -32.10 24.05
CA GLU D 345 24.37 -30.97 23.12
C GLU D 345 23.77 -31.31 21.76
N SER D 346 23.24 -30.29 21.07
CA SER D 346 22.77 -30.43 19.70
C SER D 346 23.31 -29.26 18.92
N GLU D 347 24.32 -29.57 18.09
CA GLU D 347 25.05 -28.63 17.25
C GLU D 347 24.37 -28.44 15.90
N ASN D 348 24.72 -27.35 15.23
CA ASN D 348 24.33 -26.95 13.87
C ASN D 348 22.85 -27.09 13.55
N ILE D 349 22.00 -26.67 14.48
CA ILE D 349 20.56 -26.67 14.22
C ILE D 349 20.31 -25.51 13.23
N PRO D 350 19.88 -25.77 11.99
CA PRO D 350 19.63 -24.67 11.07
C PRO D 350 18.33 -23.94 11.39
N PHE D 351 18.19 -22.73 10.86
CA PHE D 351 17.01 -21.88 10.90
C PHE D 351 17.28 -20.67 10.00
N THR D 352 16.24 -20.09 9.42
CA THR D 352 16.44 -18.92 8.55
C THR D 352 15.54 -17.79 9.01
N LEU D 353 15.92 -16.55 8.71
CA LEU D 353 15.11 -15.39 9.06
C LEU D 353 14.71 -14.65 7.79
N PRO D 354 13.41 -14.34 7.62
CA PRO D 354 13.00 -13.59 6.40
C PRO D 354 13.64 -12.20 6.31
N GLU D 355 13.88 -11.55 7.48
CA GLU D 355 14.48 -10.22 7.52
C GLU D 355 15.46 -10.10 8.69
N VAL D 356 16.63 -9.52 8.45
CA VAL D 356 17.63 -9.24 9.49
C VAL D 356 17.98 -7.79 9.29
N SER D 357 17.72 -6.98 10.32
CA SER D 357 17.95 -5.54 10.30
C SER D 357 18.64 -5.08 11.57
N THR D 358 19.54 -4.05 11.42
CA THR D 358 20.31 -3.38 12.48
C THR D 358 19.38 -2.84 13.59
N ASN D 359 19.83 -3.03 14.83
CA ASN D 359 19.17 -2.69 16.09
C ASN D 359 17.70 -3.17 16.14
N LYS D 360 17.38 -4.35 15.55
CA LYS D 360 16.04 -4.97 15.58
C LYS D 360 16.02 -6.37 16.21
N THR D 361 14.97 -6.70 16.97
CA THR D 361 14.84 -7.97 17.68
C THR D 361 13.95 -8.96 16.92
N TYR D 362 14.33 -10.24 16.94
CA TYR D 362 13.63 -11.30 16.26
C TYR D 362 13.52 -12.50 17.17
N SER D 363 12.32 -13.07 17.23
CA SER D 363 11.96 -14.25 18.00
C SER D 363 11.75 -15.40 17.04
N PHE D 364 12.18 -16.62 17.42
CA PHE D 364 12.01 -17.81 16.59
C PHE D 364 12.00 -19.09 17.40
N LEU D 365 11.37 -20.13 16.86
CA LEU D 365 11.29 -21.44 17.50
C LEU D 365 12.43 -22.34 17.06
N ILE D 366 13.03 -23.02 18.02
CA ILE D 366 14.11 -23.99 17.85
C ILE D 366 13.63 -25.22 18.61
N TYR D 367 13.64 -26.37 17.96
CA TYR D 367 13.25 -27.59 18.66
C TYR D 367 14.32 -28.67 18.44
N THR D 368 14.45 -29.60 19.39
CA THR D 368 15.46 -30.67 19.31
C THR D 368 15.06 -31.96 20.02
N GLU D 369 15.47 -33.10 19.44
CA GLU D 369 15.20 -34.41 20.00
C GLU D 369 15.99 -34.65 21.24
N VAL D 370 17.23 -34.14 21.26
CA VAL D 370 18.20 -34.25 22.35
C VAL D 370 17.75 -33.62 23.67
N ASP D 371 17.88 -34.38 24.78
CA ASP D 371 17.65 -33.89 26.13
C ASP D 371 19.03 -33.35 26.59
N ILE D 372 19.27 -32.05 26.32
CA ILE D 372 20.56 -31.38 26.59
C ILE D 372 20.78 -31.08 28.09
N GLY D 373 19.71 -31.13 28.86
CA GLY D 373 19.76 -30.80 30.27
C GLY D 373 19.62 -29.30 30.44
N GLU D 374 20.32 -28.74 31.43
CA GLU D 374 20.32 -27.31 31.71
C GLU D 374 21.31 -26.66 30.78
N LEU D 375 20.84 -25.66 30.04
CA LEU D 375 21.62 -24.88 29.07
C LEU D 375 22.79 -24.10 29.71
N LEU D 376 23.98 -24.16 29.10
CA LEU D 376 25.17 -23.45 29.58
C LEU D 376 25.75 -22.55 28.50
N MET D 377 25.88 -23.08 27.29
CA MET D 377 26.47 -22.37 26.16
C MET D 377 25.60 -22.38 24.92
N LEU D 378 25.81 -21.40 24.06
CA LEU D 378 25.06 -21.17 22.82
C LEU D 378 26.04 -20.66 21.76
N LYS D 379 26.12 -21.35 20.61
CA LYS D 379 26.99 -20.94 19.49
C LYS D 379 26.12 -20.49 18.30
N LEU D 380 26.35 -19.32 17.76
CA LEU D 380 25.52 -18.85 16.67
C LEU D 380 26.36 -18.59 15.41
N LYS D 381 25.96 -19.16 14.26
CA LYS D 381 26.70 -19.02 13.00
C LYS D 381 25.83 -18.33 11.96
N TRP D 382 26.39 -17.32 11.29
CA TRP D 382 25.65 -16.64 10.19
C TRP D 382 26.25 -17.20 8.90
N LYS D 383 25.47 -18.00 8.20
CA LYS D 383 25.88 -18.75 7.00
C LYS D 383 25.98 -17.96 5.70
N SER D 384 27.06 -18.24 4.91
CA SER D 384 27.28 -17.68 3.56
C SER D 384 27.46 -18.82 2.56
N ASP D 385 27.03 -18.61 1.31
CA ASP D 385 27.26 -19.62 0.28
C ASP D 385 28.38 -19.19 -0.67
N SER D 386 28.97 -17.99 -0.43
CA SER D 386 30.06 -17.52 -1.29
C SER D 386 31.33 -18.29 -1.11
N TYR D 387 31.96 -18.61 -2.25
CA TYR D 387 33.24 -19.28 -2.32
C TYR D 387 34.38 -18.42 -1.75
N PHE D 388 34.10 -17.14 -1.42
CA PHE D 388 35.11 -16.20 -0.94
C PHE D 388 35.02 -15.85 0.54
N SER D 389 33.90 -16.19 1.24
CA SER D 389 33.72 -15.85 2.65
C SER D 389 34.90 -16.22 3.56
N TRP D 390 35.61 -17.31 3.28
CA TRP D 390 36.76 -17.69 4.09
C TRP D 390 37.79 -16.56 4.25
N SER D 391 37.94 -15.73 3.20
CA SER D 391 38.93 -14.65 3.10
C SER D 391 38.62 -13.45 3.94
N ASP D 392 39.65 -12.87 4.55
CA ASP D 392 39.52 -11.65 5.37
C ASP D 392 39.47 -10.40 4.46
N TRP D 393 39.72 -10.57 3.15
CA TRP D 393 39.67 -9.54 2.11
C TRP D 393 38.25 -9.36 1.62
N TRP D 394 37.42 -10.40 1.76
CA TRP D 394 36.02 -10.38 1.40
C TRP D 394 35.33 -9.50 2.39
N SER D 395 34.51 -8.58 1.88
CA SER D 395 33.69 -7.71 2.77
C SER D 395 32.38 -8.46 3.07
N SER D 396 32.12 -8.73 4.34
CA SER D 396 30.89 -9.42 4.77
C SER D 396 30.16 -8.59 5.84
N PRO D 397 28.80 -8.56 5.80
CA PRO D 397 28.08 -7.82 6.85
C PRO D 397 28.21 -8.53 8.20
N GLY D 398 28.11 -7.76 9.25
CA GLY D 398 28.21 -8.27 10.60
C GLY D 398 27.37 -7.52 11.61
N PHE D 399 27.07 -8.17 12.74
CA PHE D 399 26.32 -7.57 13.82
C PHE D 399 27.01 -7.85 15.12
N ALA D 400 26.88 -6.92 16.06
CA ALA D 400 27.39 -7.04 17.41
C ALA D 400 26.21 -7.56 18.21
N ILE D 401 26.37 -8.71 18.85
CA ILE D 401 25.31 -9.27 19.67
C ILE D 401 25.88 -9.41 21.07
N GLN D 402 25.21 -8.79 22.04
CA GLN D 402 25.62 -8.82 23.44
C GLN D 402 24.95 -9.99 24.20
N LYS D 403 23.61 -10.05 24.19
CA LYS D 403 22.81 -11.06 24.87
C LYS D 403 21.88 -11.81 23.90
N ILE D 404 21.48 -13.02 24.32
CA ILE D 404 20.53 -13.89 23.65
C ILE D 404 19.62 -14.38 24.76
N ARG D 405 18.33 -14.07 24.65
CA ARG D 405 17.29 -14.51 25.60
C ARG D 405 16.67 -15.81 25.06
N VAL D 406 16.57 -16.83 25.92
CA VAL D 406 16.01 -18.14 25.57
C VAL D 406 14.94 -18.55 26.58
N LYS D 407 13.81 -19.08 26.09
CA LYS D 407 12.74 -19.58 26.95
C LYS D 407 12.51 -21.03 26.55
N ALA D 408 12.73 -21.97 27.51
CA ALA D 408 12.56 -23.41 27.33
C ALA D 408 11.12 -23.76 27.71
N GLY D 409 10.37 -24.36 26.78
CA GLY D 409 8.96 -24.67 26.99
C GLY D 409 8.64 -25.72 28.03
N GLU D 410 9.38 -26.83 28.01
CA GLU D 410 9.17 -28.00 28.87
C GLU D 410 9.47 -27.73 30.35
N THR D 411 10.52 -26.96 30.64
CA THR D 411 10.92 -26.60 32.01
C THR D 411 10.38 -25.24 32.44
N GLN D 412 9.67 -24.52 31.53
CA GLN D 412 9.11 -23.17 31.75
C GLN D 412 10.14 -22.23 32.42
N LYS D 413 11.33 -22.13 31.80
CA LYS D 413 12.49 -21.39 32.29
C LYS D 413 12.97 -20.35 31.26
N LYS D 414 13.28 -19.11 31.74
CA LYS D 414 13.84 -18.01 30.92
C LYS D 414 15.31 -17.92 31.27
N VAL D 415 16.18 -17.99 30.24
CA VAL D 415 17.62 -17.97 30.41
C VAL D 415 18.23 -16.87 29.57
N ILE D 416 19.18 -16.09 30.13
CA ILE D 416 19.91 -15.06 29.37
C ILE D 416 21.33 -15.56 29.18
N PHE D 417 21.80 -15.45 27.94
CA PHE D 417 23.13 -15.84 27.57
C PHE D 417 23.81 -14.60 27.13
N CYS D 418 25.01 -14.36 27.62
CA CYS D 418 25.67 -13.16 27.16
C CYS D 418 27.10 -13.43 26.75
N SER D 419 27.53 -12.69 25.72
CA SER D 419 28.85 -12.75 25.08
C SER D 419 29.99 -12.72 26.08
N ARG D 420 31.03 -13.53 25.82
CA ARG D 420 32.19 -13.64 26.71
C ARG D 420 32.99 -12.30 26.81
N GLU D 421 33.16 -11.61 25.67
CA GLU D 421 33.77 -10.27 25.58
C GLU D 421 32.60 -9.26 25.64
N LYS D 422 32.87 -7.94 25.59
CA LYS D 422 31.84 -6.90 25.65
C LYS D 422 30.72 -7.12 24.64
N VAL D 423 31.10 -7.80 23.57
CA VAL D 423 30.12 -8.06 22.48
C VAL D 423 30.66 -9.20 21.63
N SER D 424 29.76 -9.96 21.02
CA SER D 424 30.12 -11.05 20.13
C SER D 424 29.79 -10.59 18.72
N HIS D 425 30.77 -10.66 17.80
CA HIS D 425 30.62 -10.22 16.42
CA HIS D 425 30.60 -10.23 16.42
C HIS D 425 30.12 -11.40 15.59
N LEU D 426 28.96 -11.24 14.93
CA LEU D 426 28.37 -12.26 14.07
C LEU D 426 28.52 -11.77 12.65
N GLN D 427 29.50 -12.29 11.92
CA GLN D 427 29.78 -11.89 10.53
C GLN D 427 29.44 -13.00 9.58
N LYS D 428 28.70 -12.67 8.52
CA LYS D 428 28.29 -13.62 7.48
C LYS D 428 29.47 -14.44 6.96
N GLY D 429 29.33 -15.75 7.00
CA GLY D 429 30.33 -16.71 6.52
C GLY D 429 31.55 -16.92 7.40
N LYS D 430 31.62 -16.26 8.54
CA LYS D 430 32.76 -16.39 9.42
C LYS D 430 32.49 -17.31 10.63
N ALA D 431 33.39 -17.25 11.62
CA ALA D 431 33.36 -18.01 12.86
C ALA D 431 32.06 -17.80 13.68
N PRO D 432 31.64 -18.80 14.50
CA PRO D 432 30.43 -18.59 15.30
C PRO D 432 30.65 -17.68 16.51
N ALA D 433 29.62 -16.88 16.85
CA ALA D 433 29.56 -16.04 18.04
C ALA D 433 29.24 -16.94 19.27
N VAL D 434 29.98 -16.78 20.39
CA VAL D 434 29.79 -17.60 21.59
C VAL D 434 29.13 -16.81 22.73
N PHE D 435 28.17 -17.44 23.41
CA PHE D 435 27.43 -16.83 24.52
C PHE D 435 27.36 -17.84 25.63
N VAL D 436 27.53 -17.38 26.88
CA VAL D 436 27.46 -18.25 28.05
C VAL D 436 26.35 -17.74 28.97
N LYS D 437 25.65 -18.66 29.66
CA LYS D 437 24.54 -18.37 30.56
C LYS D 437 24.94 -17.34 31.63
N CYS D 438 24.11 -16.31 31.83
CA CYS D 438 24.37 -15.29 32.83
C CYS D 438 23.17 -14.99 33.72
N HIS D 439 22.09 -15.81 33.61
CA HIS D 439 20.84 -15.64 34.34
C HIS D 439 19.83 -16.76 34.07
N ASP D 440 18.98 -17.08 35.07
CA ASP D 440 17.90 -18.08 35.07
C ASP D 440 16.66 -17.41 35.64
N LYS D 441 15.47 -17.98 35.38
CA LYS D 441 14.21 -17.49 35.92
C LYS D 441 13.12 -18.56 35.71
N SER D 442 12.63 -19.17 36.82
CA SER D 442 11.55 -20.18 36.69
C SER D 442 10.22 -19.45 36.58
N LEU D 443 9.48 -19.70 35.49
CA LEU D 443 8.21 -19.03 35.24
C LEU D 443 7.03 -19.71 35.95
N ASN D 444 7.23 -20.95 36.49
CA ASN D 444 6.23 -21.75 37.24
C ASN D 444 4.90 -21.98 36.49
N VAL E 41 20.42 -2.04 45.02
CA VAL E 41 19.44 -3.13 45.17
C VAL E 41 18.37 -3.13 44.05
N LEU E 42 18.28 -4.26 43.29
CA LEU E 42 17.35 -4.45 42.18
C LEU E 42 16.01 -4.98 42.64
N LEU E 43 14.94 -4.36 42.08
CA LEU E 43 13.55 -4.65 42.43
C LEU E 43 12.78 -5.43 41.39
N ARG E 44 11.85 -6.23 41.88
CA ARG E 44 10.92 -7.04 41.10
C ARG E 44 9.56 -6.41 41.43
N CYS E 45 8.79 -6.04 40.41
CA CYS E 45 7.49 -5.43 40.64
C CYS E 45 6.43 -6.24 39.94
N TYR E 46 5.17 -6.06 40.33
CA TYR E 46 4.04 -6.67 39.67
C TYR E 46 3.74 -5.78 38.44
N THR E 47 3.62 -6.38 37.24
CA THR E 47 3.35 -5.63 36.02
C THR E 47 2.03 -6.07 35.37
N CYS E 48 0.93 -5.41 35.73
CA CYS E 48 -0.37 -5.72 35.17
C CYS E 48 -1.11 -4.46 34.72
N LYS E 49 -1.89 -4.59 33.64
CA LYS E 49 -2.63 -3.48 33.05
C LYS E 49 -4.10 -3.55 33.40
N SER E 50 -4.69 -2.41 33.79
CA SER E 50 -6.13 -2.26 34.12
C SER E 50 -6.95 -3.50 34.56
N LEU E 51 -6.54 -4.12 35.69
CA LEU E 51 -7.23 -5.27 36.24
C LEU E 51 -8.42 -4.90 37.09
N PRO E 52 -9.54 -5.67 37.03
CA PRO E 52 -10.70 -5.36 37.88
C PRO E 52 -10.39 -5.64 39.35
N ARG E 53 -11.09 -4.94 40.27
CA ARG E 53 -10.91 -5.02 41.74
C ARG E 53 -10.63 -6.46 42.24
N ASP E 54 -11.54 -7.36 41.96
CA ASP E 54 -11.40 -8.74 42.38
C ASP E 54 -10.65 -9.56 41.32
N GLU E 55 -9.30 -9.42 41.32
CA GLU E 55 -8.35 -10.12 40.45
C GLU E 55 -6.95 -9.74 40.88
N ARG E 56 -6.09 -10.71 41.18
CA ARG E 56 -4.72 -10.39 41.61
C ARG E 56 -3.73 -10.51 40.49
N CYS E 57 -2.68 -9.66 40.51
CA CYS E 57 -1.68 -9.66 39.46
C CYS E 57 -0.74 -10.91 39.54
N ASP E 58 -0.59 -11.60 38.39
CA ASP E 58 0.23 -12.81 38.24
C ASP E 58 1.60 -12.47 37.69
N LEU E 59 1.66 -11.43 36.85
CA LEU E 59 2.87 -10.99 36.14
C LEU E 59 3.83 -10.16 36.99
N THR E 60 5.11 -10.50 36.86
CA THR E 60 6.18 -9.89 37.62
C THR E 60 7.39 -9.67 36.73
N GLN E 61 7.95 -8.46 36.76
CA GLN E 61 9.12 -8.15 35.95
C GLN E 61 10.24 -7.55 36.75
N ASP E 62 11.48 -7.90 36.40
CA ASP E 62 12.66 -7.34 37.05
C ASP E 62 12.87 -5.92 36.52
N CYS E 63 12.89 -4.95 37.44
CA CYS E 63 13.06 -3.55 37.07
C CYS E 63 14.50 -3.25 36.68
N SER E 64 14.67 -2.15 35.92
CA SER E 64 15.95 -1.58 35.50
C SER E 64 16.52 -0.88 36.73
N HIS E 65 17.85 -0.77 36.84
CA HIS E 65 18.45 -0.12 38.01
C HIS E 65 17.98 1.35 38.14
N GLY E 66 17.58 1.72 39.36
CA GLY E 66 17.04 3.04 39.69
C GLY E 66 15.53 3.11 39.73
N GLN E 67 14.84 2.11 39.11
CA GLN E 67 13.37 2.02 39.05
C GLN E 67 12.70 1.55 40.34
N THR E 68 11.46 2.02 40.55
CA THR E 68 10.58 1.80 41.70
C THR E 68 9.23 1.09 41.28
N CYS E 69 8.49 0.52 42.25
CA CYS E 69 7.19 -0.15 42.08
C CYS E 69 6.07 0.86 42.11
N THR E 70 5.13 0.81 41.15
CA THR E 70 3.99 1.72 41.23
C THR E 70 2.63 1.02 41.04
N THR E 71 1.57 1.62 41.62
CA THR E 71 0.19 1.16 41.52
C THR E 71 -0.71 2.35 41.18
N LEU E 72 -1.48 2.24 40.09
CA LEU E 72 -2.49 3.25 39.75
C LEU E 72 -3.83 2.59 40.06
N ILE E 73 -4.68 3.29 40.80
CA ILE E 73 -6.02 2.80 41.12
C ILE E 73 -7.03 3.83 40.68
N ALA E 74 -7.95 3.40 39.82
CA ALA E 74 -9.07 4.18 39.35
C ALA E 74 -10.34 3.64 39.99
N HIS E 75 -11.21 4.56 40.44
CA HIS E 75 -12.47 4.24 41.06
C HIS E 75 -13.50 5.32 40.77
N GLY E 76 -14.52 4.94 40.01
CA GLY E 76 -15.63 5.81 39.62
C GLY E 76 -16.71 5.04 38.89
N ASN E 77 -17.84 5.72 38.62
CA ASN E 77 -18.98 5.11 37.93
C ASN E 77 -18.74 4.98 36.43
N THR E 78 -19.25 3.89 35.81
CA THR E 78 -19.16 3.58 34.38
C THR E 78 -20.57 3.20 33.89
N GLU E 79 -20.70 2.73 32.62
CA GLU E 79 -21.97 2.28 32.03
C GLU E 79 -22.44 1.00 32.72
N SER E 80 -21.47 0.12 33.11
CA SER E 80 -21.66 -1.13 33.83
C SER E 80 -21.61 -0.88 35.36
N GLY E 81 -22.13 0.28 35.76
CA GLY E 81 -22.17 0.73 37.16
C GLY E 81 -20.81 1.13 37.66
N LEU E 82 -20.65 1.16 39.00
CA LEU E 82 -19.41 1.52 39.69
C LEU E 82 -18.32 0.47 39.48
N LEU E 83 -17.07 0.92 39.27
CA LEU E 83 -15.94 0.02 38.98
C LEU E 83 -14.63 0.50 39.59
N THR E 84 -13.85 -0.45 40.14
CA THR E 84 -12.52 -0.22 40.71
C THR E 84 -11.54 -1.06 39.90
N THR E 85 -10.45 -0.42 39.39
CA THR E 85 -9.40 -1.09 38.63
C THR E 85 -8.00 -0.80 39.21
N HIS E 86 -7.03 -1.64 38.88
CA HIS E 86 -5.67 -1.42 39.34
C HIS E 86 -4.71 -1.88 38.27
N SER E 87 -3.64 -1.09 38.08
CA SER E 87 -2.56 -1.29 37.14
C SER E 87 -1.33 -1.11 37.98
N THR E 88 -0.31 -1.90 37.67
CA THR E 88 0.96 -1.95 38.39
C THR E 88 2.13 -2.08 37.40
N TRP E 89 3.25 -1.37 37.66
CA TRP E 89 4.43 -1.44 36.78
C TRP E 89 5.72 -0.89 37.44
N CYS E 90 6.88 -1.05 36.76
CA CYS E 90 8.17 -0.50 37.19
C CYS E 90 8.20 0.89 36.60
N THR E 91 8.33 1.91 37.44
CA THR E 91 8.40 3.28 36.95
C THR E 91 9.76 3.87 37.27
N ASP E 92 10.13 4.93 36.57
CA ASP E 92 11.39 5.62 36.82
C ASP E 92 11.09 6.74 37.84
N SER E 93 10.44 7.81 37.38
CA SER E 93 10.01 8.93 38.21
C SER E 93 8.73 8.51 38.92
N CYS E 94 8.76 8.43 40.25
CA CYS E 94 7.55 8.05 40.98
C CYS E 94 7.02 9.16 41.85
N GLN E 95 5.81 9.61 41.54
CA GLN E 95 5.16 10.65 42.30
C GLN E 95 3.83 10.17 42.87
N PRO E 96 3.73 10.03 44.21
CA PRO E 96 2.46 9.60 44.81
C PRO E 96 1.44 10.74 44.72
N ILE E 97 0.26 10.47 44.13
CA ILE E 97 -0.79 11.46 43.95
C ILE E 97 -2.20 10.87 44.13
N THR E 98 -3.17 11.75 44.41
CA THR E 98 -4.58 11.41 44.56
C THR E 98 -5.43 12.60 44.08
N LYS E 99 -5.94 12.47 42.84
CA LYS E 99 -6.74 13.47 42.12
C LYS E 99 -8.03 12.82 41.64
N THR E 100 -9.10 13.62 41.51
CA THR E 100 -10.40 13.12 41.06
C THR E 100 -10.73 13.67 39.64
N VAL E 101 -10.04 13.11 38.63
CA VAL E 101 -10.21 13.49 37.21
C VAL E 101 -11.58 13.06 36.64
N GLU E 102 -12.35 14.04 36.14
CA GLU E 102 -13.67 13.88 35.53
C GLU E 102 -14.57 12.87 36.27
N GLY E 103 -14.67 13.07 37.60
CA GLY E 103 -15.47 12.26 38.53
C GLY E 103 -15.03 10.81 38.67
N THR E 104 -13.71 10.58 38.76
CA THR E 104 -13.06 9.27 38.91
C THR E 104 -11.86 9.46 39.80
N GLN E 105 -11.84 8.76 40.92
CA GLN E 105 -10.78 8.82 41.89
C GLN E 105 -9.54 8.07 41.37
N VAL E 106 -8.44 8.79 41.12
CA VAL E 106 -7.18 8.22 40.63
C VAL E 106 -6.15 8.31 41.74
N THR E 107 -5.62 7.16 42.17
CA THR E 107 -4.63 7.15 43.25
C THR E 107 -3.36 6.44 42.78
N MET E 108 -2.24 7.11 42.95
CA MET E 108 -0.93 6.64 42.58
C MET E 108 -0.10 6.43 43.80
N THR E 109 0.49 5.24 43.91
CA THR E 109 1.31 4.86 45.05
C THR E 109 2.64 4.30 44.61
N CYS E 110 3.69 4.55 45.41
CA CYS E 110 5.06 4.09 45.18
C CYS E 110 5.53 3.29 46.37
N CYS E 111 6.40 2.31 46.11
CA CYS E 111 7.05 1.52 47.15
C CYS E 111 8.38 0.97 46.64
N GLN E 112 9.36 0.82 47.54
CA GLN E 112 10.70 0.40 47.17
C GLN E 112 11.04 -1.06 47.54
N SER E 113 10.08 -1.83 48.08
CA SER E 113 10.27 -3.24 48.41
C SER E 113 9.95 -4.11 47.17
N SER E 114 10.43 -5.34 47.10
CA SER E 114 10.10 -6.20 45.95
C SER E 114 8.68 -6.72 46.13
N LEU E 115 7.91 -6.79 45.03
CA LEU E 115 6.51 -7.26 44.95
C LEU E 115 5.56 -6.58 45.97
N CYS E 116 5.87 -5.33 46.34
CA CYS E 116 5.12 -4.52 47.30
C CYS E 116 3.87 -3.87 46.68
N ASN E 117 3.91 -3.47 45.40
CA ASN E 117 2.81 -2.82 44.71
C ASN E 117 1.65 -3.79 44.45
N VAL E 118 0.86 -3.94 45.50
CA VAL E 118 -0.32 -4.79 45.55
C VAL E 118 -1.39 -3.79 46.02
N PRO E 119 -2.61 -3.77 45.44
CA PRO E 119 -3.61 -2.78 45.87
C PRO E 119 -3.99 -2.91 47.34
N PRO E 120 -4.40 -1.82 48.03
CA PRO E 120 -4.74 -1.92 49.46
C PRO E 120 -5.60 -3.14 49.85
N TRP E 121 -6.68 -3.38 49.09
CA TRP E 121 -7.62 -4.49 49.31
C TRP E 121 -7.01 -5.88 49.04
N GLN E 122 -5.70 -5.98 48.76
CA GLN E 122 -5.06 -7.28 48.52
C GLN E 122 -3.79 -7.55 49.36
N SER E 123 -3.38 -6.57 50.22
CA SER E 123 -2.19 -6.66 51.08
C SER E 123 -2.44 -7.37 52.40
N LEU F 43 -13.41 17.37 -53.13
CA LEU F 43 -13.30 18.76 -52.65
C LEU F 43 -12.02 19.00 -51.81
N ARG F 44 -11.24 20.05 -52.17
CA ARG F 44 -10.03 20.49 -51.45
C ARG F 44 -10.31 21.83 -50.76
N CYS F 45 -9.87 21.99 -49.48
CA CYS F 45 -9.95 23.26 -48.75
C CYS F 45 -8.54 23.62 -48.30
N TYR F 46 -8.33 24.85 -47.82
CA TYR F 46 -7.06 25.25 -47.23
C TYR F 46 -7.17 24.96 -45.72
N THR F 47 -6.11 24.41 -45.07
CA THR F 47 -6.16 24.09 -43.64
C THR F 47 -4.98 24.74 -42.85
N CYS F 48 -5.17 26.01 -42.46
CA CYS F 48 -4.17 26.78 -41.74
C CYS F 48 -4.70 27.34 -40.42
N LYS F 49 -3.88 27.27 -39.37
CA LYS F 49 -4.24 27.77 -38.04
C LYS F 49 -3.64 29.14 -37.79
N SER F 50 -4.49 30.11 -37.36
CA SER F 50 -4.13 31.51 -37.04
C SER F 50 -2.90 32.14 -37.76
N LEU F 51 -3.03 32.36 -39.09
CA LEU F 51 -1.97 32.96 -39.90
C LEU F 51 -2.03 34.45 -39.88
N PRO F 52 -0.86 35.15 -39.87
CA PRO F 52 -0.89 36.63 -39.92
C PRO F 52 -1.38 37.09 -41.28
N ARG F 53 -2.03 38.28 -41.34
CA ARG F 53 -2.60 38.88 -42.56
C ARG F 53 -1.71 38.67 -43.82
N ASP F 54 -0.42 38.98 -43.70
CA ASP F 54 0.53 38.89 -44.81
C ASP F 54 1.30 37.56 -44.88
N GLU F 55 0.56 36.45 -44.74
CA GLU F 55 1.06 35.10 -44.85
C GLU F 55 0.04 34.29 -45.61
N ARG F 56 0.49 33.43 -46.52
CA ARG F 56 -0.41 32.67 -47.38
C ARG F 56 -0.54 31.23 -46.91
N CYS F 57 -1.70 30.64 -47.16
CA CYS F 57 -1.91 29.27 -46.75
C CYS F 57 -1.36 28.27 -47.74
N ASP F 58 -0.35 27.51 -47.28
CA ASP F 58 0.35 26.47 -48.05
C ASP F 58 -0.34 25.11 -47.93
N LEU F 59 -0.80 24.77 -46.71
CA LEU F 59 -1.47 23.51 -46.37
C LEU F 59 -2.85 23.44 -47.01
N THR F 60 -3.20 22.27 -47.54
CA THR F 60 -4.47 21.98 -48.22
C THR F 60 -4.87 20.52 -47.93
N GLN F 61 -6.18 20.29 -47.62
CA GLN F 61 -6.73 18.95 -47.32
C GLN F 61 -8.05 18.66 -48.10
N ASP F 62 -8.34 17.35 -48.32
CA ASP F 62 -9.53 16.87 -49.04
C ASP F 62 -10.68 16.61 -48.05
N CYS F 63 -11.80 17.38 -48.16
CA CYS F 63 -12.95 17.28 -47.23
C CYS F 63 -13.76 16.02 -47.38
N SER F 64 -14.44 15.63 -46.27
CA SER F 64 -15.38 14.52 -46.22
C SER F 64 -16.70 15.05 -46.82
N HIS F 65 -17.53 14.16 -47.36
CA HIS F 65 -18.79 14.55 -47.99
C HIS F 65 -19.69 15.36 -47.06
N GLY F 66 -20.20 16.47 -47.59
CA GLY F 66 -21.09 17.40 -46.90
C GLY F 66 -20.40 18.62 -46.33
N GLN F 67 -19.06 18.51 -46.09
CA GLN F 67 -18.23 19.57 -45.49
C GLN F 67 -18.04 20.77 -46.39
N THR F 68 -18.02 21.96 -45.77
CA THR F 68 -17.84 23.27 -46.39
C THR F 68 -16.42 23.84 -46.09
N CYS F 69 -15.91 24.72 -46.98
CA CYS F 69 -14.64 25.45 -46.82
C CYS F 69 -14.94 26.64 -45.90
N THR F 70 -14.06 26.92 -44.93
CA THR F 70 -14.28 28.11 -44.10
C THR F 70 -12.99 28.90 -43.81
N THR F 71 -13.16 30.21 -43.63
CA THR F 71 -12.10 31.14 -43.27
C THR F 71 -12.61 32.02 -42.12
N LEU F 72 -11.89 31.96 -40.99
CA LEU F 72 -12.21 32.79 -39.83
C LEU F 72 -11.15 33.89 -39.78
N ILE F 73 -11.57 35.14 -40.02
CA ILE F 73 -10.69 36.29 -39.97
C ILE F 73 -10.94 37.00 -38.63
N ALA F 74 -9.84 37.38 -37.93
CA ALA F 74 -9.88 38.10 -36.65
C ALA F 74 -9.10 39.41 -36.76
N HIS F 75 -9.70 40.51 -36.31
CA HIS F 75 -9.07 41.82 -36.42
C HIS F 75 -9.35 42.72 -35.22
N GLY F 76 -8.31 43.04 -34.47
CA GLY F 76 -8.34 43.90 -33.28
C GLY F 76 -6.97 44.13 -32.70
N ASN F 77 -6.87 44.90 -31.62
CA ASN F 77 -5.59 45.21 -30.95
C ASN F 77 -5.03 44.03 -30.14
N THR F 78 -3.68 43.93 -30.06
CA THR F 78 -2.94 42.90 -29.29
C THR F 78 -1.79 43.60 -28.48
N GLU F 79 -0.83 42.82 -27.95
CA GLU F 79 0.32 43.35 -27.21
C GLU F 79 1.32 43.97 -28.21
N SER F 80 1.42 43.35 -29.42
CA SER F 80 2.24 43.83 -30.54
C SER F 80 1.37 44.73 -31.50
N GLY F 81 0.59 45.65 -30.91
CA GLY F 81 -0.28 46.60 -31.62
C GLY F 81 -1.44 45.97 -32.36
N LEU F 82 -1.92 46.61 -33.45
CA LEU F 82 -3.03 46.07 -34.26
C LEU F 82 -2.63 44.78 -35.00
N LEU F 83 -3.59 43.87 -35.18
CA LEU F 83 -3.31 42.60 -35.85
C LEU F 83 -4.52 41.98 -36.53
N THR F 84 -4.31 41.46 -37.76
CA THR F 84 -5.30 40.72 -38.53
C THR F 84 -4.76 39.32 -38.72
N THR F 85 -5.55 38.31 -38.29
CA THR F 85 -5.25 36.87 -38.41
C THR F 85 -6.33 36.18 -39.23
N HIS F 86 -5.98 35.07 -39.87
CA HIS F 86 -6.91 34.29 -40.66
C HIS F 86 -6.66 32.77 -40.48
N SER F 87 -7.74 31.99 -40.42
CA SER F 87 -7.67 30.55 -40.21
C SER F 87 -8.60 29.89 -41.21
N THR F 88 -8.24 28.68 -41.69
CA THR F 88 -9.04 27.98 -42.69
C THR F 88 -9.13 26.49 -42.38
N TRP F 89 -10.29 25.82 -42.70
CA TRP F 89 -10.50 24.37 -42.49
C TRP F 89 -11.78 23.81 -43.16
N CYS F 90 -11.96 22.47 -43.17
CA CYS F 90 -13.18 21.81 -43.65
C CYS F 90 -14.13 21.75 -42.45
N THR F 91 -15.35 22.31 -42.57
CA THR F 91 -16.31 22.27 -41.45
C THR F 91 -17.67 21.69 -41.87
N ASP F 92 -18.30 20.92 -40.96
CA ASP F 92 -19.61 20.30 -41.17
C ASP F 92 -20.66 21.40 -41.05
N SER F 93 -20.84 21.93 -39.83
CA SER F 93 -21.74 23.04 -39.57
C SER F 93 -21.02 24.32 -39.99
N CYS F 94 -21.53 25.00 -41.02
CA CYS F 94 -20.94 26.26 -41.46
C CYS F 94 -21.99 27.35 -41.41
N GLN F 95 -21.78 28.32 -40.53
CA GLN F 95 -22.72 29.43 -40.45
C GLN F 95 -21.95 30.74 -40.64
N PRO F 96 -22.21 31.45 -41.77
CA PRO F 96 -21.49 32.72 -42.01
C PRO F 96 -21.94 33.79 -41.01
N ILE F 97 -20.97 34.38 -40.29
CA ILE F 97 -21.24 35.39 -39.25
C ILE F 97 -20.19 36.48 -39.16
N THR F 98 -20.56 37.58 -38.48
CA THR F 98 -19.71 38.76 -38.24
C THR F 98 -20.13 39.42 -36.91
N LYS F 99 -19.34 39.17 -35.86
CA LYS F 99 -19.53 39.67 -34.49
C LYS F 99 -18.24 40.32 -34.01
N THR F 100 -18.34 41.32 -33.11
CA THR F 100 -17.19 42.04 -32.56
C THR F 100 -16.99 41.68 -31.05
N VAL F 101 -16.53 40.44 -30.79
CA VAL F 101 -16.29 39.90 -29.46
C VAL F 101 -15.10 40.59 -28.74
N GLU F 102 -15.38 41.18 -27.55
CA GLU F 102 -14.42 41.84 -26.67
C GLU F 102 -13.43 42.74 -27.44
N GLY F 103 -13.99 43.60 -28.29
CA GLY F 103 -13.27 44.56 -29.12
C GLY F 103 -12.34 43.96 -30.16
N THR F 104 -12.82 42.90 -30.87
CA THR F 104 -12.11 42.19 -31.93
C THR F 104 -13.14 41.73 -32.97
N GLN F 105 -13.00 42.19 -34.21
CA GLN F 105 -13.91 41.83 -35.31
C GLN F 105 -13.62 40.39 -35.77
N VAL F 106 -14.60 39.48 -35.57
CA VAL F 106 -14.52 38.09 -36.00
C VAL F 106 -15.47 37.87 -37.18
N THR F 107 -14.89 37.38 -38.28
CA THR F 107 -15.68 37.16 -39.51
C THR F 107 -15.54 35.72 -39.98
N MET F 108 -16.67 35.11 -40.26
CA MET F 108 -16.73 33.73 -40.73
C MET F 108 -17.40 33.67 -42.08
N THR F 109 -16.73 32.99 -43.02
CA THR F 109 -17.23 32.83 -44.39
C THR F 109 -17.18 31.39 -44.80
N CYS F 110 -18.16 30.97 -45.61
CA CYS F 110 -18.29 29.61 -46.15
C CYS F 110 -18.30 29.67 -47.66
N CYS F 111 -17.74 28.64 -48.31
CA CYS F 111 -17.79 28.47 -49.75
C CYS F 111 -17.66 26.98 -50.09
N GLN F 112 -18.31 26.55 -51.16
CA GLN F 112 -18.36 25.13 -51.50
C GLN F 112 -17.46 24.75 -52.68
N SER F 113 -16.70 25.73 -53.23
CA SER F 113 -15.75 25.52 -54.33
C SER F 113 -14.42 24.95 -53.82
N SER F 114 -13.58 24.44 -54.72
CA SER F 114 -12.28 23.95 -54.27
C SER F 114 -11.32 25.14 -54.13
N LEU F 115 -10.52 25.13 -53.03
CA LEU F 115 -9.51 26.13 -52.67
C LEU F 115 -10.04 27.58 -52.72
N CYS F 116 -11.34 27.75 -52.45
CA CYS F 116 -12.02 29.05 -52.42
C CYS F 116 -11.79 29.78 -51.09
N ASN F 117 -11.63 29.02 -49.97
CA ASN F 117 -11.41 29.57 -48.62
C ASN F 117 -10.04 30.24 -48.55
N VAL F 118 -10.03 31.51 -48.94
CA VAL F 118 -8.84 32.36 -48.99
C VAL F 118 -9.25 33.82 -48.72
N PRO F 119 -8.50 34.56 -47.84
CA PRO F 119 -8.92 35.92 -47.47
C PRO F 119 -9.11 36.94 -48.62
N PRO F 120 -10.09 37.88 -48.49
CA PRO F 120 -10.30 38.91 -49.54
C PRO F 120 -9.06 39.67 -50.02
N TRP F 121 -8.12 40.01 -49.11
CA TRP F 121 -6.88 40.71 -49.44
C TRP F 121 -5.83 39.82 -50.12
N GLN F 122 -6.15 38.53 -50.36
CA GLN F 122 -5.22 37.59 -51.00
C GLN F 122 -5.77 37.07 -52.33
N SER F 123 -7.12 37.00 -52.47
CA SER F 123 -7.81 36.58 -53.69
C SER F 123 -8.17 37.80 -54.53
N LEU G 43 -17.80 1.35 -43.66
CA LEU G 43 -17.87 -0.10 -43.84
C LEU G 43 -18.40 -0.85 -42.58
N ARG G 44 -19.66 -1.32 -42.64
CA ARG G 44 -20.30 -2.13 -41.58
C ARG G 44 -19.80 -3.58 -41.68
N CYS G 45 -19.83 -4.33 -40.55
CA CYS G 45 -19.24 -5.68 -40.44
C CYS G 45 -19.90 -6.48 -39.31
N TYR G 46 -20.17 -7.78 -39.51
CA TYR G 46 -20.80 -8.59 -38.45
C TYR G 46 -19.85 -8.86 -37.28
N THR G 47 -20.28 -8.60 -36.03
CA THR G 47 -19.40 -8.83 -34.89
C THR G 47 -20.03 -9.76 -33.83
N CYS G 48 -19.78 -11.07 -33.95
CA CYS G 48 -20.31 -12.02 -32.97
C CYS G 48 -19.26 -13.01 -32.49
N LYS G 49 -19.40 -13.43 -31.22
CA LYS G 49 -18.48 -14.35 -30.54
C LYS G 49 -19.08 -15.73 -30.34
N SER G 50 -18.31 -16.78 -30.74
CA SER G 50 -18.61 -18.23 -30.69
C SER G 50 -20.11 -18.61 -30.84
N LEU G 51 -20.76 -18.12 -31.92
CA LEU G 51 -22.15 -18.47 -32.18
C LEU G 51 -22.28 -19.92 -32.66
N PRO G 52 -23.34 -20.68 -32.26
CA PRO G 52 -23.48 -22.07 -32.76
C PRO G 52 -23.90 -22.08 -34.23
N ARG G 53 -23.56 -23.16 -34.97
CA ARG G 53 -23.81 -23.33 -36.42
C ARG G 53 -25.17 -22.77 -36.88
N ASP G 54 -26.25 -23.27 -36.26
CA ASP G 54 -27.66 -22.94 -36.50
C ASP G 54 -28.05 -21.51 -36.03
N GLU G 55 -27.05 -20.67 -35.79
CA GLU G 55 -27.38 -19.30 -35.33
C GLU G 55 -26.92 -18.24 -36.33
N ARG G 56 -27.43 -17.02 -36.12
CA ARG G 56 -27.15 -15.88 -36.95
C ARG G 56 -26.78 -14.70 -36.10
N CYS G 57 -25.91 -13.86 -36.64
CA CYS G 57 -25.40 -12.70 -35.97
C CYS G 57 -26.24 -11.48 -36.21
N ASP G 58 -26.75 -10.85 -35.12
CA ASP G 58 -27.45 -9.58 -35.25
C ASP G 58 -26.38 -8.52 -35.31
N LEU G 59 -25.57 -8.43 -34.21
CA LEU G 59 -24.54 -7.45 -33.92
C LEU G 59 -23.70 -7.07 -35.13
N THR G 60 -23.68 -5.77 -35.37
CA THR G 60 -22.97 -5.15 -36.48
C THR G 60 -22.29 -3.87 -35.97
N GLN G 61 -20.99 -3.75 -36.27
CA GLN G 61 -20.17 -2.62 -35.88
C GLN G 61 -19.38 -2.10 -37.06
N ASP G 62 -19.37 -0.77 -37.22
CA ASP G 62 -18.67 -0.08 -38.29
C ASP G 62 -17.16 -0.21 -38.10
N CYS G 63 -16.45 -0.76 -39.09
CA CYS G 63 -15.00 -0.93 -38.99
C CYS G 63 -14.26 0.40 -39.06
N SER G 64 -13.05 0.40 -38.49
CA SER G 64 -12.12 1.52 -38.52
C SER G 64 -11.44 1.49 -39.90
N HIS G 65 -10.73 2.58 -40.22
CA HIS G 65 -9.96 2.81 -41.43
C HIS G 65 -9.01 1.64 -41.74
N GLY G 66 -9.12 1.09 -42.96
CA GLY G 66 -8.28 0.01 -43.48
C GLY G 66 -8.58 -1.39 -42.97
N GLN G 67 -9.58 -1.54 -42.06
CA GLN G 67 -9.95 -2.83 -41.50
C GLN G 67 -10.76 -3.69 -42.46
N THR G 68 -10.41 -5.00 -42.51
CA THR G 68 -11.03 -6.07 -43.30
C THR G 68 -12.14 -6.74 -42.44
N CYS G 69 -13.00 -7.55 -43.08
CA CYS G 69 -14.11 -8.27 -42.45
C CYS G 69 -13.78 -9.75 -42.34
N THR G 70 -13.77 -10.30 -41.11
CA THR G 70 -13.40 -11.71 -40.99
C THR G 70 -14.41 -12.59 -40.28
N THR G 71 -14.31 -13.87 -40.62
CA THR G 71 -15.07 -14.98 -40.09
C THR G 71 -14.08 -16.08 -39.67
N LEU G 72 -14.20 -16.55 -38.41
CA LEU G 72 -13.42 -17.67 -37.87
C LEU G 72 -14.44 -18.78 -37.58
N ILE G 73 -14.24 -19.97 -38.20
CA ILE G 73 -15.13 -21.13 -38.06
C ILE G 73 -14.42 -22.33 -37.43
N ALA G 74 -14.90 -22.77 -36.26
CA ALA G 74 -14.30 -23.93 -35.60
C ALA G 74 -15.21 -25.12 -35.66
N HIS G 75 -14.70 -26.19 -36.26
CA HIS G 75 -15.40 -27.44 -36.46
C HIS G 75 -14.60 -28.60 -35.86
N GLY G 76 -15.10 -29.13 -34.75
CA GLY G 76 -14.47 -30.26 -34.06
C GLY G 76 -15.38 -30.85 -33.01
N ASN G 77 -14.89 -31.91 -32.32
CA ASN G 77 -15.67 -32.55 -31.26
C ASN G 77 -15.50 -31.82 -29.92
N THR G 78 -16.54 -31.83 -29.08
CA THR G 78 -16.56 -31.23 -27.74
C THR G 78 -17.13 -32.27 -26.74
N GLU G 79 -17.51 -31.83 -25.52
CA GLU G 79 -18.11 -32.70 -24.50
C GLU G 79 -19.55 -33.06 -24.90
N SER G 80 -20.24 -32.10 -25.54
CA SER G 80 -21.60 -32.24 -26.07
C SER G 80 -21.53 -32.64 -27.60
N GLY G 81 -20.62 -33.58 -27.90
CA GLY G 81 -20.38 -34.13 -29.24
C GLY G 81 -19.79 -33.13 -30.23
N LEU G 82 -19.96 -33.41 -31.55
CA LEU G 82 -19.45 -32.54 -32.62
C LEU G 82 -20.18 -31.20 -32.67
N LEU G 83 -19.41 -30.11 -32.81
CA LEU G 83 -19.92 -28.75 -32.78
C LEU G 83 -19.25 -27.84 -33.78
N THR G 84 -20.05 -26.99 -34.43
CA THR G 84 -19.54 -25.97 -35.32
C THR G 84 -19.91 -24.60 -34.72
N THR G 85 -18.89 -23.71 -34.60
CA THR G 85 -19.04 -22.35 -34.09
C THR G 85 -18.51 -21.36 -35.13
N HIS G 86 -19.01 -20.11 -35.04
CA HIS G 86 -18.58 -19.03 -35.91
C HIS G 86 -18.42 -17.72 -35.15
N SER G 87 -17.26 -17.10 -35.35
CA SER G 87 -16.91 -15.81 -34.75
C SER G 87 -16.63 -14.82 -35.88
N THR G 88 -17.09 -13.59 -35.69
CA THR G 88 -16.90 -12.60 -36.75
C THR G 88 -16.49 -11.29 -36.12
N TRP G 89 -15.67 -10.49 -36.84
CA TRP G 89 -15.24 -9.18 -36.33
C TRP G 89 -14.47 -8.33 -37.36
N CYS G 90 -14.23 -7.04 -37.00
CA CYS G 90 -13.45 -6.08 -37.79
C CYS G 90 -11.97 -6.27 -37.39
N THR G 91 -11.17 -6.85 -38.30
CA THR G 91 -9.75 -7.11 -38.08
C THR G 91 -8.86 -6.19 -38.90
N ASP G 92 -7.64 -5.98 -38.44
CA ASP G 92 -6.67 -5.14 -39.13
C ASP G 92 -5.90 -6.04 -40.10
N SER G 93 -5.04 -6.90 -39.55
CA SER G 93 -4.27 -7.89 -40.31
C SER G 93 -5.22 -9.06 -40.61
N CYS G 94 -5.51 -9.30 -41.88
CA CYS G 94 -6.37 -10.42 -42.22
C CYS G 94 -5.65 -11.44 -43.05
N GLN G 95 -5.49 -12.65 -42.50
CA GLN G 95 -4.85 -13.73 -43.21
C GLN G 95 -5.76 -14.92 -43.35
N PRO G 96 -6.18 -15.26 -44.58
CA PRO G 96 -7.04 -16.44 -44.77
C PRO G 96 -6.25 -17.72 -44.53
N ILE G 97 -6.74 -18.58 -43.62
CA ILE G 97 -6.08 -19.83 -43.23
C ILE G 97 -7.06 -20.96 -42.92
N THR G 98 -6.54 -22.20 -42.95
CA THR G 98 -7.25 -23.43 -42.62
C THR G 98 -6.25 -24.45 -42.03
N LYS G 99 -6.25 -24.53 -40.69
CA LYS G 99 -5.38 -25.38 -39.89
C LYS G 99 -6.22 -26.23 -38.95
N THR G 100 -5.71 -27.44 -38.60
CA THR G 100 -6.41 -28.36 -37.71
C THR G 100 -5.69 -28.45 -36.32
N VAL G 101 -5.84 -27.38 -35.50
CA VAL G 101 -5.26 -27.29 -34.15
C VAL G 101 -5.92 -28.27 -33.16
N GLU G 102 -5.10 -29.16 -32.58
CA GLU G 102 -5.46 -30.20 -31.61
C GLU G 102 -6.78 -30.93 -31.94
N GLY G 103 -6.89 -31.40 -33.19
CA GLY G 103 -8.05 -32.11 -33.73
C GLY G 103 -9.33 -31.29 -33.83
N THR G 104 -9.21 -30.03 -34.29
CA THR G 104 -10.31 -29.09 -34.49
C THR G 104 -9.98 -28.23 -35.70
N GLN G 105 -10.79 -28.31 -36.75
CA GLN G 105 -10.53 -27.56 -37.97
C GLN G 105 -10.99 -26.11 -37.83
N VAL G 106 -9.99 -25.20 -37.83
CA VAL G 106 -10.14 -23.75 -37.72
C VAL G 106 -10.01 -23.13 -39.11
N THR G 107 -11.03 -22.40 -39.53
CA THR G 107 -11.01 -21.78 -40.87
C THR G 107 -11.23 -20.28 -40.71
N MET G 108 -10.38 -19.51 -41.37
CA MET G 108 -10.40 -18.05 -41.36
C MET G 108 -10.58 -17.52 -42.76
N THR G 109 -11.55 -16.63 -42.93
CA THR G 109 -11.85 -16.03 -44.23
C THR G 109 -11.93 -14.52 -44.12
N CYS G 110 -11.53 -13.83 -45.20
CA CYS G 110 -11.53 -12.37 -45.30
C CYS G 110 -12.35 -11.95 -46.50
N CYS G 111 -13.03 -10.80 -46.38
CA CYS G 111 -13.81 -10.17 -47.44
C CYS G 111 -13.87 -8.67 -47.22
N GLN G 112 -13.94 -7.88 -48.30
CA GLN G 112 -13.88 -6.42 -48.19
C GLN G 112 -15.22 -5.69 -48.40
N SER G 113 -16.32 -6.45 -48.66
CA SER G 113 -17.67 -5.91 -48.83
C SER G 113 -18.30 -5.67 -47.45
N SER G 114 -19.34 -4.83 -47.36
CA SER G 114 -19.96 -4.62 -46.05
C SER G 114 -20.87 -5.81 -45.74
N LEU G 115 -20.92 -6.22 -44.45
CA LEU G 115 -21.71 -7.32 -43.90
C LEU G 115 -21.54 -8.66 -44.66
N CYS G 116 -20.37 -8.85 -45.31
CA CYS G 116 -20.03 -10.04 -46.10
C CYS G 116 -19.60 -11.21 -45.23
N ASN G 117 -18.95 -10.90 -44.08
CA ASN G 117 -18.43 -11.86 -43.12
C ASN G 117 -19.57 -12.66 -42.47
N VAL G 118 -20.00 -13.71 -43.19
CA VAL G 118 -21.11 -14.61 -42.81
C VAL G 118 -20.72 -16.06 -43.22
N PRO G 119 -20.92 -17.07 -42.34
CA PRO G 119 -20.44 -18.44 -42.65
C PRO G 119 -21.03 -19.05 -43.92
N PRO G 120 -20.29 -19.96 -44.62
CA PRO G 120 -20.80 -20.52 -45.89
C PRO G 120 -22.24 -21.06 -45.88
N TRP G 121 -22.64 -21.81 -44.81
CA TRP G 121 -24.00 -22.34 -44.65
C TRP G 121 -25.06 -21.24 -44.36
N GLN G 122 -24.69 -19.95 -44.58
CA GLN G 122 -25.56 -18.77 -44.41
C GLN G 122 -25.37 -17.74 -45.57
N SER G 123 -26.42 -16.91 -45.82
CA SER G 123 -26.48 -15.88 -46.87
C SER G 123 -26.03 -16.42 -48.24
N LEU H 43 16.81 -13.55 52.34
CA LEU H 43 18.03 -13.77 51.56
C LEU H 43 18.26 -12.74 50.45
N ARG H 44 19.51 -12.27 50.30
CA ARG H 44 19.91 -11.31 49.27
C ARG H 44 21.15 -11.80 48.57
N CYS H 45 21.06 -12.01 47.24
CA CYS H 45 22.20 -12.46 46.44
C CYS H 45 22.75 -11.33 45.62
N TYR H 46 24.01 -11.49 45.15
CA TYR H 46 24.62 -10.62 44.18
C TYR H 46 23.97 -10.97 42.85
N THR H 47 23.64 -9.96 42.05
CA THR H 47 22.99 -10.19 40.76
C THR H 47 23.71 -9.40 39.67
N CYS H 48 24.75 -9.99 39.08
CA CYS H 48 25.47 -9.32 37.99
C CYS H 48 25.65 -10.26 36.80
N LYS H 49 25.54 -9.72 35.60
CA LYS H 49 25.66 -10.45 34.34
C LYS H 49 27.06 -10.36 33.76
N SER H 50 27.61 -11.53 33.47
CA SER H 50 28.95 -11.72 32.85
C SER H 50 30.00 -10.64 33.08
N LEU H 51 30.43 -10.53 34.32
CA LEU H 51 31.48 -9.61 34.74
C LEU H 51 32.91 -10.12 34.45
N PRO H 52 33.92 -9.22 34.23
CA PRO H 52 35.30 -9.70 34.06
C PRO H 52 35.88 -10.08 35.43
N ARG H 53 36.98 -10.84 35.43
CA ARG H 53 37.72 -11.28 36.63
C ARG H 53 38.00 -10.10 37.63
N ASP H 54 38.40 -8.97 37.08
CA ASP H 54 38.78 -7.80 37.90
C ASP H 54 37.56 -7.04 38.42
N GLU H 55 36.45 -7.00 37.69
CA GLU H 55 35.29 -6.26 38.23
C GLU H 55 34.60 -7.06 39.30
N ARG H 56 34.00 -6.39 40.29
CA ARG H 56 33.32 -7.08 41.38
C ARG H 56 31.85 -6.63 41.51
N CYS H 57 30.95 -7.61 41.77
CA CYS H 57 29.50 -7.37 41.79
C CYS H 57 29.05 -6.38 42.85
N ASP H 58 28.58 -5.25 42.35
CA ASP H 58 28.08 -4.09 43.05
C ASP H 58 26.55 -4.16 43.30
N LEU H 59 25.81 -4.95 42.49
CA LEU H 59 24.36 -5.09 42.58
C LEU H 59 23.88 -6.25 43.40
N THR H 60 22.67 -6.14 43.92
CA THR H 60 22.07 -7.17 44.77
C THR H 60 20.56 -7.28 44.56
N GLN H 61 19.97 -8.41 44.97
CA GLN H 61 18.54 -8.65 44.88
C GLN H 61 18.07 -9.55 46.01
N ASP H 62 16.92 -9.20 46.60
CA ASP H 62 16.28 -9.99 47.64
C ASP H 62 15.59 -11.18 46.96
N CYS H 63 15.96 -12.42 47.36
CA CYS H 63 15.38 -13.60 46.74
C CYS H 63 13.96 -13.91 47.21
N SER H 64 13.23 -14.67 46.38
CA SER H 64 11.89 -15.20 46.66
C SER H 64 12.11 -16.38 47.62
N HIS H 65 11.08 -16.71 48.42
CA HIS H 65 11.17 -17.81 49.37
C HIS H 65 11.54 -19.15 48.70
N GLY H 66 12.54 -19.83 49.27
CA GLY H 66 13.07 -21.11 48.78
C GLY H 66 14.23 -21.01 47.82
N GLN H 67 14.53 -19.79 47.29
CA GLN H 67 15.61 -19.53 46.32
C GLN H 67 17.01 -19.48 46.93
N THR H 68 18.06 -19.91 46.18
CA THR H 68 19.46 -19.88 46.66
C THR H 68 20.40 -19.00 45.78
N CYS H 69 21.59 -18.64 46.30
CA CYS H 69 22.60 -17.81 45.63
C CYS H 69 23.41 -18.66 44.67
N THR H 70 23.63 -18.17 43.46
CA THR H 70 24.46 -18.93 42.53
C THR H 70 25.53 -18.05 41.84
N THR H 71 26.67 -18.69 41.53
CA THR H 71 27.79 -18.09 40.84
C THR H 71 28.16 -19.01 39.66
N LEU H 72 28.17 -18.46 38.44
CA LEU H 72 28.59 -19.20 37.24
C LEU H 72 29.90 -18.59 36.78
N ILE H 73 30.95 -19.41 36.76
CA ILE H 73 32.26 -18.96 36.31
C ILE H 73 32.57 -19.69 35.02
N ALA H 74 32.95 -18.92 33.99
CA ALA H 74 33.34 -19.46 32.71
C ALA H 74 34.78 -19.11 32.52
N HIS H 75 35.58 -20.07 32.03
CA HIS H 75 37.01 -19.88 31.84
C HIS H 75 37.57 -20.68 30.66
N GLY H 76 38.01 -19.96 29.64
CA GLY H 76 38.56 -20.53 28.42
C GLY H 76 39.07 -19.46 27.49
N ASN H 77 39.69 -19.84 26.36
CA ASN H 77 40.25 -18.86 25.40
C ASN H 77 39.15 -18.19 24.54
N THR H 78 39.40 -16.93 24.13
CA THR H 78 38.51 -16.11 23.27
C THR H 78 39.36 -15.46 22.15
N GLU H 79 38.82 -14.45 21.43
CA GLU H 79 39.56 -13.74 20.37
C GLU H 79 40.63 -12.84 21.01
N SER H 80 40.28 -12.25 22.17
CA SER H 80 41.16 -11.40 22.98
C SER H 80 41.88 -12.25 24.07
N GLY H 81 42.33 -13.44 23.65
CA GLY H 81 43.06 -14.39 24.48
C GLY H 81 42.22 -15.05 25.57
N LEU H 82 42.89 -15.59 26.61
CA LEU H 82 42.25 -16.27 27.74
C LEU H 82 41.43 -15.31 28.58
N LEU H 83 40.20 -15.75 28.98
CA LEU H 83 39.25 -14.92 29.70
C LEU H 83 38.43 -15.67 30.74
N THR H 84 38.27 -15.06 31.92
CA THR H 84 37.45 -15.57 33.00
C THR H 84 36.30 -14.56 33.21
N THR H 85 35.06 -15.07 33.19
CA THR H 85 33.86 -14.28 33.45
C THR H 85 33.10 -14.82 34.69
N HIS H 86 32.29 -13.97 35.29
CA HIS H 86 31.49 -14.41 36.42
C HIS H 86 30.09 -13.77 36.41
N SER H 87 29.08 -14.58 36.74
CA SER H 87 27.67 -14.16 36.80
C SER H 87 27.05 -14.70 38.07
N THR H 88 26.15 -13.94 38.65
CA THR H 88 25.55 -14.28 39.94
C THR H 88 24.07 -13.91 39.96
N TRP H 89 23.20 -14.75 40.58
CA TRP H 89 21.75 -14.46 40.65
C TRP H 89 21.00 -15.35 41.67
N CYS H 90 19.70 -15.05 41.90
CA CYS H 90 18.82 -15.87 42.74
C CYS H 90 18.24 -16.96 41.84
N THR H 91 18.46 -18.22 42.20
CA THR H 91 17.96 -19.33 41.40
C THR H 91 17.02 -20.20 42.26
N ASP H 92 16.08 -20.92 41.60
CA ASP H 92 15.16 -21.80 42.29
C ASP H 92 15.84 -23.16 42.40
N SER H 93 15.98 -23.87 41.27
CA SER H 93 16.67 -25.14 41.21
C SER H 93 18.16 -24.86 41.15
N CYS H 94 18.90 -25.27 42.19
CA CYS H 94 20.34 -25.05 42.18
C CYS H 94 21.13 -26.33 42.14
N GLN H 95 21.86 -26.53 41.05
CA GLN H 95 22.67 -27.71 40.89
C GLN H 95 24.13 -27.35 40.72
N PRO H 96 24.99 -27.71 41.70
CA PRO H 96 26.42 -27.42 41.56
C PRO H 96 27.02 -28.34 40.51
N ILE H 97 27.69 -27.76 39.51
CA ILE H 97 28.25 -28.50 38.39
C ILE H 97 29.60 -27.92 37.92
N THR H 98 30.37 -28.75 37.22
CA THR H 98 31.65 -28.42 36.62
C THR H 98 31.82 -29.27 35.35
N LYS H 99 31.55 -28.65 34.19
CA LYS H 99 31.63 -29.26 32.85
C LYS H 99 32.51 -28.37 31.96
N THR H 100 33.19 -28.96 30.97
CA THR H 100 34.03 -28.22 30.03
C THR H 100 33.40 -28.20 28.61
N VAL H 101 32.32 -27.39 28.45
CA VAL H 101 31.58 -27.21 27.19
C VAL H 101 32.39 -26.46 26.13
N GLU H 102 32.60 -27.09 24.96
CA GLU H 102 33.35 -26.58 23.81
C GLU H 102 34.65 -25.84 24.22
N GLY H 103 35.47 -26.54 25.01
CA GLY H 103 36.75 -26.06 25.51
C GLY H 103 36.72 -24.80 26.37
N THR H 104 35.72 -24.69 27.26
CA THR H 104 35.53 -23.56 28.19
C THR H 104 34.99 -24.15 29.49
N GLN H 105 35.79 -24.06 30.55
CA GLN H 105 35.44 -24.59 31.87
C GLN H 105 34.28 -23.79 32.47
N VAL H 106 33.12 -24.44 32.68
CA VAL H 106 31.94 -23.82 33.28
C VAL H 106 31.78 -24.39 34.68
N THR H 107 31.81 -23.50 35.68
CA THR H 107 31.68 -23.92 37.10
C THR H 107 30.48 -23.22 37.73
N MET H 108 29.60 -24.00 38.35
CA MET H 108 28.39 -23.52 39.02
C MET H 108 28.43 -23.88 40.49
N THR H 109 28.20 -22.89 41.34
CA THR H 109 28.22 -23.06 42.79
C THR H 109 26.98 -22.48 43.41
N CYS H 110 26.52 -23.09 44.51
CA CYS H 110 25.34 -22.67 45.26
C CYS H 110 25.73 -22.35 46.68
N CYS H 111 25.11 -21.31 47.27
CA CYS H 111 25.26 -20.95 48.69
C CYS H 111 23.98 -20.37 49.22
N GLN H 112 23.75 -20.48 50.54
CA GLN H 112 22.48 -20.08 51.17
C GLN H 112 22.61 -18.93 52.18
N SER H 113 23.80 -18.34 52.28
CA SER H 113 24.08 -17.21 53.15
C SER H 113 23.85 -15.91 52.36
N SER H 114 23.47 -14.79 53.01
CA SER H 114 23.24 -13.58 52.22
C SER H 114 24.57 -12.99 51.76
N LEU H 115 24.59 -12.45 50.54
CA LEU H 115 25.76 -11.85 49.86
C LEU H 115 27.01 -12.76 49.84
N CYS H 116 26.79 -14.09 49.85
CA CYS H 116 27.84 -15.10 49.83
C CYS H 116 28.38 -15.37 48.43
N ASN H 117 27.52 -15.27 47.39
CA ASN H 117 27.87 -15.54 45.97
C ASN H 117 28.88 -14.51 45.42
N VAL H 118 30.14 -14.77 45.77
CA VAL H 118 31.29 -13.98 45.39
C VAL H 118 32.34 -15.00 44.90
N PRO H 119 32.93 -14.82 43.70
CA PRO H 119 33.90 -15.82 43.20
C PRO H 119 35.13 -15.98 44.10
N PRO H 120 35.75 -17.20 44.09
CA PRO H 120 36.89 -17.48 45.00
C PRO H 120 38.02 -16.44 45.06
N TRP H 121 38.41 -15.86 43.90
CA TRP H 121 39.49 -14.86 43.84
C TRP H 121 39.09 -13.48 44.38
N GLN H 122 37.84 -13.32 44.85
CA GLN H 122 37.36 -12.06 45.40
C GLN H 122 37.06 -12.18 46.91
N SER H 123 36.92 -13.43 47.41
CA SER H 123 36.65 -13.76 48.80
C SER H 123 37.96 -13.90 49.59
#